data_3HTF
# 
_entry.id   3HTF 
# 
_audit_conform.dict_name       mmcif_pdbx.dic 
_audit_conform.dict_version    5.378 
_audit_conform.dict_location   http://mmcif.pdb.org/dictionaries/ascii/mmcif_pdbx.dic 
# 
loop_
_database_2.database_id 
_database_2.database_code 
_database_2.pdbx_database_accession 
_database_2.pdbx_DOI 
PDB   3HTF         pdb_00003htf 10.2210/pdb3htf/pdb 
RCSB  RCSB053560   ?            ?                   
WWPDB D_1000053560 ?            ?                   
# 
loop_
_pdbx_database_related.db_name 
_pdbx_database_related.db_id 
_pdbx_database_related.details 
_pdbx_database_related.content_type 
PDB 1LGU . unspecified 
PDB 3HT6 . unspecified 
PDB 3HT7 . unspecified 
PDB 3HT8 . unspecified 
PDB 3HT9 . unspecified 
PDB 3HTB . unspecified 
PDB 3HTD . unspecified 
PDB 3HTG . unspecified 
PDB 3HU8 . unspecified 
PDB 3HU9 . unspecified 
PDB 3HUA . unspecified 
PDB 3HUK . unspecified 
PDB 3HUQ . unspecified 
# 
_pdbx_database_status.entry_id                        3HTF 
_pdbx_database_status.status_code                     REL 
_pdbx_database_status.deposit_site                    RCSB 
_pdbx_database_status.process_site                    RCSB 
_pdbx_database_status.recvd_initial_deposition_date   2009-06-11 
_pdbx_database_status.status_code_sf                  REL 
_pdbx_database_status.status_code_mr                  ? 
_pdbx_database_status.SG_entry                        ? 
_pdbx_database_status.pdb_format_compatible           Y 
_pdbx_database_status.status_code_cs                  ? 
_pdbx_database_status.status_code_nmr_data            ? 
_pdbx_database_status.methods_development_category    ? 
# 
loop_
_audit_author.name 
_audit_author.pdbx_ordinal 
'Boyce, S.E.'    1 
'Mobley, D.L.'   2 
'Rocklin, G.J.'  3 
'Graves, A.P.'   4 
'Dill, K.A.'     5 
'Shoichet, B.K.' 6 
# 
_citation.id                        primary 
_citation.title                     
'Predicting ligand binding affinity with alchemical free energy methods in a polar model binding site.' 
_citation.journal_abbrev            J.Mol.Biol. 
_citation.journal_volume            394 
_citation.page_first                747 
_citation.page_last                 763 
_citation.year                      2009 
_citation.journal_id_ASTM           JMOBAK 
_citation.country                   UK 
_citation.journal_id_ISSN           0022-2836 
_citation.journal_id_CSD            0070 
_citation.book_publisher            ? 
_citation.pdbx_database_id_PubMed   19782087 
_citation.pdbx_database_id_DOI      10.1016/j.jmb.2009.09.049 
# 
loop_
_citation_author.citation_id 
_citation_author.name 
_citation_author.ordinal 
_citation_author.identifier_ORCID 
primary 'Boyce, S.E.'    1 ? 
primary 'Mobley, D.L.'   2 ? 
primary 'Rocklin, G.J.'  3 ? 
primary 'Graves, A.P.'   4 ? 
primary 'Dill, K.A.'     5 ? 
primary 'Shoichet, B.K.' 6 ? 
# 
_cell.length_a           59.960 
_cell.length_b           59.960 
_cell.length_c           96.600 
_cell.angle_alpha        90.000 
_cell.angle_beta         90.000 
_cell.angle_gamma        120.000 
_cell.entry_id           3HTF 
_cell.pdbx_unique_axis   ? 
_cell.Z_PDB              6 
_cell.length_a_esd       ? 
_cell.length_b_esd       ? 
_cell.length_c_esd       ? 
_cell.angle_alpha_esd    ? 
_cell.angle_beta_esd     ? 
_cell.angle_gamma_esd    ? 
# 
_symmetry.space_group_name_H-M             'P 32 2 1' 
_symmetry.entry_id                         3HTF 
_symmetry.Int_Tables_number                154 
_symmetry.pdbx_full_space_group_name_H-M   ? 
_symmetry.cell_setting                     ? 
_symmetry.space_group_name_Hall            ? 
# 
loop_
_entity.id 
_entity.type 
_entity.src_method 
_entity.pdbx_description 
_entity.formula_weight 
_entity.pdbx_number_of_molecules 
_entity.pdbx_ec 
_entity.pdbx_mutation 
_entity.pdbx_fragment 
_entity.details 
1 polymer     man Lysozyme             18646.316 1   3.2.1.17 S38D,L99A,M102Q,N144D ? ? 
2 non-polymer syn 'PHOSPHATE ION'      94.971    1   ?        ?                     ? ? 
3 non-polymer syn 4-chloro-1H-pyrazole 102.522   2   ?        ?                     ? ? 
4 non-polymer syn BETA-MERCAPTOETHANOL 78.133    1   ?        ?                     ? ? 
5 water       nat water                18.015    262 ?        ?                     ? ? 
# 
_entity_name_com.entity_id   1 
_entity_name_com.name        'Lysis protein, Muramidase, Endolysin' 
# 
_entity_poly.entity_id                      1 
_entity_poly.type                           'polypeptide(L)' 
_entity_poly.nstd_linkage                   no 
_entity_poly.nstd_monomer                   no 
_entity_poly.pdbx_seq_one_letter_code       
;MNIFEMLRIDEGLRLKIYKDTEGYYTIGIGHLLTKSPDLNAAKSELDKAIGRNCNGVITKDEAEKLFNQDVDAAVRGILR
NAKLKPVYDSLDAVRRCAAINQVFQMGETGVAGFTNSLRMLQQKRWDEAAVNLAKSRWYNQTPDRAKRVITTFRTGTWDA
YKNL
;
_entity_poly.pdbx_seq_one_letter_code_can   
;MNIFEMLRIDEGLRLKIYKDTEGYYTIGIGHLLTKSPDLNAAKSELDKAIGRNCNGVITKDEAEKLFNQDVDAAVRGILR
NAKLKPVYDSLDAVRRCAAINQVFQMGETGVAGFTNSLRMLQQKRWDEAAVNLAKSRWYNQTPDRAKRVITTFRTGTWDA
YKNL
;
_entity_poly.pdbx_strand_id                 A 
_entity_poly.pdbx_target_identifier         ? 
# 
loop_
_entity_poly_seq.entity_id 
_entity_poly_seq.num 
_entity_poly_seq.mon_id 
_entity_poly_seq.hetero 
1 1   MET n 
1 2   ASN n 
1 3   ILE n 
1 4   PHE n 
1 5   GLU n 
1 6   MET n 
1 7   LEU n 
1 8   ARG n 
1 9   ILE n 
1 10  ASP n 
1 11  GLU n 
1 12  GLY n 
1 13  LEU n 
1 14  ARG n 
1 15  LEU n 
1 16  LYS n 
1 17  ILE n 
1 18  TYR n 
1 19  LYS n 
1 20  ASP n 
1 21  THR n 
1 22  GLU n 
1 23  GLY n 
1 24  TYR n 
1 25  TYR n 
1 26  THR n 
1 27  ILE n 
1 28  GLY n 
1 29  ILE n 
1 30  GLY n 
1 31  HIS n 
1 32  LEU n 
1 33  LEU n 
1 34  THR n 
1 35  LYS n 
1 36  SER n 
1 37  PRO n 
1 38  ASP n 
1 39  LEU n 
1 40  ASN n 
1 41  ALA n 
1 42  ALA n 
1 43  LYS n 
1 44  SER n 
1 45  GLU n 
1 46  LEU n 
1 47  ASP n 
1 48  LYS n 
1 49  ALA n 
1 50  ILE n 
1 51  GLY n 
1 52  ARG n 
1 53  ASN n 
1 54  CYS n 
1 55  ASN n 
1 56  GLY n 
1 57  VAL n 
1 58  ILE n 
1 59  THR n 
1 60  LYS n 
1 61  ASP n 
1 62  GLU n 
1 63  ALA n 
1 64  GLU n 
1 65  LYS n 
1 66  LEU n 
1 67  PHE n 
1 68  ASN n 
1 69  GLN n 
1 70  ASP n 
1 71  VAL n 
1 72  ASP n 
1 73  ALA n 
1 74  ALA n 
1 75  VAL n 
1 76  ARG n 
1 77  GLY n 
1 78  ILE n 
1 79  LEU n 
1 80  ARG n 
1 81  ASN n 
1 82  ALA n 
1 83  LYS n 
1 84  LEU n 
1 85  LYS n 
1 86  PRO n 
1 87  VAL n 
1 88  TYR n 
1 89  ASP n 
1 90  SER n 
1 91  LEU n 
1 92  ASP n 
1 93  ALA n 
1 94  VAL n 
1 95  ARG n 
1 96  ARG n 
1 97  CYS n 
1 98  ALA n 
1 99  ALA n 
1 100 ILE n 
1 101 ASN n 
1 102 GLN n 
1 103 VAL n 
1 104 PHE n 
1 105 GLN n 
1 106 MET n 
1 107 GLY n 
1 108 GLU n 
1 109 THR n 
1 110 GLY n 
1 111 VAL n 
1 112 ALA n 
1 113 GLY n 
1 114 PHE n 
1 115 THR n 
1 116 ASN n 
1 117 SER n 
1 118 LEU n 
1 119 ARG n 
1 120 MET n 
1 121 LEU n 
1 122 GLN n 
1 123 GLN n 
1 124 LYS n 
1 125 ARG n 
1 126 TRP n 
1 127 ASP n 
1 128 GLU n 
1 129 ALA n 
1 130 ALA n 
1 131 VAL n 
1 132 ASN n 
1 133 LEU n 
1 134 ALA n 
1 135 LYS n 
1 136 SER n 
1 137 ARG n 
1 138 TRP n 
1 139 TYR n 
1 140 ASN n 
1 141 GLN n 
1 142 THR n 
1 143 PRO n 
1 144 ASP n 
1 145 ARG n 
1 146 ALA n 
1 147 LYS n 
1 148 ARG n 
1 149 VAL n 
1 150 ILE n 
1 151 THR n 
1 152 THR n 
1 153 PHE n 
1 154 ARG n 
1 155 THR n 
1 156 GLY n 
1 157 THR n 
1 158 TRP n 
1 159 ASP n 
1 160 ALA n 
1 161 TYR n 
1 162 LYS n 
1 163 ASN n 
1 164 LEU n 
# 
_entity_src_gen.entity_id                          1 
_entity_src_gen.pdbx_src_id                        1 
_entity_src_gen.pdbx_alt_source_flag               sample 
_entity_src_gen.pdbx_seq_type                      ? 
_entity_src_gen.pdbx_beg_seq_num                   ? 
_entity_src_gen.pdbx_end_seq_num                   ? 
_entity_src_gen.gene_src_common_name               'Bacteriophage T4' 
_entity_src_gen.gene_src_genus                     ? 
_entity_src_gen.pdbx_gene_src_gene                 E 
_entity_src_gen.gene_src_species                   ? 
_entity_src_gen.gene_src_strain                    'Enterobacteria Phage T4 Sensu Lato' 
_entity_src_gen.gene_src_tissue                    ? 
_entity_src_gen.gene_src_tissue_fraction           ? 
_entity_src_gen.gene_src_details                   ? 
_entity_src_gen.pdbx_gene_src_fragment             ? 
_entity_src_gen.pdbx_gene_src_scientific_name      'Enterobacteria phage T4' 
_entity_src_gen.pdbx_gene_src_ncbi_taxonomy_id     10665 
_entity_src_gen.pdbx_gene_src_variant              ? 
_entity_src_gen.pdbx_gene_src_cell_line            ? 
_entity_src_gen.pdbx_gene_src_atcc                 ? 
_entity_src_gen.pdbx_gene_src_organ                ? 
_entity_src_gen.pdbx_gene_src_organelle            ? 
_entity_src_gen.pdbx_gene_src_cell                 ? 
_entity_src_gen.pdbx_gene_src_cellular_location    ? 
_entity_src_gen.host_org_common_name               ? 
_entity_src_gen.pdbx_host_org_scientific_name      'Escherichia coli' 
_entity_src_gen.pdbx_host_org_ncbi_taxonomy_id     562 
_entity_src_gen.host_org_genus                     ? 
_entity_src_gen.pdbx_host_org_gene                 ? 
_entity_src_gen.pdbx_host_org_organ                ? 
_entity_src_gen.host_org_species                   ? 
_entity_src_gen.pdbx_host_org_tissue               ? 
_entity_src_gen.pdbx_host_org_tissue_fraction      ? 
_entity_src_gen.pdbx_host_org_strain               ? 
_entity_src_gen.pdbx_host_org_variant              ? 
_entity_src_gen.pdbx_host_org_cell_line            ? 
_entity_src_gen.pdbx_host_org_atcc                 ? 
_entity_src_gen.pdbx_host_org_culture_collection   ? 
_entity_src_gen.pdbx_host_org_cell                 ? 
_entity_src_gen.pdbx_host_org_organelle            ? 
_entity_src_gen.pdbx_host_org_cellular_location    ? 
_entity_src_gen.pdbx_host_org_vector_type          plasmid 
_entity_src_gen.pdbx_host_org_vector               ? 
_entity_src_gen.host_org_details                   ? 
_entity_src_gen.expression_system_id               ? 
_entity_src_gen.plasmid_name                       M13 
_entity_src_gen.plasmid_details                    ? 
_entity_src_gen.pdbx_description                   ? 
# 
_struct_ref.id                         1 
_struct_ref.db_name                    UNP 
_struct_ref.db_code                    LYS_BPT4 
_struct_ref.pdbx_db_accession          P00720 
_struct_ref.entity_id                  1 
_struct_ref.pdbx_seq_one_letter_code   
;MNIFEMLRIDEGLRLKIYKDTEGYYTIGIGHLLTKSPSLNAAKSELDKAIGRNCNGVITKDEAEKLFNQDVDAAVRGILR
NAKLKPVYDSLDAVRRCALINMVFQMGETGVAGFTNSLRMLQQKRWDEAAVNLAKSRWYNQTPNRAKRVITTFRTGTWDA
YKNL
;
_struct_ref.pdbx_align_begin           1 
_struct_ref.pdbx_db_isoform            ? 
# 
_struct_ref_seq.align_id                      1 
_struct_ref_seq.ref_id                        1 
_struct_ref_seq.pdbx_PDB_id_code              3HTF 
_struct_ref_seq.pdbx_strand_id                A 
_struct_ref_seq.seq_align_beg                 1 
_struct_ref_seq.pdbx_seq_align_beg_ins_code   ? 
_struct_ref_seq.seq_align_end                 164 
_struct_ref_seq.pdbx_seq_align_end_ins_code   ? 
_struct_ref_seq.pdbx_db_accession             P00720 
_struct_ref_seq.db_align_beg                  1 
_struct_ref_seq.pdbx_db_align_beg_ins_code    ? 
_struct_ref_seq.db_align_end                  164 
_struct_ref_seq.pdbx_db_align_end_ins_code    ? 
_struct_ref_seq.pdbx_auth_seq_align_beg       1 
_struct_ref_seq.pdbx_auth_seq_align_end       164 
# 
loop_
_struct_ref_seq_dif.align_id 
_struct_ref_seq_dif.pdbx_pdb_id_code 
_struct_ref_seq_dif.mon_id 
_struct_ref_seq_dif.pdbx_pdb_strand_id 
_struct_ref_seq_dif.seq_num 
_struct_ref_seq_dif.pdbx_pdb_ins_code 
_struct_ref_seq_dif.pdbx_seq_db_name 
_struct_ref_seq_dif.pdbx_seq_db_accession_code 
_struct_ref_seq_dif.db_mon_id 
_struct_ref_seq_dif.pdbx_seq_db_seq_num 
_struct_ref_seq_dif.details 
_struct_ref_seq_dif.pdbx_auth_seq_num 
_struct_ref_seq_dif.pdbx_ordinal 
1 3HTF ASP A 38  ? UNP P00720 SER 38  'engineered mutation' 38  1 
1 3HTF ALA A 99  ? UNP P00720 LEU 99  'engineered mutation' 99  2 
1 3HTF GLN A 102 ? UNP P00720 MET 102 'engineered mutation' 102 3 
1 3HTF ASP A 144 ? UNP P00720 ASN 144 'engineered mutation' 144 4 
# 
loop_
_chem_comp.id 
_chem_comp.type 
_chem_comp.mon_nstd_flag 
_chem_comp.name 
_chem_comp.pdbx_synonyms 
_chem_comp.formula 
_chem_comp.formula_weight 
ALA 'L-peptide linking' y ALANINE              ? 'C3 H7 N O2'     89.093  
ARG 'L-peptide linking' y ARGININE             ? 'C6 H15 N4 O2 1' 175.209 
ASN 'L-peptide linking' y ASPARAGINE           ? 'C4 H8 N2 O3'    132.118 
ASP 'L-peptide linking' y 'ASPARTIC ACID'      ? 'C4 H7 N O4'     133.103 
BME non-polymer         . BETA-MERCAPTOETHANOL ? 'C2 H6 O S'      78.133  
CYS 'L-peptide linking' y CYSTEINE             ? 'C3 H7 N O2 S'   121.158 
GLN 'L-peptide linking' y GLUTAMINE            ? 'C5 H10 N2 O3'   146.144 
GLU 'L-peptide linking' y 'GLUTAMIC ACID'      ? 'C5 H9 N O4'     147.129 
GLY 'peptide linking'   y GLYCINE              ? 'C2 H5 N O2'     75.067  
HIS 'L-peptide linking' y HISTIDINE            ? 'C6 H10 N3 O2 1' 156.162 
HOH non-polymer         . WATER                ? 'H2 O'           18.015  
ILE 'L-peptide linking' y ISOLEUCINE           ? 'C6 H13 N O2'    131.173 
JZ6 non-polymer         . 4-chloro-1H-pyrazole ? 'C3 H3 Cl N2'    102.522 
LEU 'L-peptide linking' y LEUCINE              ? 'C6 H13 N O2'    131.173 
LYS 'L-peptide linking' y LYSINE               ? 'C6 H15 N2 O2 1' 147.195 
MET 'L-peptide linking' y METHIONINE           ? 'C5 H11 N O2 S'  149.211 
PHE 'L-peptide linking' y PHENYLALANINE        ? 'C9 H11 N O2'    165.189 
PO4 non-polymer         . 'PHOSPHATE ION'      ? 'O4 P -3'        94.971  
PRO 'L-peptide linking' y PROLINE              ? 'C5 H9 N O2'     115.130 
SER 'L-peptide linking' y SERINE               ? 'C3 H7 N O3'     105.093 
THR 'L-peptide linking' y THREONINE            ? 'C4 H9 N O3'     119.119 
TRP 'L-peptide linking' y TRYPTOPHAN           ? 'C11 H12 N2 O2'  204.225 
TYR 'L-peptide linking' y TYROSINE             ? 'C9 H11 N O3'    181.189 
VAL 'L-peptide linking' y VALINE               ? 'C5 H11 N O2'    117.146 
# 
_exptl.crystals_number   1 
_exptl.entry_id          3HTF 
_exptl.method            'X-RAY DIFFRACTION' 
# 
_exptl_crystal.id                    1 
_exptl_crystal.density_Matthews      2.69 
_exptl_crystal.density_meas          ? 
_exptl_crystal.density_percent_sol   54.25 
_exptl_crystal.description           ? 
_exptl_crystal.F_000                 ? 
_exptl_crystal.preparation           ? 
# 
_exptl_crystal_grow.crystal_id      1 
_exptl_crystal_grow.method          'VAPOR DIFFUSION, HANGING DROP' 
_exptl_crystal_grow.pH              6.5 
_exptl_crystal_grow.temp            277 
_exptl_crystal_grow.pdbx_details    
;2.2M sodium-potassium phosphate, 0.05M beta-mercaptoethanol, 0.05M 2-hydroxyethyldisulfide, pH 6.5, vapor diffusion, hanging drop, temperature 277K
;
_exptl_crystal_grow.temp_details    ? 
_exptl_crystal_grow.pdbx_pH_range   ? 
# 
_diffrn.id                     1 
_diffrn.ambient_temp           296 
_diffrn.ambient_temp_details   ? 
_diffrn.crystal_id             1 
# 
_diffrn_detector.diffrn_id              1 
_diffrn_detector.detector               CCD 
_diffrn_detector.type                   'ADSC QUANTUM 315r' 
_diffrn_detector.pdbx_collection_date   2007-09-08 
_diffrn_detector.details                ? 
# 
_diffrn_radiation.diffrn_id                        1 
_diffrn_radiation.pdbx_diffrn_protocol             'SINGLE WAVELENGTH' 
_diffrn_radiation.monochromator                    ? 
_diffrn_radiation.wavelength_id                    1 
_diffrn_radiation.pdbx_monochromatic_or_laue_m_l   M 
_diffrn_radiation.pdbx_scattering_type             x-ray 
# 
_diffrn_radiation_wavelength.id           1 
_diffrn_radiation_wavelength.wavelength   1.11589 
_diffrn_radiation_wavelength.wt           1.0 
# 
_diffrn_source.diffrn_id                   1 
_diffrn_source.source                      SYNCHROTRON 
_diffrn_source.type                        'ALS BEAMLINE 8.3.1' 
_diffrn_source.pdbx_wavelength             ? 
_diffrn_source.pdbx_wavelength_list        1.11589 
_diffrn_source.pdbx_synchrotron_site       ALS 
_diffrn_source.pdbx_synchrotron_beamline   8.3.1 
# 
_reflns.entry_id                     3HTF 
_reflns.d_resolution_high            1.850 
_reflns.number_obs                   17665 
_reflns.pdbx_Rmerge_I_obs            0.098 
_reflns.percent_possible_obs         99.600 
_reflns.B_iso_Wilson_estimate        19.745 
_reflns.observed_criterion_sigma_I   0 
_reflns.observed_criterion_sigma_F   0 
_reflns.d_resolution_low             30 
_reflns.number_all                   17665 
_reflns.pdbx_Rsym_value              ? 
_reflns.pdbx_netI_over_sigmaI        16.01 
_reflns.pdbx_redundancy              8.76 
_reflns.R_free_details               ? 
_reflns.limit_h_max                  ? 
_reflns.limit_h_min                  ? 
_reflns.limit_k_max                  ? 
_reflns.limit_k_min                  ? 
_reflns.limit_l_max                  ? 
_reflns.limit_l_min                  ? 
_reflns.observed_criterion_F_max     ? 
_reflns.observed_criterion_F_min     ? 
_reflns.pdbx_chi_squared             ? 
_reflns.pdbx_scaling_rejects         ? 
_reflns.pdbx_diffrn_id               1 
_reflns.pdbx_ordinal                 1 
# 
_reflns_shell.d_res_high             1.85 
_reflns_shell.d_res_low              1.95 
_reflns_shell.number_measured_obs    22804 
_reflns_shell.number_measured_all    ? 
_reflns_shell.number_unique_obs      2532 
_reflns_shell.Rmerge_I_obs           0.301 
_reflns_shell.meanI_over_sigI_obs    8.9 
_reflns_shell.pdbx_Rsym_value        ? 
_reflns_shell.pdbx_chi_squared       ? 
_reflns_shell.pdbx_redundancy        9.01 
_reflns_shell.percent_possible_obs   ? 
_reflns_shell.number_unique_all      2532 
_reflns_shell.percent_possible_all   99.20 
_reflns_shell.pdbx_diffrn_id         ? 
_reflns_shell.pdbx_ordinal           1 
# 
_refine.entry_id                                 3HTF 
_refine.ls_d_res_high                            1.850 
_refine.ls_d_res_low                             29.970 
_refine.pdbx_ls_sigma_F                          0.00 
_refine.pdbx_data_cutoff_high_absF               ? 
_refine.pdbx_data_cutoff_low_absF                ? 
_refine.ls_percent_reflns_obs                    100.000 
_refine.ls_number_reflns_obs                     17664 
_refine.ls_number_reflns_all                     17664 
_refine.pdbx_ls_cross_valid_method               THROUGHOUT 
_refine.pdbx_R_Free_selection_details            RANDOM 
_refine.details                                  'HYDROGENS HAVE BEEN ADDED IN THE RIDING POSITIONS' 
_refine.ls_R_factor_all                          0.164 
_refine.ls_R_factor_obs                          0.164 
_refine.ls_R_factor_R_work                       0.163 
_refine.ls_wR_factor_R_work                      ? 
_refine.ls_R_factor_R_free                       0.208 
_refine.ls_wR_factor_R_free                      ? 
_refine.ls_percent_reflns_R_free                 2.000 
_refine.ls_number_reflns_R_free                  354 
_refine.ls_R_factor_R_free_error                 ? 
_refine.B_iso_mean                               14.106 
_refine.solvent_model_param_bsol                 ? 
_refine.solvent_model_param_ksol                 ? 
_refine.pdbx_isotropic_thermal_model             ? 
_refine.aniso_B[1][1]                            -0.340 
_refine.aniso_B[2][2]                            -0.340 
_refine.aniso_B[3][3]                            0.510 
_refine.aniso_B[1][2]                            -0.170 
_refine.aniso_B[1][3]                            0.000 
_refine.aniso_B[2][3]                            0.000 
_refine.correlation_coeff_Fo_to_Fc               0.951 
_refine.correlation_coeff_Fo_to_Fc_free          0.938 
_refine.overall_SU_R_Cruickshank_DPI             ? 
_refine.overall_SU_R_free                        ? 
_refine.pdbx_overall_ESU_R                       0.117 
_refine.pdbx_overall_ESU_R_Free                  0.118 
_refine.overall_SU_ML                            0.074 
_refine.overall_SU_B                             2.372 
_refine.solvent_model_details                    MASK 
_refine.pdbx_solvent_vdw_probe_radii             1.200 
_refine.pdbx_solvent_ion_probe_radii             0.800 
_refine.pdbx_solvent_shrinkage_radii             0.800 
_refine.ls_number_parameters                     ? 
_refine.ls_number_restraints                     ? 
_refine.pdbx_starting_model                      'PDB ENTRY 1LGU' 
_refine.pdbx_method_to_determine_struct          REFMAC 
_refine.pdbx_stereochemistry_target_values       'MAXIMUM LIKELIHOOD' 
_refine.pdbx_stereochem_target_val_spec_case     ? 
_refine.overall_FOM_work_R_set                   ? 
_refine.B_iso_max                                47.48 
_refine.B_iso_min                                6.32 
_refine.occupancy_max                            1.00 
_refine.occupancy_min                            0.25 
_refine.pdbx_ls_sigma_I                          ? 
_refine.ls_redundancy_reflns_obs                 ? 
_refine.ls_R_factor_R_free_error_details         ? 
_refine.pdbx_data_cutoff_high_rms_absF           ? 
_refine.overall_FOM_free_R_set                   ? 
_refine.pdbx_overall_phase_error                 ? 
_refine.pdbx_refine_id                           'X-RAY DIFFRACTION' 
_refine.pdbx_diffrn_id                           1 
_refine.pdbx_TLS_residual_ADP_flag               ? 
_refine.pdbx_overall_SU_R_free_Cruickshank_DPI   ? 
_refine.pdbx_overall_SU_R_Blow_DPI               ? 
_refine.pdbx_overall_SU_R_free_Blow_DPI          ? 
# 
_refine_hist.pdbx_refine_id                   'X-RAY DIFFRACTION' 
_refine_hist.cycle_id                         LAST 
_refine_hist.pdbx_number_atoms_protein        1332 
_refine_hist.pdbx_number_atoms_nucleic_acid   0 
_refine_hist.pdbx_number_atoms_ligand         21 
_refine_hist.number_atoms_solvent             262 
_refine_hist.number_atoms_total               1615 
_refine_hist.d_res_high                       1.850 
_refine_hist.d_res_low                        29.970 
# 
loop_
_refine_ls_restr.type 
_refine_ls_restr.number 
_refine_ls_restr.dev_ideal 
_refine_ls_restr.dev_ideal_target 
_refine_ls_restr.weight 
_refine_ls_restr.pdbx_refine_id 
_refine_ls_restr.pdbx_restraint_function 
r_bond_refined_d         1377 0.011  0.022  ? 'X-RAY DIFFRACTION' ? 
r_angle_refined_deg      1858 1.273  1.962  ? 'X-RAY DIFFRACTION' ? 
r_dihedral_angle_1_deg   173  5.211  5.000  ? 'X-RAY DIFFRACTION' ? 
r_dihedral_angle_2_deg   69   31.549 22.899 ? 'X-RAY DIFFRACTION' ? 
r_dihedral_angle_3_deg   257  12.434 15.000 ? 'X-RAY DIFFRACTION' ? 
r_dihedral_angle_4_deg   17   10.907 15.000 ? 'X-RAY DIFFRACTION' ? 
r_chiral_restr           201  0.076  0.200  ? 'X-RAY DIFFRACTION' ? 
r_gen_planes_refined     1044 0.006  0.020  ? 'X-RAY DIFFRACTION' ? 
r_nbd_refined            736  0.201  0.200  ? 'X-RAY DIFFRACTION' ? 
r_nbtor_refined          953  0.309  0.200  ? 'X-RAY DIFFRACTION' ? 
r_xyhbond_nbd_refined    235  0.185  0.200  ? 'X-RAY DIFFRACTION' ? 
r_symmetry_vdw_refined   50   0.147  0.200  ? 'X-RAY DIFFRACTION' ? 
r_symmetry_hbond_refined 28   0.199  0.200  ? 'X-RAY DIFFRACTION' ? 
r_mcbond_it              839  0.618  1.500  ? 'X-RAY DIFFRACTION' ? 
r_mcangle_it             1319 1.013  2.000  ? 'X-RAY DIFFRACTION' ? 
r_scbond_it              604  1.966  3.000  ? 'X-RAY DIFFRACTION' ? 
r_scangle_it             533  2.833  4.500  ? 'X-RAY DIFFRACTION' ? 
# 
_refine_ls_shell.d_res_high                       1.850 
_refine_ls_shell.d_res_low                        1.898 
_refine_ls_shell.pdbx_total_number_of_bins_used   20 
_refine_ls_shell.percent_reflns_obs               100.000 
_refine_ls_shell.number_reflns_R_work             1258 
_refine_ls_shell.R_factor_all                     ? 
_refine_ls_shell.R_factor_R_work                  0.178 
_refine_ls_shell.R_factor_R_free                  0.225 
_refine_ls_shell.percent_reflns_R_free            ? 
_refine_ls_shell.number_reflns_R_free             26 
_refine_ls_shell.R_factor_R_free_error            ? 
_refine_ls_shell.number_reflns_all                1284 
_refine_ls_shell.number_reflns_obs                ? 
_refine_ls_shell.redundancy_reflns_obs            ? 
_refine_ls_shell.pdbx_refine_id                   'X-RAY DIFFRACTION' 
# 
_struct.entry_id                  3HTF 
_struct.title                     '4-chloro-1h-pyrazole in complex with T4 lysozyme L99A/M102Q' 
_struct.pdbx_model_details        ? 
_struct.pdbx_CASP_flag            ? 
_struct.pdbx_model_type_details   ? 
# 
_struct_keywords.entry_id        3HTF 
_struct_keywords.text            'HYDROLASE, GLYCOSIDASE, BACTERIOLYTIC ENZYME, Antimicrobial' 
_struct_keywords.pdbx_keywords   HYDROLASE 
# 
loop_
_struct_asym.id 
_struct_asym.pdbx_blank_PDB_chainid_flag 
_struct_asym.pdbx_modified 
_struct_asym.entity_id 
_struct_asym.details 
A N N 1 ? 
B N N 2 ? 
C N N 3 ? 
D N N 3 ? 
E N N 4 ? 
F N N 5 ? 
# 
_struct_biol.id        1 
_struct_biol.details   ? 
# 
loop_
_struct_conf.conf_type_id 
_struct_conf.id 
_struct_conf.pdbx_PDB_helix_id 
_struct_conf.beg_label_comp_id 
_struct_conf.beg_label_asym_id 
_struct_conf.beg_label_seq_id 
_struct_conf.pdbx_beg_PDB_ins_code 
_struct_conf.end_label_comp_id 
_struct_conf.end_label_asym_id 
_struct_conf.end_label_seq_id 
_struct_conf.pdbx_end_PDB_ins_code 
_struct_conf.beg_auth_comp_id 
_struct_conf.beg_auth_asym_id 
_struct_conf.beg_auth_seq_id 
_struct_conf.end_auth_comp_id 
_struct_conf.end_auth_asym_id 
_struct_conf.end_auth_seq_id 
_struct_conf.pdbx_PDB_helix_class 
_struct_conf.details 
_struct_conf.pdbx_PDB_helix_length 
HELX_P HELX_P1  1  ASN A 2   ? GLY A 12  ? ASN A 2   GLY A 12  1 ? 11 
HELX_P HELX_P2  2  ASP A 38  ? GLY A 51  ? ASP A 38  GLY A 51  1 ? 14 
HELX_P HELX_P3  3  THR A 59  ? ASN A 81  ? THR A 59  ASN A 81  1 ? 23 
HELX_P HELX_P4  4  LYS A 83  ? LEU A 91  ? LYS A 83  LEU A 91  1 ? 9  
HELX_P HELX_P5  5  ASP A 92  ? GLY A 107 ? ASP A 92  GLY A 107 1 ? 16 
HELX_P HELX_P6  6  GLY A 110 ? GLY A 113 ? GLY A 110 GLY A 113 5 ? 4  
HELX_P HELX_P7  7  PHE A 114 ? GLN A 123 ? PHE A 114 GLN A 123 1 ? 10 
HELX_P HELX_P8  8  ARG A 125 ? LYS A 135 ? ARG A 125 LYS A 135 1 ? 11 
HELX_P HELX_P9  9  SER A 136 ? THR A 142 ? SER A 136 THR A 142 1 ? 7  
HELX_P HELX_P10 10 THR A 142 ? GLY A 156 ? THR A 142 GLY A 156 1 ? 15 
HELX_P HELX_P11 11 TRP A 158 ? LYS A 162 ? TRP A 158 LYS A 162 5 ? 5  
# 
_struct_conf_type.id          HELX_P 
_struct_conf_type.criteria    ? 
_struct_conf_type.reference   ? 
# 
_struct_sheet.id               A 
_struct_sheet.type             ? 
_struct_sheet.number_strands   3 
_struct_sheet.details          ? 
# 
loop_
_struct_sheet_order.sheet_id 
_struct_sheet_order.range_id_1 
_struct_sheet_order.range_id_2 
_struct_sheet_order.offset 
_struct_sheet_order.sense 
A 1 2 ? anti-parallel 
A 2 3 ? anti-parallel 
# 
loop_
_struct_sheet_range.sheet_id 
_struct_sheet_range.id 
_struct_sheet_range.beg_label_comp_id 
_struct_sheet_range.beg_label_asym_id 
_struct_sheet_range.beg_label_seq_id 
_struct_sheet_range.pdbx_beg_PDB_ins_code 
_struct_sheet_range.end_label_comp_id 
_struct_sheet_range.end_label_asym_id 
_struct_sheet_range.end_label_seq_id 
_struct_sheet_range.pdbx_end_PDB_ins_code 
_struct_sheet_range.beg_auth_comp_id 
_struct_sheet_range.beg_auth_asym_id 
_struct_sheet_range.beg_auth_seq_id 
_struct_sheet_range.end_auth_comp_id 
_struct_sheet_range.end_auth_asym_id 
_struct_sheet_range.end_auth_seq_id 
A 1 ARG A 14 ? LYS A 19 ? ARG A 14 LYS A 19 
A 2 TYR A 25 ? GLY A 28 ? TYR A 25 GLY A 28 
A 3 HIS A 31 ? LEU A 32 ? HIS A 31 LEU A 32 
# 
loop_
_pdbx_struct_sheet_hbond.sheet_id 
_pdbx_struct_sheet_hbond.range_id_1 
_pdbx_struct_sheet_hbond.range_id_2 
_pdbx_struct_sheet_hbond.range_1_label_atom_id 
_pdbx_struct_sheet_hbond.range_1_label_comp_id 
_pdbx_struct_sheet_hbond.range_1_label_asym_id 
_pdbx_struct_sheet_hbond.range_1_label_seq_id 
_pdbx_struct_sheet_hbond.range_1_PDB_ins_code 
_pdbx_struct_sheet_hbond.range_1_auth_atom_id 
_pdbx_struct_sheet_hbond.range_1_auth_comp_id 
_pdbx_struct_sheet_hbond.range_1_auth_asym_id 
_pdbx_struct_sheet_hbond.range_1_auth_seq_id 
_pdbx_struct_sheet_hbond.range_2_label_atom_id 
_pdbx_struct_sheet_hbond.range_2_label_comp_id 
_pdbx_struct_sheet_hbond.range_2_label_asym_id 
_pdbx_struct_sheet_hbond.range_2_label_seq_id 
_pdbx_struct_sheet_hbond.range_2_PDB_ins_code 
_pdbx_struct_sheet_hbond.range_2_auth_atom_id 
_pdbx_struct_sheet_hbond.range_2_auth_comp_id 
_pdbx_struct_sheet_hbond.range_2_auth_asym_id 
_pdbx_struct_sheet_hbond.range_2_auth_seq_id 
A 1 2 N TYR A 18 ? N TYR A 18 O THR A 26 ? O THR A 26 
A 2 3 N ILE A 27 ? N ILE A 27 O HIS A 31 ? O HIS A 31 
# 
loop_
_struct_site.id 
_struct_site.pdbx_evidence_code 
_struct_site.pdbx_auth_asym_id 
_struct_site.pdbx_auth_comp_id 
_struct_site.pdbx_auth_seq_id 
_struct_site.pdbx_auth_ins_code 
_struct_site.pdbx_num_residues 
_struct_site.details 
AC1 Software A PO4 165 ? 9 'BINDING SITE FOR RESIDUE PO4 A 165' 
AC2 Software A JZ6 166 ? 5 'BINDING SITE FOR RESIDUE JZ6 A 166' 
AC3 Software A JZ6 167 ? 7 'BINDING SITE FOR RESIDUE JZ6 A 167' 
AC4 Software A BME 168 ? 1 'BINDING SITE FOR RESIDUE BME A 168' 
# 
loop_
_struct_site_gen.id 
_struct_site_gen.site_id 
_struct_site_gen.pdbx_num_res 
_struct_site_gen.label_comp_id 
_struct_site_gen.label_asym_id 
_struct_site_gen.label_seq_id 
_struct_site_gen.pdbx_auth_ins_code 
_struct_site_gen.auth_comp_id 
_struct_site_gen.auth_asym_id 
_struct_site_gen.auth_seq_id 
_struct_site_gen.label_atom_id 
_struct_site_gen.label_alt_id 
_struct_site_gen.symmetry 
_struct_site_gen.details 
1  AC1 9 ARG A 14  ? ARG A 14  . ? 4_655 ? 
2  AC1 9 LYS A 19  ? LYS A 19  . ? 4_655 ? 
3  AC1 9 ARG A 125 ? ARG A 125 . ? 1_555 ? 
4  AC1 9 TRP A 126 ? TRP A 126 . ? 1_555 ? 
5  AC1 9 ASP A 127 ? ASP A 127 . ? 1_555 ? 
6  AC1 9 GLU A 128 ? GLU A 128 . ? 1_555 ? 
7  AC1 9 HOH F .   ? HOH A 339 . ? 1_555 ? 
8  AC1 9 HOH F .   ? HOH A 389 . ? 1_555 ? 
9  AC1 9 HOH F .   ? HOH A 430 . ? 1_555 ? 
10 AC2 5 GLN A 102 ? GLN A 102 . ? 1_555 ? 
11 AC2 5 GLY A 107 ? GLY A 107 . ? 1_555 ? 
12 AC2 5 PHE A 114 ? PHE A 114 . ? 1_555 ? 
13 AC2 5 JZ6 D .   ? JZ6 A 167 . ? 1_555 ? 
14 AC2 5 HOH F .   ? HOH A 325 . ? 1_555 ? 
15 AC3 7 LEU A 84  ? LEU A 84  . ? 1_555 ? 
16 AC3 7 TYR A 88  ? TYR A 88  . ? 1_555 ? 
17 AC3 7 ALA A 99  ? ALA A 99  . ? 1_555 ? 
18 AC3 7 GLN A 102 ? GLN A 102 . ? 1_555 ? 
19 AC3 7 VAL A 103 ? VAL A 103 . ? 1_555 ? 
20 AC3 7 LEU A 118 ? LEU A 118 . ? 1_555 ? 
21 AC3 7 JZ6 C .   ? JZ6 A 166 . ? 1_555 ? 
22 AC4 1 HOH F .   ? HOH A 273 . ? 1_555 ? 
# 
_atom_sites.entry_id                    3HTF 
_atom_sites.fract_transf_matrix[1][1]   -0.00831900 
_atom_sites.fract_transf_matrix[1][2]   -0.01541553 
_atom_sites.fract_transf_matrix[1][3]   -0.00800182 
_atom_sites.fract_transf_matrix[2][1]   0.00914928 
_atom_sites.fract_transf_matrix[2][2]   -0.00978498 
_atom_sites.fract_transf_matrix[2][3]   -0.01383530 
_atom_sites.fract_transf_matrix[3][1]   0.00435052 
_atom_sites.fract_transf_matrix[3][2]   -0.00606925 
_atom_sites.fract_transf_matrix[3][3]   0.00716946 
_atom_sites.fract_transf_vector[1]      0.324108 
_atom_sites.fract_transf_vector[2]      -0.217293 
_atom_sites.fract_transf_vector[3]      0.098947 
# 
loop_
_atom_type.symbol 
C  
CL 
N  
O  
P  
S  
# 
loop_
_atom_site.group_PDB 
_atom_site.id 
_atom_site.type_symbol 
_atom_site.label_atom_id 
_atom_site.label_alt_id 
_atom_site.label_comp_id 
_atom_site.label_asym_id 
_atom_site.label_entity_id 
_atom_site.label_seq_id 
_atom_site.pdbx_PDB_ins_code 
_atom_site.Cartn_x 
_atom_site.Cartn_y 
_atom_site.Cartn_z 
_atom_site.occupancy 
_atom_site.B_iso_or_equiv 
_atom_site.pdbx_formal_charge 
_atom_site.auth_seq_id 
_atom_site.auth_comp_id 
_atom_site.auth_asym_id 
_atom_site.auth_atom_id 
_atom_site.pdbx_PDB_model_num 
ATOM   1    N  N    . MET A 1 1   ? 13.955  -0.919  -10.122 1.00 14.53 ? 1   MET A N    1 
ATOM   2    C  CA   . MET A 1 1   ? 12.775  -0.693  -9.255  1.00 14.25 ? 1   MET A CA   1 
ATOM   3    C  C    . MET A 1 1   ? 11.998  -1.993  -9.069  1.00 13.55 ? 1   MET A C    1 
ATOM   4    O  O    . MET A 1 1   ? 11.925  -2.821  -9.960  1.00 13.66 ? 1   MET A O    1 
ATOM   5    C  CB   . MET A 1 1   ? 11.921  0.437   -9.847  1.00 14.78 ? 1   MET A CB   1 
ATOM   6    C  CG   . MET A 1 1   ? 10.734  0.898   -9.003  1.00 17.08 ? 1   MET A CG   1 
ATOM   7    S  SD   . MET A 1 1   ? 11.196  1.668   -7.444  1.00 18.71 ? 1   MET A SD   1 
ATOM   8    C  CE   . MET A 1 1   ? 12.483  2.758   -8.016  1.00 13.46 ? 1   MET A CE   1 
ATOM   9    N  N    . ASN A 1 2   ? 11.449  -2.174  -7.876  1.00 12.36 ? 2   ASN A N    1 
ATOM   10   C  CA   . ASN A 1 2   ? 10.626  -3.324  -7.558  1.00 11.08 ? 2   ASN A CA   1 
ATOM   11   C  C    . ASN A 1 2   ? 9.660   -2.876  -6.468  1.00 10.04 ? 2   ASN A C    1 
ATOM   12   O  O    . ASN A 1 2   ? 9.758   -1.747  -5.967  1.00 9.63  ? 2   ASN A O    1 
ATOM   13   C  CB   . ASN A 1 2   ? 11.490  -4.514  -7.102  1.00 11.41 ? 2   ASN A CB   1 
ATOM   14   C  CG   . ASN A 1 2   ? 12.343  -4.189  -5.893  1.00 13.01 ? 2   ASN A CG   1 
ATOM   15   O  OD1  . ASN A 1 2   ? 11.839  -3.697  -4.876  1.00 10.13 ? 2   ASN A OD1  1 
ATOM   16   N  ND2  . ASN A 1 2   ? 13.647  -4.484  -5.990  1.00 12.23 ? 2   ASN A ND2  1 
ATOM   17   N  N    . ILE A 1 3   ? 8.736   -3.744  -6.093  1.00 9.51  ? 3   ILE A N    1 
ATOM   18   C  CA   . ILE A 1 3   ? 7.702   -3.357  -5.142  1.00 9.06  ? 3   ILE A CA   1 
ATOM   19   C  C    . ILE A 1 3   ? 8.249   -2.845  -3.798  1.00 9.50  ? 3   ILE A C    1 
ATOM   20   O  O    . ILE A 1 3   ? 7.666   -1.940  -3.177  1.00 9.44  ? 3   ILE A O    1 
ATOM   21   C  CB   . ILE A 1 3   ? 6.647   -4.486  -4.944  1.00 9.10  ? 3   ILE A CB   1 
ATOM   22   C  CG1  . ILE A 1 3   ? 5.500   -3.998  -4.038  1.00 8.60  ? 3   ILE A CG1  1 
ATOM   23   C  CG2  . ILE A 1 3   ? 7.287   -5.759  -4.381  1.00 9.74  ? 3   ILE A CG2  1 
ATOM   24   C  CD1  . ILE A 1 3   ? 4.760   -2.695  -4.558  1.00 9.15  ? 3   ILE A CD1  1 
ATOM   25   N  N    . PHE A 1 4   ? 9.353   -3.425  -3.348  1.00 9.21  ? 4   PHE A N    1 
ATOM   26   C  CA   . PHE A 1 4   ? 9.958   -2.999  -2.104  1.00 9.25  ? 4   PHE A CA   1 
ATOM   27   C  C    . PHE A 1 4   ? 10.513  -1.589  -2.188  1.00 9.30  ? 4   PHE A C    1 
ATOM   28   O  O    . PHE A 1 4   ? 10.271  -0.755  -1.319  1.00 8.89  ? 4   PHE A O    1 
ATOM   29   C  CB   . PHE A 1 4   ? 11.037  -3.994  -1.668  1.00 9.37  ? 4   PHE A CB   1 
ATOM   30   C  CG   . PHE A 1 4   ? 10.474  -5.294  -1.195  1.00 10.38 ? 4   PHE A CG   1 
ATOM   31   C  CD1  . PHE A 1 4   ? 10.176  -6.300  -2.104  1.00 11.95 ? 4   PHE A CD1  1 
ATOM   32   C  CD2  . PHE A 1 4   ? 10.185  -5.495  0.153   1.00 12.27 ? 4   PHE A CD2  1 
ATOM   33   C  CE1  . PHE A 1 4   ? 9.605   -7.499  -1.685  1.00 12.94 ? 4   PHE A CE1  1 
ATOM   34   C  CE2  . PHE A 1 4   ? 9.632   -6.679  0.587   1.00 14.37 ? 4   PHE A CE2  1 
ATOM   35   C  CZ   . PHE A 1 4   ? 9.342   -7.697  -0.344  1.00 12.95 ? 4   PHE A CZ   1 
ATOM   36   N  N    . GLU A 1 5   ? 11.298  -1.331  -3.225  1.00 9.08  ? 5   GLU A N    1 
ATOM   37   C  CA   . GLU A 1 5   ? 11.885  -0.007  -3.409  1.00 9.48  ? 5   GLU A CA   1 
ATOM   38   C  C    . GLU A 1 5   ? 10.788  1.029   -3.613  1.00 9.60  ? 5   GLU A C    1 
ATOM   39   O  O    . GLU A 1 5   ? 10.900  2.162   -3.155  1.00 9.16  ? 5   GLU A O    1 
ATOM   40   C  CB   . GLU A 1 5   ? 12.805  -0.023  -4.617  1.00 9.93  ? 5   GLU A CB   1 
ATOM   41   C  CG   . GLU A 1 5   ? 13.978  -0.964  -4.437  1.00 11.01 ? 5   GLU A CG   1 
ATOM   42   C  CD   . GLU A 1 5   ? 14.948  -0.930  -5.601  1.00 16.60 ? 5   GLU A CD   1 
ATOM   43   O  OE1  . GLU A 1 5   ? 14.657  -0.272  -6.613  1.00 19.46 ? 5   GLU A OE1  1 
ATOM   44   O  OE2  . GLU A 1 5   ? 16.021  -1.540  -5.487  1.00 17.16 ? 5   GLU A OE2  1 
ATOM   45   N  N    . MET A 1 6   ? 9.727   0.614   -4.306  1.00 9.55  ? 6   MET A N    1 
ATOM   46   C  CA   . MET A 1 6   ? 8.593   1.489   -4.629  1.00 9.34  ? 6   MET A CA   1 
ATOM   47   C  C    . MET A 1 6   ? 7.840   1.871   -3.372  1.00 9.66  ? 6   MET A C    1 
ATOM   48   O  O    . MET A 1 6   ? 7.567   3.057   -3.127  1.00 9.91  ? 6   MET A O    1 
ATOM   49   C  CB   . MET A 1 6   ? 7.640   0.760   -5.573  1.00 9.47  ? 6   MET A CB   1 
ATOM   50   C  CG   . MET A 1 6   ? 6.428   1.586   -6.004  1.00 7.96  ? 6   MET A CG   1 
ATOM   51   S  SD   . MET A 1 6   ? 5.134   0.480   -6.560  1.00 8.51  ? 6   MET A SD   1 
ATOM   52   C  CE   . MET A 1 6   ? 4.155   1.562   -7.601  1.00 7.16  ? 6   MET A CE   1 
ATOM   53   N  N    . LEU A 1 7   ? 7.502   0.878   -2.553  1.00 9.71  ? 7   LEU A N    1 
ATOM   54   C  CA   . LEU A 1 7   ? 6.801   1.187   -1.310  1.00 9.41  ? 7   LEU A CA   1 
ATOM   55   C  C    . LEU A 1 7   ? 7.683   1.894   -0.295  1.00 9.58  ? 7   LEU A C    1 
ATOM   56   O  O    . LEU A 1 7   ? 7.187   2.704   0.492   1.00 10.32 ? 7   LEU A O    1 
ATOM   57   C  CB   . LEU A 1 7   ? 6.155   -0.055  -0.708  1.00 9.61  ? 7   LEU A CB   1 
ATOM   58   C  CG   . LEU A 1 7   ? 4.772   -0.352  -1.288  1.00 9.31  ? 7   LEU A CG   1 
ATOM   59   C  CD1  . LEU A 1 7   ? 4.385   -1.771  -0.997  1.00 9.61  ? 7   LEU A CD1  1 
ATOM   60   C  CD2  . LEU A 1 7   ? 3.694   0.641   -0.782  1.00 9.92  ? 7   LEU A CD2  1 
ATOM   61   N  N    . ARG A 1 8   ? 8.985   1.604   -0.320  1.00 9.08  ? 8   ARG A N    1 
ATOM   62   C  CA   . ARG A 1 8   ? 9.937   2.319   0.541   1.00 9.56  ? 8   ARG A CA   1 
ATOM   63   C  C    . ARG A 1 8   ? 9.949   3.816   0.221   1.00 9.71  ? 8   ARG A C    1 
ATOM   64   O  O    . ARG A 1 8   ? 9.954   4.639   1.123   1.00 10.33 ? 8   ARG A O    1 
ATOM   65   C  CB   . ARG A 1 8   ? 11.342  1.745   0.392   1.00 9.29  ? 8   ARG A CB   1 
ATOM   66   C  CG   . ARG A 1 8   ? 12.436  2.567   1.072   1.00 8.92  ? 8   ARG A CG   1 
ATOM   67   C  CD   . ARG A 1 8   ? 12.295  2.628   2.601   1.00 13.85 ? 8   ARG A CD   1 
ATOM   68   N  NE   . ARG A 1 8   ? 13.372  3.452   3.167   1.00 14.67 ? 8   ARG A NE   1 
ATOM   69   C  CZ   . ARG A 1 8   ? 13.389  4.785   3.132   1.00 17.68 ? 8   ARG A CZ   1 
ATOM   70   N  NH1  . ARG A 1 8   ? 12.399  5.461   2.557   1.00 17.22 ? 8   ARG A NH1  1 
ATOM   71   N  NH2  . ARG A 1 8   ? 14.418  5.450   3.647   1.00 18.34 ? 8   ARG A NH2  1 
ATOM   72   N  N    . ILE A 1 9   ? 9.935   4.159   -1.063  1.00 9.17  ? 9   ILE A N    1 
ATOM   73   C  CA   . ILE A 1 9   ? 9.778   5.559   -1.480  1.00 9.30  ? 9   ILE A CA   1 
ATOM   74   C  C    . ILE A 1 9   ? 8.449   6.165   -0.977  1.00 9.34  ? 9   ILE A C    1 
ATOM   75   O  O    . ILE A 1 9   ? 8.427   7.258   -0.393  1.00 8.38  ? 9   ILE A O    1 
ATOM   76   C  CB   . ILE A 1 9   ? 9.902   5.674   -3.004  1.00 9.22  ? 9   ILE A CB   1 
ATOM   77   C  CG1  . ILE A 1 9   ? 11.369  5.499   -3.427  1.00 9.35  ? 9   ILE A CG1  1 
ATOM   78   C  CG2  . ILE A 1 9   ? 9.315   7.006   -3.524  1.00 10.19 ? 9   ILE A CG2  1 
ATOM   79   C  CD1  . ILE A 1 9   ? 11.544  5.223   -4.902  1.00 12.01 ? 9   ILE A CD1  1 
ATOM   80   N  N    . ASP A 1 10  ? 7.348   5.452   -1.186  1.00 8.97  ? 10  ASP A N    1 
ATOM   81   C  CA   . ASP A 1 10  ? 6.024   5.994   -0.881  1.00 10.19 ? 10  ASP A CA   1 
ATOM   82   C  C    . ASP A 1 10  ? 5.702   6.078   0.602   1.00 10.31 ? 10  ASP A C    1 
ATOM   83   O  O    . ASP A 1 10  ? 4.919   6.940   1.015   1.00 10.54 ? 10  ASP A O    1 
ATOM   84   C  CB   . ASP A 1 10  ? 4.928   5.209   -1.597  1.00 9.76  ? 10  ASP A CB   1 
ATOM   85   C  CG   . ASP A 1 10  ? 4.895   5.492   -3.100  1.00 10.42 ? 10  ASP A CG   1 
ATOM   86   O  OD1  . ASP A 1 10  ? 5.408   6.546   -3.523  1.00 11.06 ? 10  ASP A OD1  1 
ATOM   87   O  OD2  . ASP A 1 10  ? 4.342   4.656   -3.858  1.00 11.95 ? 10  ASP A OD2  1 
ATOM   88   N  N    . GLU A 1 11  ? 6.301   5.193   1.393   1.00 10.05 ? 11  GLU A N    1 
ATOM   89   C  CA   . GLU A 1 11  ? 5.942   5.056   2.794   1.00 10.09 ? 11  GLU A CA   1 
ATOM   90   C  C    . GLU A 1 11  ? 7.021   5.627   3.696   1.00 10.56 ? 11  GLU A C    1 
ATOM   91   O  O    . GLU A 1 11  ? 6.736   5.974   4.832   1.00 11.15 ? 11  GLU A O    1 
ATOM   92   C  CB   . GLU A 1 11  ? 5.684   3.589   3.156   1.00 9.54  ? 11  GLU A CB   1 
ATOM   93   C  CG   . GLU A 1 11  ? 4.481   2.935   2.506   1.00 9.87  ? 11  GLU A CG   1 
ATOM   94   C  CD   . GLU A 1 11  ? 3.149   3.535   2.932   1.00 13.95 ? 11  GLU A CD   1 
ATOM   95   O  OE1  . GLU A 1 11  ? 3.097   4.398   3.853   1.00 14.30 ? 11  GLU A OE1  1 
ATOM   96   O  OE2  . GLU A 1 11  ? 2.135   3.165   2.326   1.00 12.37 ? 11  GLU A OE2  1 
ATOM   97   N  N    . GLY A 1 12  ? 8.259   5.710   3.196   1.00 9.99  ? 12  GLY A N    1 
ATOM   98   C  CA   . GLY A 1 12  ? 9.380   6.197   4.007   1.00 10.29 ? 12  GLY A CA   1 
ATOM   99   C  C    . GLY A 1 12  ? 9.817   5.133   4.997   1.00 10.80 ? 12  GLY A C    1 
ATOM   100  O  O    . GLY A 1 12  ? 9.323   4.006   4.973   1.00 10.94 ? 12  GLY A O    1 
ATOM   101  N  N    . LEU A 1 13  ? 10.755  5.487   5.863   1.00 10.17 ? 13  LEU A N    1 
ATOM   102  C  CA   . LEU A 1 13  ? 11.164  4.593   6.928   1.00 10.56 ? 13  LEU A CA   1 
ATOM   103  C  C    . LEU A 1 13  ? 11.334  5.438   8.184   1.00 10.33 ? 13  LEU A C    1 
ATOM   104  O  O    . LEU A 1 13  ? 12.161  6.351   8.221   1.00 9.32  ? 13  LEU A O    1 
ATOM   105  C  CB   . LEU A 1 13  ? 12.464  3.868   6.555   1.00 10.73 ? 13  LEU A CB   1 
ATOM   106  C  CG   . LEU A 1 13  ? 13.215  3.101   7.651   1.00 12.07 ? 13  LEU A CG   1 
ATOM   107  C  CD1  . LEU A 1 13  ? 12.340  1.992   8.253   1.00 13.15 ? 13  LEU A CD1  1 
ATOM   108  C  CD2  . LEU A 1 13  ? 14.545  2.550   7.097   1.00 12.78 ? 13  LEU A CD2  1 
ATOM   109  N  N    . ARG A 1 14  ? 10.509  5.170   9.190   1.00 10.05 ? 14  ARG A N    1 
ATOM   110  C  CA   . ARG A 1 14  ? 10.688  5.803   10.492  1.00 10.54 ? 14  ARG A CA   1 
ATOM   111  C  C    . ARG A 1 14  ? 10.723  4.756   11.589  1.00 10.32 ? 14  ARG A C    1 
ATOM   112  O  O    . ARG A 1 14  ? 9.867   3.871   11.632  1.00 10.61 ? 14  ARG A O    1 
ATOM   113  C  CB   . ARG A 1 14  ? 9.586   6.842   10.752  1.00 10.40 ? 14  ARG A CB   1 
ATOM   114  C  CG   . ARG A 1 14  ? 9.438   7.863   9.580   1.00 10.80 ? 14  ARG A CG   1 
ATOM   115  C  CD   . ARG A 1 14  ? 8.406   8.944   9.886   1.00 11.79 ? 14  ARG A CD   1 
ATOM   116  N  NE   . ARG A 1 14  ? 8.903   9.869   10.892  1.00 15.45 ? 14  ARG A NE   1 
ATOM   117  C  CZ   . ARG A 1 14  ? 8.204   10.879  11.407  1.00 16.74 ? 14  ARG A CZ   1 
ATOM   118  N  NH1  . ARG A 1 14  ? 6.956   11.115  11.012  1.00 14.69 ? 14  ARG A NH1  1 
ATOM   119  N  NH2  . ARG A 1 14  ? 8.761   11.653  12.316  1.00 17.85 ? 14  ARG A NH2  1 
ATOM   120  N  N    . LEU A 1 15  ? 11.702  4.870   12.486  1.00 10.56 ? 15  LEU A N    1 
ATOM   121  C  CA   . LEU A 1 15  ? 11.909  3.842   13.488  1.00 11.39 ? 15  LEU A CA   1 
ATOM   122  C  C    . LEU A 1 15  ? 11.188  4.090   14.795  1.00 11.33 ? 15  LEU A C    1 
ATOM   123  O  O    . LEU A 1 15  ? 11.152  3.210   15.644  1.00 12.38 ? 15  LEU A O    1 
ATOM   124  C  CB   . LEU A 1 15  ? 13.396  3.614   13.730  1.00 11.62 ? 15  LEU A CB   1 
ATOM   125  C  CG   . LEU A 1 15  ? 14.204  3.257   12.483  1.00 13.87 ? 15  LEU A CG   1 
ATOM   126  C  CD1  . LEU A 1 15  ? 15.672  3.092   12.844  1.00 16.24 ? 15  LEU A CD1  1 
ATOM   127  C  CD2  . LEU A 1 15  ? 13.651  2.005   11.807  1.00 13.51 ? 15  LEU A CD2  1 
ATOM   128  N  N    . LYS A 1 16  ? 10.608  5.274   14.949  1.00 10.87 ? 16  LYS A N    1 
ATOM   129  C  CA   . LYS A 1 16  ? 9.779   5.582   16.118  1.00 11.36 ? 16  LYS A CA   1 
ATOM   130  C  C    . LYS A 1 16  ? 8.319   5.658   15.712  1.00 11.09 ? 16  LYS A C    1 
ATOM   131  O  O    . LYS A 1 16  ? 7.994   6.096   14.598  1.00 11.00 ? 16  LYS A O    1 
ATOM   132  C  CB   . LYS A 1 16  ? 10.186  6.926   16.719  1.00 11.29 ? 16  LYS A CB   1 
ATOM   133  C  CG   . LYS A 1 16  ? 11.575  6.908   17.345  1.00 13.56 ? 16  LYS A CG   1 
ATOM   134  C  CD   . LYS A 1 16  ? 12.029  8.312   17.715  0.50 14.22 ? 16  LYS A CD   1 
ATOM   135  C  CE   . LYS A 1 16  ? 13.549  8.374   17.772  0.50 15.93 ? 16  LYS A CE   1 
ATOM   136  N  NZ   . LYS A 1 16  ? 14.041  9.748   18.110  0.50 17.52 ? 16  LYS A NZ   1 
ATOM   137  N  N    . ILE A 1 17  ? 7.423   5.280   16.611  1.00 10.63 ? 17  ILE A N    1 
ATOM   138  C  CA   . ILE A 1 17  ? 6.000   5.404   16.302  1.00 10.43 ? 17  ILE A CA   1 
ATOM   139  C  C    . ILE A 1 17  ? 5.700   6.828   15.800  1.00 11.60 ? 17  ILE A C    1 
ATOM   140  O  O    . ILE A 1 17  ? 6.128   7.810   16.419  1.00 11.23 ? 17  ILE A O    1 
ATOM   141  C  CB   . ILE A 1 17  ? 5.137   5.065   17.533  1.00 10.51 ? 17  ILE A CB   1 
ATOM   142  C  CG1  . ILE A 1 17  ? 5.292   3.577   17.908  1.00 11.13 ? 17  ILE A CG1  1 
ATOM   143  C  CG2  . ILE A 1 17  ? 3.671   5.442   17.300  1.00 10.43 ? 17  ILE A CG2  1 
ATOM   144  C  CD1  . ILE A 1 17  ? 4.504   3.155   19.173  1.00 10.73 ? 17  ILE A CD1  1 
ATOM   145  N  N    . TYR A 1 18  ? 4.998   6.926   14.670  1.00 10.78 ? 18  TYR A N    1 
ATOM   146  C  CA   . TYR A 1 18  ? 4.546   8.211   14.103  1.00 11.46 ? 18  TYR A CA   1 
ATOM   147  C  C    . TYR A 1 18  ? 3.090   8.039   13.682  1.00 10.90 ? 18  TYR A C    1 
ATOM   148  O  O    . TYR A 1 18  ? 2.587   6.919   13.672  1.00 10.78 ? 18  TYR A O    1 
ATOM   149  C  CB   . TYR A 1 18  ? 5.400   8.620   12.880  1.00 11.87 ? 18  TYR A CB   1 
ATOM   150  C  CG   . TYR A 1 18  ? 5.321   7.677   11.682  1.00 12.88 ? 18  TYR A CG   1 
ATOM   151  C  CD1  . TYR A 1 18  ? 4.480   7.955   10.584  1.00 13.93 ? 18  TYR A CD1  1 
ATOM   152  C  CD2  . TYR A 1 18  ? 6.122   6.532   11.616  1.00 12.61 ? 18  TYR A CD2  1 
ATOM   153  C  CE1  . TYR A 1 18  ? 4.412   7.057   9.461   1.00 14.66 ? 18  TYR A CE1  1 
ATOM   154  C  CE2  . TYR A 1 18  ? 6.075   5.663   10.509  1.00 12.21 ? 18  TYR A CE2  1 
ATOM   155  C  CZ   . TYR A 1 18  ? 5.229   5.946   9.434   1.00 13.79 ? 18  TYR A CZ   1 
ATOM   156  O  OH   . TYR A 1 18  ? 5.198   5.071   8.358   1.00 13.54 ? 18  TYR A OH   1 
ATOM   157  N  N    . LYS A 1 19  ? 2.429   9.133   13.320  1.00 10.08 ? 19  LYS A N    1 
ATOM   158  C  CA   . LYS A 1 19  ? 1.084   9.062   12.785  1.00 10.36 ? 19  LYS A CA   1 
ATOM   159  C  C    . LYS A 1 19  ? 1.150   9.135   11.258  1.00 10.27 ? 19  LYS A C    1 
ATOM   160  O  O    . LYS A 1 19  ? 1.892   9.957   10.701  1.00 9.87  ? 19  LYS A O    1 
ATOM   161  C  CB   . LYS A 1 19  ? 0.234   10.202  13.357  1.00 11.28 ? 19  LYS A CB   1 
ATOM   162  C  CG   . LYS A 1 19  ? -0.022  10.042  14.837  1.00 10.75 ? 19  LYS A CG   1 
ATOM   163  C  CD   . LYS A 1 19  ? -0.973  11.126  15.317  1.00 12.70 ? 19  LYS A CD   1 
ATOM   164  C  CE   . LYS A 1 19  ? -1.234  11.055  16.800  1.00 14.27 ? 19  LYS A CE   1 
ATOM   165  N  NZ   . LYS A 1 19  ? -2.190  12.169  17.103  1.00 15.25 ? 19  LYS A NZ   1 
ATOM   166  N  N    . ASP A 1 20  ? 0.417   8.247   10.580  1.00 9.88  ? 20  ASP A N    1 
ATOM   167  C  CA   . ASP A 1 20  ? 0.396   8.240   9.123   1.00 10.02 ? 20  ASP A CA   1 
ATOM   168  C  C    . ASP A 1 20  ? -0.434  9.434   8.622   1.00 10.46 ? 20  ASP A C    1 
ATOM   169  O  O    . ASP A 1 20  ? -0.866  10.287  9.424   1.00 10.50 ? 20  ASP A O    1 
ATOM   170  C  CB   . ASP A 1 20  ? -0.104  6.895   8.567   1.00 9.51  ? 20  ASP A CB   1 
ATOM   171  C  CG   . ASP A 1 20  ? -1.561  6.620   8.865   1.00 11.59 ? 20  ASP A CG   1 
ATOM   172  O  OD1  . ASP A 1 20  ? -2.287  7.531   9.313   1.00 9.98  ? 20  ASP A OD1  1 
ATOM   173  O  OD2  . ASP A 1 20  ? -2.015  5.467   8.607   1.00 13.08 ? 20  ASP A OD2  1 
ATOM   174  N  N    . THR A 1 21  ? -0.658  9.482   7.314   1.00 10.97 ? 21  THR A N    1 
ATOM   175  C  CA   . THR A 1 21  ? -1.357  10.599  6.682   1.00 11.05 ? 21  THR A CA   1 
ATOM   176  C  C    . THR A 1 21  ? -2.766  10.730  7.214   1.00 11.65 ? 21  THR A C    1 
ATOM   177  O  O    . THR A 1 21  ? -3.364  11.812  7.147   1.00 11.35 ? 21  THR A O    1 
ATOM   178  C  CB   . THR A 1 21  ? -1.402  10.436  5.149   1.00 11.60 ? 21  THR A CB   1 
ATOM   179  O  OG1  . THR A 1 21  ? -2.179  9.280   4.816   1.00 10.90 ? 21  THR A OG1  1 
ATOM   180  C  CG2  . THR A 1 21  ? 0.021   10.243  4.570   1.00 12.54 ? 21  THR A CG2  1 
ATOM   181  N  N    . GLU A 1 22  ? -3.298  9.632   7.752   1.00 11.89 ? 22  GLU A N    1 
ATOM   182  C  CA   . GLU A 1 22  ? -4.658  9.601   8.274   1.00 12.56 ? 22  GLU A CA   1 
ATOM   183  C  C    . GLU A 1 22  ? -4.718  9.846   9.781   1.00 12.70 ? 22  GLU A C    1 
ATOM   184  O  O    . GLU A 1 22  ? -5.814  9.829   10.367  1.00 12.52 ? 22  GLU A O    1 
ATOM   185  C  CB   . GLU A 1 22  ? -5.342  8.267   7.943   1.00 12.98 ? 22  GLU A CB   1 
ATOM   186  C  CG   . GLU A 1 22  ? -5.526  7.998   6.472   1.00 15.63 ? 22  GLU A CG   1 
ATOM   187  C  CD   . GLU A 1 22  ? -6.505  8.951   5.833   1.00 19.96 ? 22  GLU A CD   1 
ATOM   188  O  OE1  . GLU A 1 22  ? -7.392  9.497   6.530   1.00 25.70 ? 22  GLU A OE1  1 
ATOM   189  O  OE2  . GLU A 1 22  ? -6.389  9.184   4.627   1.00 22.73 ? 22  GLU A OE2  1 
ATOM   190  N  N    . GLY A 1 23  ? -3.558  10.067  10.401  1.00 12.25 ? 23  GLY A N    1 
ATOM   191  C  CA   . GLY A 1 23  ? -3.483  10.337  11.844  1.00 12.06 ? 23  GLY A CA   1 
ATOM   192  C  C    . GLY A 1 23  ? -3.329  9.087   12.702  1.00 12.25 ? 23  GLY A C    1 
ATOM   193  O  O    . GLY A 1 23  ? -3.476  9.149   13.924  1.00 11.07 ? 23  GLY A O    1 
ATOM   194  N  N    . TYR A 1 24  ? -3.031  7.954   12.068  1.00 12.01 ? 24  TYR A N    1 
ATOM   195  C  CA   . TYR A 1 24  ? -2.989  6.670   12.784  1.00 12.84 ? 24  TYR A CA   1 
ATOM   196  C  C    . TYR A 1 24  ? -1.590  6.218   13.104  1.00 11.46 ? 24  TYR A C    1 
ATOM   197  O  O    . TYR A 1 24  ? -0.716  6.279   12.244  1.00 11.59 ? 24  TYR A O    1 
ATOM   198  C  CB   . TYR A 1 24  ? -3.614  5.550   11.965  1.00 14.22 ? 24  TYR A CB   1 
ATOM   199  C  CG   . TYR A 1 24  ? -5.043  5.737   11.572  1.00 16.98 ? 24  TYR A CG   1 
ATOM   200  C  CD1  . TYR A 1 24  ? -5.448  5.426   10.283  1.00 18.09 ? 24  TYR A CD1  1 
ATOM   201  C  CD2  . TYR A 1 24  ? -5.994  6.221   12.477  1.00 18.76 ? 24  TYR A CD2  1 
ATOM   202  C  CE1  . TYR A 1 24  ? -6.751  5.580   9.891   1.00 19.19 ? 24  TYR A CE1  1 
ATOM   203  C  CE2  . TYR A 1 24  ? -7.326  6.401   12.079  1.00 20.33 ? 24  TYR A CE2  1 
ATOM   204  C  CZ   . TYR A 1 24  ? -7.685  6.066   10.777  1.00 19.89 ? 24  TYR A CZ   1 
ATOM   205  O  OH   . TYR A 1 24  ? -8.993  6.188   10.335  1.00 21.15 ? 24  TYR A OH   1 
ATOM   206  N  N    . TYR A 1 25  ? -1.411  5.690   14.315  1.00 10.52 ? 25  TYR A N    1 
ATOM   207  C  CA   . TYR A 1 25  ? -0.098  5.267   14.769  1.00 10.19 ? 25  TYR A CA   1 
ATOM   208  C  C    . TYR A 1 25  ? 0.444   4.165   13.888  1.00 9.54  ? 25  TYR A C    1 
ATOM   209  O  O    . TYR A 1 25  ? -0.254  3.179   13.583  1.00 9.24  ? 25  TYR A O    1 
ATOM   210  C  CB   . TYR A 1 25  ? -0.141  4.802   16.223  1.00 10.32 ? 25  TYR A CB   1 
ATOM   211  C  CG   . TYR A 1 25  ? -0.444  5.922   17.171  1.00 11.46 ? 25  TYR A CG   1 
ATOM   212  C  CD1  . TYR A 1 25  ? -1.598  5.904   17.953  1.00 12.82 ? 25  TYR A CD1  1 
ATOM   213  C  CD2  . TYR A 1 25  ? 0.418   7.018   17.279  1.00 13.57 ? 25  TYR A CD2  1 
ATOM   214  C  CE1  . TYR A 1 25  ? -1.875  6.960   18.851  1.00 14.06 ? 25  TYR A CE1  1 
ATOM   215  C  CE2  . TYR A 1 25  ? 0.148   8.055   18.161  1.00 13.31 ? 25  TYR A CE2  1 
ATOM   216  C  CZ   . TYR A 1 25  ? -0.994  8.017   18.934  1.00 13.60 ? 25  TYR A CZ   1 
ATOM   217  O  OH   . TYR A 1 25  ? -1.225  9.068   19.803  1.00 16.64 ? 25  TYR A OH   1 
ATOM   218  N  N    . THR A 1 26  ? 1.690   4.365   13.497  1.00 9.14  ? 26  THR A N    1 
ATOM   219  C  CA   . THR A 1 26  ? 2.346   3.592   12.451  1.00 9.15  ? 26  THR A CA   1 
ATOM   220  C  C    . THR A 1 26  ? 3.817   3.523   12.827  1.00 9.16  ? 26  THR A C    1 
ATOM   221  O  O    . THR A 1 26  ? 4.307   4.323   13.628  1.00 9.32  ? 26  THR A O    1 
ATOM   222  C  CB   . THR A 1 26  ? 2.103   4.297   11.071  1.00 9.31  ? 26  THR A CB   1 
ATOM   223  O  OG1  . THR A 1 26  ? 0.687   4.359   10.824  1.00 8.60  ? 26  THR A OG1  1 
ATOM   224  C  CG2  . THR A 1 26  ? 2.798   3.579   9.893   1.00 9.20  ? 26  THR A CG2  1 
ATOM   225  N  N    . ILE A 1 27  ? 4.548   2.559   12.283  1.00 8.78  ? 27  ILE A N    1 
ATOM   226  C  CA   . ILE A 1 27  ? 5.994   2.532   12.492  1.00 9.07  ? 27  ILE A CA   1 
ATOM   227  C  C    . ILE A 1 27  ? 6.646   1.913   11.271  1.00 8.50  ? 27  ILE A C    1 
ATOM   228  O  O    . ILE A 1 27  ? 5.979   1.258   10.473  1.00 8.17  ? 27  ILE A O    1 
ATOM   229  C  CB   . ILE A 1 27  ? 6.380   1.741   13.794  1.00 8.56  ? 27  ILE A CB   1 
ATOM   230  C  CG1  . ILE A 1 27  ? 7.790   2.122   14.278  1.00 8.72  ? 27  ILE A CG1  1 
ATOM   231  C  CG2  . ILE A 1 27  ? 6.207   0.247   13.603  1.00 9.68  ? 27  ILE A CG2  1 
ATOM   232  C  CD1  . ILE A 1 27  ? 8.034   1.819   15.786  1.00 9.25  ? 27  ILE A CD1  1 
ATOM   233  N  N    . GLY A 1 28  ? 7.942   2.129   11.115  1.00 8.77  ? 28  GLY A N    1 
ATOM   234  C  CA   . GLY A 1 28  ? 8.707   1.391   10.105  1.00 9.62  ? 28  GLY A CA   1 
ATOM   235  C  C    . GLY A 1 28  ? 8.430   1.919   8.715   1.00 10.15 ? 28  GLY A C    1 
ATOM   236  O  O    . GLY A 1 28  ? 8.445   3.137   8.478   1.00 10.61 ? 28  GLY A O    1 
ATOM   237  N  N    . ILE A 1 29  ? 8.149   0.989   7.804   1.00 10.43 ? 29  ILE A N    1 
ATOM   238  C  CA   . ILE A 1 29  ? 7.777   1.330   6.427   1.00 10.28 ? 29  ILE A CA   1 
ATOM   239  C  C    . ILE A 1 29  ? 6.253   1.206   6.262   1.00 9.70  ? 29  ILE A C    1 
ATOM   240  O  O    . ILE A 1 29  ? 5.747   0.237   5.697   1.00 10.06 ? 29  ILE A O    1 
ATOM   241  C  CB   . ILE A 1 29  ? 8.575   0.472   5.419   1.00 10.45 ? 29  ILE A CB   1 
ATOM   242  C  CG1  . ILE A 1 29  ? 10.077  0.604   5.681   1.00 10.54 ? 29  ILE A CG1  1 
ATOM   243  C  CG2  . ILE A 1 29  ? 8.280   0.926   3.971   1.00 11.37 ? 29  ILE A CG2  1 
ATOM   244  C  CD1  . ILE A 1 29  ? 10.953  -0.542  5.097   1.00 11.67 ? 29  ILE A CD1  1 
ATOM   245  N  N    . GLY A 1 30  ? 5.515   2.165   6.830   1.00 9.22  ? 30  GLY A N    1 
ATOM   246  C  CA   . GLY A 1 30  ? 4.057   2.160   6.750   1.00 9.30  ? 30  GLY A CA   1 
ATOM   247  C  C    . GLY A 1 30  ? 3.375   0.972   7.401   1.00 9.22  ? 30  GLY A C    1 
ATOM   248  O  O    . GLY A 1 30  ? 2.352   0.462   6.905   1.00 9.74  ? 30  GLY A O    1 
ATOM   249  N  N    . HIS A 1 31  ? 3.928   0.513   8.515   1.00 9.06  ? 31  HIS A N    1 
ATOM   250  C  CA   . HIS A 1 31  ? 3.265   -0.558  9.233   1.00 9.20  ? 31  HIS A CA   1 
ATOM   251  C  C    . HIS A 1 31  ? 2.253   0.052   10.192  1.00 9.33  ? 31  HIS A C    1 
ATOM   252  O  O    . HIS A 1 31  ? 2.638   0.599   11.241  1.00 9.26  ? 31  HIS A O    1 
ATOM   253  C  CB   . HIS A 1 31  ? 4.227   -1.425  10.028  1.00 8.41  ? 31  HIS A CB   1 
ATOM   254  C  CG   . HIS A 1 31  ? 3.514   -2.518  10.755  1.00 10.18 ? 31  HIS A CG   1 
ATOM   255  N  ND1  . HIS A 1 31  ? 3.137   -3.688  10.136  1.00 10.58 ? 31  HIS A ND1  1 
ATOM   256  C  CD2  . HIS A 1 31  ? 3.000   -2.569  12.009  1.00 10.34 ? 31  HIS A CD2  1 
ATOM   257  C  CE1  . HIS A 1 31  ? 2.468   -4.441  10.996  1.00 12.19 ? 31  HIS A CE1  1 
ATOM   258  N  NE2  . HIS A 1 31  ? 2.361   -3.779  12.135  1.00 10.66 ? 31  HIS A NE2  1 
ATOM   259  N  N    . LEU A 1 32  ? 0.979   -0.054  9.840   1.00 9.85  ? 32  LEU A N    1 
ATOM   260  C  CA   . LEU A 1 32  ? -0.094  0.508   10.662  1.00 10.85 ? 32  LEU A CA   1 
ATOM   261  C  C    . LEU A 1 32  ? -0.163  -0.293  11.961  1.00 10.68 ? 32  LEU A C    1 
ATOM   262  O  O    . LEU A 1 32  ? -0.193  -1.525  11.940  1.00 10.17 ? 32  LEU A O    1 
ATOM   263  C  CB   . LEU A 1 32  ? -1.425  0.445   9.909   1.00 11.65 ? 32  LEU A CB   1 
ATOM   264  C  CG   . LEU A 1 32  ? -2.679  0.871   10.675  1.00 12.89 ? 32  LEU A CG   1 
ATOM   265  C  CD1  . LEU A 1 32  ? -2.598  2.346   10.940  1.00 13.40 ? 32  LEU A CD1  1 
ATOM   266  C  CD2  . LEU A 1 32  ? -3.958  0.530   9.861   1.00 12.95 ? 32  LEU A CD2  1 
ATOM   267  N  N    . LEU A 1 33  ? -0.148  0.391   13.092  1.00 10.78 ? 33  LEU A N    1 
ATOM   268  C  CA   . LEU A 1 33  ? -0.199  -0.333  14.373  1.00 11.21 ? 33  LEU A CA   1 
ATOM   269  C  C    . LEU A 1 33  ? -1.629  -0.455  14.850  1.00 12.38 ? 33  LEU A C    1 
ATOM   270  O  O    . LEU A 1 33  ? -2.054  -1.511  15.293  1.00 12.79 ? 33  LEU A O    1 
ATOM   271  C  CB   . LEU A 1 33  ? 0.661   0.366   15.422  1.00 10.62 ? 33  LEU A CB   1 
ATOM   272  C  CG   . LEU A 1 33  ? 2.173   0.267   15.159  1.00 10.10 ? 33  LEU A CG   1 
ATOM   273  C  CD1  . LEU A 1 33  ? 2.895   1.293   16.029  1.00 9.90  ? 33  LEU A CD1  1 
ATOM   274  C  CD2  . LEU A 1 33  ? 2.687   -1.167  15.436  1.00 9.08  ? 33  LEU A CD2  1 
ATOM   275  N  N    . THR A 1 34  ? -2.378  0.639   14.749  1.00 13.92 ? 34  THR A N    1 
ATOM   276  C  CA   . THR A 1 34  ? -3.753  0.665   15.232  1.00 14.68 ? 34  THR A CA   1 
ATOM   277  C  C    . THR A 1 34  ? -4.424  1.947   14.769  1.00 16.07 ? 34  THR A C    1 
ATOM   278  O  O    . THR A 1 34  ? -3.745  2.935   14.490  1.00 15.88 ? 34  THR A O    1 
ATOM   279  C  CB   . THR A 1 34  ? -3.828  0.640   16.770  1.00 15.35 ? 34  THR A CB   1 
ATOM   280  O  OG1  . THR A 1 34  ? -5.206  0.656   17.170  1.00 14.18 ? 34  THR A OG1  1 
ATOM   281  C  CG2  . THR A 1 34  ? -3.097  1.843   17.395  1.00 13.54 ? 34  THR A CG2  1 
ATOM   282  N  N    . LYS A 1 35  ? -5.756  1.922   14.707  1.00 17.28 ? 35  LYS A N    1 
ATOM   283  C  CA   . LYS A 1 35  ? -6.532  3.136   14.443  1.00 18.75 ? 35  LYS A CA   1 
ATOM   284  C  C    . LYS A 1 35  ? -6.949  3.839   15.731  1.00 19.39 ? 35  LYS A C    1 
ATOM   285  O  O    . LYS A 1 35  ? -7.493  4.947   15.697  1.00 19.14 ? 35  LYS A O    1 
ATOM   286  C  CB   . LYS A 1 35  ? -7.726  2.826   13.533  1.00 19.35 ? 35  LYS A CB   1 
ATOM   287  C  CG   . LYS A 1 35  ? -7.293  2.438   12.131  1.00 19.87 ? 35  LYS A CG   1 
ATOM   288  C  CD   . LYS A 1 35  ? -8.458  2.425   11.153  1.00 24.21 ? 35  LYS A CD   1 
ATOM   289  C  CE   . LYS A 1 35  ? -7.979  1.953   9.796   1.00 26.37 ? 35  LYS A CE   1 
ATOM   290  N  NZ   . LYS A 1 35  ? -9.107  1.842   8.819   1.00 28.54 ? 35  LYS A NZ   1 
ATOM   291  N  N    . SER A 1 36  ? -6.654  3.203   16.865  1.00 19.64 ? 36  SER A N    1 
ATOM   292  C  CA   . SER A 1 36  ? -6.877  3.804   18.186  1.00 20.38 ? 36  SER A CA   1 
ATOM   293  C  C    . SER A 1 36  ? -6.067  5.083   18.411  1.00 20.20 ? 36  SER A C    1 
ATOM   294  O  O    . SER A 1 36  ? -4.871  5.131   18.108  1.00 19.45 ? 36  SER A O    1 
ATOM   295  C  CB   . SER A 1 36  ? -6.565  2.793   19.296  1.00 20.69 ? 36  SER A CB   1 
ATOM   296  O  OG   . SER A 1 36  ? -6.464  3.447   20.550  1.00 21.11 ? 36  SER A OG   1 
ATOM   297  N  N    . PRO A 1 37  ? -6.725  6.138   18.932  1.00 20.72 ? 37  PRO A N    1 
ATOM   298  C  CA   . PRO A 1 37  ? -6.044  7.378   19.305  1.00 20.70 ? 37  PRO A CA   1 
ATOM   299  C  C    . PRO A 1 37  ? -5.152  7.229   20.544  1.00 20.43 ? 37  PRO A C    1 
ATOM   300  O  O    . PRO A 1 37  ? -4.483  8.172   20.945  1.00 20.46 ? 37  PRO A O    1 
ATOM   301  C  CB   . PRO A 1 37  ? -7.211  8.331   19.602  1.00 21.66 ? 37  PRO A CB   1 
ATOM   302  C  CG   . PRO A 1 37  ? -8.324  7.419   20.052  1.00 21.27 ? 37  PRO A CG   1 
ATOM   303  C  CD   . PRO A 1 37  ? -8.183  6.210   19.173  1.00 20.72 ? 37  PRO A CD   1 
ATOM   304  N  N    . ASP A 1 38  ? -5.141  6.044   21.146  1.00 20.43 ? 38  ASP A N    1 
ATOM   305  C  CA   . ASP A 1 38  ? -4.408  5.808   22.377  1.00 19.89 ? 38  ASP A CA   1 
ATOM   306  C  C    . ASP A 1 38  ? -3.010  5.321   22.025  1.00 19.30 ? 38  ASP A C    1 
ATOM   307  O  O    . ASP A 1 38  ? -2.860  4.232   21.458  1.00 18.23 ? 38  ASP A O    1 
ATOM   308  C  CB   . ASP A 1 38  ? -5.152  4.750   23.192  1.00 21.02 ? 38  ASP A CB   1 
ATOM   309  C  CG   . ASP A 1 38  ? -4.528  4.476   24.551  1.00 23.61 ? 38  ASP A CG   1 
ATOM   310  O  OD1  . ASP A 1 38  ? -3.409  4.938   24.869  1.00 25.55 ? 38  ASP A OD1  1 
ATOM   311  O  OD2  . ASP A 1 38  ? -5.192  3.757   25.330  1.00 28.61 ? 38  ASP A OD2  1 
ATOM   312  N  N    . LEU A 1 39  ? -1.997  6.130   22.352  1.00 18.12 ? 39  LEU A N    1 
ATOM   313  C  CA   . LEU A 1 39  ? -0.607  5.775   22.081  1.00 18.03 ? 39  LEU A CA   1 
ATOM   314  C  C    . LEU A 1 39  ? -0.228  4.469   22.776  1.00 17.32 ? 39  LEU A C    1 
ATOM   315  O  O    . LEU A 1 39  ? 0.542   3.670   22.246  1.00 16.30 ? 39  LEU A O    1 
ATOM   316  C  CB   . LEU A 1 39  ? 0.348   6.896   22.490  1.00 17.92 ? 39  LEU A CB   1 
ATOM   317  C  CG   . LEU A 1 39  ? 1.860   6.662   22.305  1.00 18.07 ? 39  LEU A CG   1 
ATOM   318  C  CD1  . LEU A 1 39  ? 2.254   6.371   20.835  1.00 17.30 ? 39  LEU A CD1  1 
ATOM   319  C  CD2  . LEU A 1 39  ? 2.635   7.855   22.825  1.00 19.40 ? 39  LEU A CD2  1 
ATOM   320  N  N    . ASN A 1 40  ? -0.792  4.232   23.954  1.00 16.96 ? 40  ASN A N    1 
ATOM   321  C  CA   . ASN A 1 40  ? -0.475  2.996   24.670  1.00 16.99 ? 40  ASN A CA   1 
ATOM   322  C  C    . ASN A 1 40  ? -0.976  1.758   23.935  1.00 16.03 ? 40  ASN A C    1 
ATOM   323  O  O    . ASN A 1 40  ? -0.330  0.706   23.972  1.00 15.36 ? 40  ASN A O    1 
ATOM   324  C  CB   . ASN A 1 40  ? -1.031  3.030   26.092  1.00 18.54 ? 40  ASN A CB   1 
ATOM   325  C  CG   . ASN A 1 40  ? -0.249  3.951   26.986  1.00 20.59 ? 40  ASN A CG   1 
ATOM   326  O  OD1  . ASN A 1 40  ? 0.979   4.053   26.882  1.00 23.28 ? 40  ASN A OD1  1 
ATOM   327  N  ND2  . ASN A 1 40  ? -0.956  4.624   27.889  1.00 24.55 ? 40  ASN A ND2  1 
ATOM   328  N  N    . ALA A 1 41  ? -2.124  1.890   23.271  1.00 15.55 ? 41  ALA A N    1 
ATOM   329  C  CA   . ALA A 1 41  ? -2.678  0.787   22.503  1.00 15.00 ? 41  ALA A CA   1 
ATOM   330  C  C    . ALA A 1 41  ? -1.749  0.497   21.327  1.00 14.30 ? 41  ALA A C    1 
ATOM   331  O  O    . ALA A 1 41  ? -1.488  -0.665  21.014  1.00 14.34 ? 41  ALA A O    1 
ATOM   332  C  CB   . ALA A 1 41  ? -4.067  1.094   22.029  1.00 15.32 ? 41  ALA A CB   1 
ATOM   333  N  N    . ALA A 1 42  ? -1.250  1.561   20.692  1.00 13.37 ? 42  ALA A N    1 
ATOM   334  C  CA   . ALA A 1 42  ? -0.269  1.421   19.610  1.00 12.45 ? 42  ALA A CA   1 
ATOM   335  C  C    . ALA A 1 42  ? 1.012   0.768   20.094  1.00 12.18 ? 42  ALA A C    1 
ATOM   336  O  O    . ALA A 1 42  ? 1.558   -0.096  19.413  1.00 12.09 ? 42  ALA A O    1 
ATOM   337  C  CB   . ALA A 1 42  ? 0.025   2.794   18.959  1.00 13.30 ? 42  ALA A CB   1 
ATOM   338  N  N    . LYS A 1 43  ? 1.523   1.193   21.253  1.00 10.95 ? 43  LYS A N    1 
ATOM   339  C  CA   . LYS A 1 43  ? 2.705   0.543   21.835  1.00 10.86 ? 43  LYS A CA   1 
ATOM   340  C  C    . LYS A 1 43  ? 2.514   -0.946  22.144  1.00 10.43 ? 43  LYS A C    1 
ATOM   341  O  O    . LYS A 1 43  ? 3.442   -1.745  21.956  1.00 10.65 ? 43  LYS A O    1 
ATOM   342  C  CB   . LYS A 1 43  ? 3.166   1.284   23.090  1.00 10.99 ? 43  LYS A CB   1 
ATOM   343  C  CG   . LYS A 1 43  ? 3.872   2.593   22.780  1.00 12.89 ? 43  LYS A CG   1 
ATOM   344  C  CD   . LYS A 1 43  ? 4.058   3.418   24.038  1.00 15.65 ? 43  LYS A CD   1 
ATOM   345  C  CE   . LYS A 1 43  ? 5.077   4.528   23.800  1.00 18.13 ? 43  LYS A CE   1 
ATOM   346  N  NZ   . LYS A 1 43  ? 5.186   5.375   25.027  1.00 23.52 ? 43  LYS A NZ   1 
ATOM   347  N  N    . SER A 1 44  ? 1.335   -1.320  22.636  1.00 10.48 ? 44  SER A N    1 
ATOM   348  C  CA   A SER A 1 44  ? 1.014   -2.728  22.847  0.50 10.68 ? 44  SER A CA   1 
ATOM   349  C  CA   B SER A 1 44  ? 1.014   -2.738  22.848  0.50 9.84  ? 44  SER A CA   1 
ATOM   350  C  C    . SER A 1 44  ? 1.083   -3.487  21.516  1.00 9.98  ? 44  SER A C    1 
ATOM   351  O  O    . SER A 1 44  ? 1.686   -4.552  21.421  1.00 9.64  ? 44  SER A O    1 
ATOM   352  C  CB   A SER A 1 44  ? -0.385  -2.859  23.445  0.50 11.51 ? 44  SER A CB   1 
ATOM   353  C  CB   B SER A 1 44  ? -0.382  -2.900  23.464  0.50 10.54 ? 44  SER A CB   1 
ATOM   354  O  OG   A SER A 1 44  ? -0.592  -4.171  23.909  0.50 13.31 ? 44  SER A OG   1 
ATOM   355  O  OG   B SER A 1 44  ? -0.433  -2.345  24.765  0.50 7.20  ? 44  SER A OG   1 
ATOM   356  N  N    . GLU A 1 45  ? 0.468   -2.921  20.478  1.00 8.96  ? 45  GLU A N    1 
ATOM   357  C  CA   . GLU A 1 45  ? 0.444   -3.575  19.167  1.00 8.76  ? 45  GLU A CA   1 
ATOM   358  C  C    . GLU A 1 45  ? 1.846   -3.707  18.623  1.00 8.37  ? 45  GLU A C    1 
ATOM   359  O  O    . GLU A 1 45  ? 2.176   -4.707  17.991  1.00 8.16  ? 45  GLU A O    1 
ATOM   360  C  CB   . GLU A 1 45  ? -0.429  -2.789  18.189  1.00 9.24  ? 45  GLU A CB   1 
ATOM   361  C  CG   . GLU A 1 45  ? -1.920  -2.877  18.538  1.00 9.38  ? 45  GLU A CG   1 
ATOM   362  C  CD   . GLU A 1 45  ? -2.447  -4.311  18.499  1.00 11.76 ? 45  GLU A CD   1 
ATOM   363  O  OE1  . GLU A 1 45  ? -2.195  -5.046  17.509  1.00 12.64 ? 45  GLU A OE1  1 
ATOM   364  O  OE2  . GLU A 1 45  ? -3.116  -4.714  19.471  1.00 13.95 ? 45  GLU A OE2  1 
ATOM   365  N  N    . LEU A 1 46  ? 2.673   -2.690  18.863  1.00 7.94  ? 46  LEU A N    1 
ATOM   366  C  CA   . LEU A 1 46  ? 4.054   -2.749  18.401  1.00 7.91  ? 46  LEU A CA   1 
ATOM   367  C  C    . LEU A 1 46  ? 4.781   -3.903  19.077  1.00 8.78  ? 46  LEU A C    1 
ATOM   368  O  O    . LEU A 1 46  ? 5.457   -4.680  18.425  1.00 8.22  ? 46  LEU A O    1 
ATOM   369  C  CB   . LEU A 1 46  ? 4.779   -1.415  18.686  1.00 7.63  ? 46  LEU A CB   1 
ATOM   370  C  CG   . LEU A 1 46  ? 6.252   -1.403  18.290  1.00 8.22  ? 46  LEU A CG   1 
ATOM   371  C  CD1  . LEU A 1 46  ? 6.412   -1.695  16.796  1.00 7.98  ? 46  LEU A CD1  1 
ATOM   372  C  CD2  . LEU A 1 46  ? 6.915   -0.068  18.611  1.00 7.59  ? 46  LEU A CD2  1 
ATOM   373  N  N    . ASP A 1 47  ? 4.650   -4.002  20.398  1.00 9.11  ? 47  ASP A N    1 
ATOM   374  C  CA   . ASP A 1 47  ? 5.388   -5.008  21.148  1.00 9.66  ? 47  ASP A CA   1 
ATOM   375  C  C    . ASP A 1 47  ? 4.948   -6.409  20.739  1.00 9.86  ? 47  ASP A C    1 
ATOM   376  O  O    . ASP A 1 47  ? 5.763   -7.332  20.638  1.00 9.66  ? 47  ASP A O    1 
ATOM   377  C  CB   . ASP A 1 47  ? 5.178   -4.795  22.641  1.00 9.53  ? 47  ASP A CB   1 
ATOM   378  C  CG   . ASP A 1 47  ? 5.855   -3.531  23.161  1.00 11.81 ? 47  ASP A CG   1 
ATOM   379  O  OD1  . ASP A 1 47  ? 6.637   -2.889  22.432  1.00 11.37 ? 47  ASP A OD1  1 
ATOM   380  O  OD2  . ASP A 1 47  ? 5.612   -3.182  24.338  1.00 13.82 ? 47  ASP A OD2  1 
ATOM   381  N  N    . LYS A 1 48  ? 3.653   -6.549  20.483  1.00 9.43  ? 48  LYS A N    1 
ATOM   382  C  CA   . LYS A 1 48  ? 3.094   -7.824  19.999  1.00 9.60  ? 48  LYS A CA   1 
ATOM   383  C  C    . LYS A 1 48  ? 3.642   -8.153  18.610  1.00 9.73  ? 48  LYS A C    1 
ATOM   384  O  O    . LYS A 1 48  ? 3.954   -9.301  18.328  1.00 10.14 ? 48  LYS A O    1 
ATOM   385  C  CB   . LYS A 1 48  ? 1.568   -7.745  19.965  1.00 8.81  ? 48  LYS A CB   1 
ATOM   386  C  CG   . LYS A 1 48  ? 0.851   -8.960  19.354  1.00 9.35  ? 48  LYS A CG   1 
ATOM   387  C  CD   . LYS A 1 48  ? -0.642  -9.008  19.754  1.00 8.93  ? 48  LYS A CD   1 
ATOM   388  C  CE   . LYS A 1 48  ? -1.392  -7.738  19.416  1.00 11.02 ? 48  LYS A CE   1 
ATOM   389  N  NZ   . LYS A 1 48  ? -1.864  -7.689  18.032  1.00 9.62  ? 48  LYS A NZ   1 
ATOM   390  N  N    . ALA A 1 49  ? 3.775   -7.144  17.760  1.00 9.82  ? 49  ALA A N    1 
ATOM   391  C  CA   . ALA A 1 49  ? 4.260   -7.360  16.386  1.00 10.47 ? 49  ALA A CA   1 
ATOM   392  C  C    . ALA A 1 49  ? 5.736   -7.754  16.340  1.00 10.59 ? 49  ALA A C    1 
ATOM   393  O  O    . ALA A 1 49  ? 6.164   -8.569  15.505  1.00 10.32 ? 49  ALA A O    1 
ATOM   394  C  CB   . ALA A 1 49  ? 3.975   -6.113  15.517  1.00 10.60 ? 49  ALA A CB   1 
ATOM   395  N  N    . ILE A 1 50  ? 6.518   -7.187  17.252  1.00 10.13 ? 50  ILE A N    1 
ATOM   396  C  CA   . ILE A 1 50  ? 7.962   -7.395  17.243  1.00 10.29 ? 50  ILE A CA   1 
ATOM   397  C  C    . ILE A 1 50  ? 8.375   -8.562  18.151  1.00 10.57 ? 50  ILE A C    1 
ATOM   398  O  O    . ILE A 1 50  ? 9.392   -9.230  17.913  1.00 10.15 ? 50  ILE A O    1 
ATOM   399  C  CB   . ILE A 1 50  ? 8.697   -6.071  17.607  1.00 9.72  ? 50  ILE A CB   1 
ATOM   400  C  CG1  . ILE A 1 50  ? 8.334   -4.972  16.578  1.00 10.36 ? 50  ILE A CG1  1 
ATOM   401  C  CG2  . ILE A 1 50  ? 10.190  -6.250  17.656  1.00 10.34 ? 50  ILE A CG2  1 
ATOM   402  C  CD1  . ILE A 1 50  ? 8.852   -5.249  15.160  1.00 11.92 ? 50  ILE A CD1  1 
ATOM   403  N  N    . GLY A 1 51  ? 7.566   -8.826  19.168  1.00 10.38 ? 51  GLY A N    1 
ATOM   404  C  CA   . GLY A 1 51  ? 7.884   -9.886  20.128  1.00 11.49 ? 51  GLY A CA   1 
ATOM   405  C  C    . GLY A 1 51  ? 8.836   -9.453  21.234  1.00 12.38 ? 51  GLY A C    1 
ATOM   406  O  O    . GLY A 1 51  ? 9.531   -10.281 21.831  1.00 12.33 ? 51  GLY A O    1 
ATOM   407  N  N    . ARG A 1 52  ? 8.877   -8.161  21.519  1.00 12.85 ? 52  ARG A N    1 
ATOM   408  C  CA   . ARG A 1 52  ? 9.715   -7.650  22.613  1.00 13.74 ? 52  ARG A CA   1 
ATOM   409  C  C    . ARG A 1 52  ? 9.165   -6.327  23.077  1.00 13.85 ? 52  ARG A C    1 
ATOM   410  O  O    . ARG A 1 52  ? 8.297   -5.761  22.421  1.00 13.62 ? 52  ARG A O    1 
ATOM   411  C  CB   . ARG A 1 52  ? 11.200  -7.520  22.204  1.00 14.42 ? 52  ARG A CB   1 
ATOM   412  C  CG   . ARG A 1 52  ? 11.491  -6.397  21.217  1.00 13.75 ? 52  ARG A CG   1 
ATOM   413  C  CD   . ARG A 1 52  ? 12.953  -6.285  20.791  1.00 14.83 ? 52  ARG A CD   1 
ATOM   414  N  NE   . ARG A 1 52  ? 13.052  -5.170  19.849  1.00 13.89 ? 52  ARG A NE   1 
ATOM   415  C  CZ   . ARG A 1 52  ? 13.150  -3.887  20.192  1.00 15.88 ? 52  ARG A CZ   1 
ATOM   416  N  NH1  . ARG A 1 52  ? 13.230  -3.531  21.473  1.00 15.78 ? 52  ARG A NH1  1 
ATOM   417  N  NH2  . ARG A 1 52  ? 13.180  -2.941  19.246  1.00 17.09 ? 52  ARG A NH2  1 
ATOM   418  N  N    . ASN A 1 53  ? 9.671   -5.822  24.204  1.00 13.77 ? 53  ASN A N    1 
ATOM   419  C  CA   . ASN A 1 53  ? 9.223   -4.537  24.702  1.00 14.11 ? 53  ASN A CA   1 
ATOM   420  C  C    . ASN A 1 53  ? 9.980   -3.434  24.014  1.00 13.76 ? 53  ASN A C    1 
ATOM   421  O  O    . ASN A 1 53  ? 11.134  -3.193  24.316  1.00 14.15 ? 53  ASN A O    1 
ATOM   422  C  CB   . ASN A 1 53  ? 9.398   -4.457  26.222  1.00 14.58 ? 53  ASN A CB   1 
ATOM   423  C  CG   . ASN A 1 53  ? 8.117   -4.755  26.941  0.50 15.95 ? 53  ASN A CG   1 
ATOM   424  O  OD1  . ASN A 1 53  ? 7.654   -5.894  26.957  0.50 17.34 ? 53  ASN A OD1  1 
ATOM   425  N  ND2  . ASN A 1 53  ? 7.501   -3.719  27.501  0.50 17.78 ? 53  ASN A ND2  1 
ATOM   426  N  N    . CYS A 1 54  ? 9.330   -2.776  23.070  1.00 12.92 ? 54  CYS A N    1 
ATOM   427  C  CA   . CYS A 1 54  ? 10.030  -1.874  22.175  1.00 13.19 ? 54  CYS A CA   1 
ATOM   428  C  C    . CYS A 1 54  ? 10.063  -0.462  22.703  1.00 13.12 ? 54  CYS A C    1 
ATOM   429  O  O    . CYS A 1 54  ? 10.887  0.327   22.269  1.00 14.39 ? 54  CYS A O    1 
ATOM   430  C  CB   . CYS A 1 54  ? 9.366   -1.864  20.805  1.00 12.57 ? 54  CYS A CB   1 
ATOM   431  S  SG   . CYS A 1 54  ? 9.496   -3.432  19.979  1.00 12.96 ? 54  CYS A SG   1 
ATOM   432  N  N    . ASN A 1 55  ? 9.152   -0.145  23.611  1.00 14.32 ? 55  ASN A N    1 
ATOM   433  C  CA   . ASN A 1 55  ? 8.973   1.236   24.063  1.00 15.31 ? 55  ASN A CA   1 
ATOM   434  C  C    . ASN A 1 55  ? 8.980   2.207   22.872  1.00 14.92 ? 55  ASN A C    1 
ATOM   435  O  O    . ASN A 1 55  ? 9.719   3.201   22.855  1.00 15.90 ? 55  ASN A O    1 
ATOM   436  C  CB   . ASN A 1 55  ? 10.060  1.600   25.079  1.00 16.36 ? 55  ASN A CB   1 
ATOM   437  C  CG   . ASN A 1 55  ? 9.680   2.787   25.930  0.50 16.93 ? 55  ASN A CG   1 
ATOM   438  O  OD1  . ASN A 1 55  ? 8.499   3.121   26.072  0.50 19.88 ? 55  ASN A OD1  1 
ATOM   439  N  ND2  . ASN A 1 55  ? 10.678  3.430   26.508  0.50 18.26 ? 55  ASN A ND2  1 
ATOM   440  N  N    . GLY A 1 56  ? 8.173   1.880   21.865  1.00 14.18 ? 56  GLY A N    1 
ATOM   441  C  CA   . GLY A 1 56  ? 7.857   2.793   20.764  1.00 12.75 ? 56  GLY A CA   1 
ATOM   442  C  C    . GLY A 1 56  ? 8.926   2.965   19.712  1.00 12.07 ? 56  GLY A C    1 
ATOM   443  O  O    . GLY A 1 56  ? 8.806   3.850   18.846  1.00 12.12 ? 56  GLY A O    1 
ATOM   444  N  N    . VAL A 1 57  ? 9.949   2.115   19.765  1.00 11.69 ? 57  VAL A N    1 
ATOM   445  C  CA   . VAL A 1 57  ? 11.103  2.227   18.889  1.00 12.35 ? 57  VAL A CA   1 
ATOM   446  C  C    . VAL A 1 57  ? 11.583  0.866   18.382  1.00 11.78 ? 57  VAL A C    1 
ATOM   447  O  O    . VAL A 1 57  ? 11.690  -0.101  19.145  1.00 12.24 ? 57  VAL A O    1 
ATOM   448  C  CB   . VAL A 1 57  ? 12.297  2.943   19.601  1.00 13.12 ? 57  VAL A CB   1 
ATOM   449  C  CG1  . VAL A 1 57  ? 13.478  3.042   18.672  1.00 14.93 ? 57  VAL A CG1  1 
ATOM   450  C  CG2  . VAL A 1 57  ? 11.886  4.325   20.062  1.00 13.84 ? 57  VAL A CG2  1 
ATOM   451  N  N    . ILE A 1 58  ? 11.901  0.803   17.096  1.00 10.75 ? 58  ILE A N    1 
ATOM   452  C  CA   . ILE A 1 58  ? 12.386  -0.440  16.496  1.00 10.61 ? 58  ILE A CA   1 
ATOM   453  C  C    . ILE A 1 58  ? 13.666  -0.201  15.700  1.00 10.55 ? 58  ILE A C    1 
ATOM   454  O  O    . ILE A 1 58  ? 14.055  0.942   15.468  1.00 10.54 ? 58  ILE A O    1 
ATOM   455  C  CB   . ILE A 1 58  ? 11.318  -1.142  15.619  1.00 9.99  ? 58  ILE A CB   1 
ATOM   456  C  CG1  . ILE A 1 58  ? 10.920  -0.274  14.405  1.00 9.94  ? 58  ILE A CG1  1 
ATOM   457  C  CG2  . ILE A 1 58  ? 10.087  -1.528  16.474  1.00 9.49  ? 58  ILE A CG2  1 
ATOM   458  C  CD1  . ILE A 1 58  ? 9.950   -0.986  13.425  1.00 10.76 ? 58  ILE A CD1  1 
ATOM   459  N  N    . THR A 1 59  ? 14.330  -1.290  15.317  1.00 11.14 ? 59  THR A N    1 
ATOM   460  C  CA   . THR A 1 59  ? 15.519  -1.207  14.493  1.00 11.47 ? 59  THR A CA   1 
ATOM   461  C  C    . THR A 1 59  ? 15.146  -1.236  13.015  1.00 12.04 ? 59  THR A C    1 
ATOM   462  O  O    . THR A 1 59  ? 13.991  -1.529  12.644  1.00 11.59 ? 59  THR A O    1 
ATOM   463  C  CB   . THR A 1 59  ? 16.491  -2.374  14.803  1.00 11.65 ? 59  THR A CB   1 
ATOM   464  O  OG1  . THR A 1 59  ? 15.865  -3.619  14.441  1.00 12.43 ? 59  THR A OG1  1 
ATOM   465  C  CG2  . THR A 1 59  ? 16.834  -2.377  16.278  1.00 13.77 ? 59  THR A CG2  1 
ATOM   466  N  N    . LYS A 1 60  ? 16.123  -0.944  12.162  1.00 12.15 ? 60  LYS A N    1 
ATOM   467  C  CA   . LYS A 1 60  ? 15.870  -0.992  10.730  1.00 12.73 ? 60  LYS A CA   1 
ATOM   468  C  C    . LYS A 1 60  ? 15.549  -2.401  10.300  1.00 12.25 ? 60  LYS A C    1 
ATOM   469  O  O    . LYS A 1 60  ? 14.658  -2.609  9.479   1.00 11.84 ? 60  LYS A O    1 
ATOM   470  C  CB   . LYS A 1 60  ? 17.054  -0.439  9.954   1.00 13.41 ? 60  LYS A CB   1 
ATOM   471  C  CG   . LYS A 1 60  ? 16.825  -0.346  8.461   1.00 16.35 ? 60  LYS A CG   1 
ATOM   472  C  CD   . LYS A 1 60  ? 17.960  0.433   7.851   1.00 21.48 ? 60  LYS A CD   1 
ATOM   473  C  CE   . LYS A 1 60  ? 17.946  0.364   6.357   1.00 25.22 ? 60  LYS A CE   1 
ATOM   474  N  NZ   . LYS A 1 60  ? 18.979  1.315   5.836   1.00 29.81 ? 60  LYS A NZ   1 
ATOM   475  N  N    . ASP A 1 61  ? 16.265  -3.376  10.870  1.00 11.88 ? 61  ASP A N    1 
ATOM   476  C  CA   . ASP A 1 61  ? 16.005  -4.779  10.566  1.00 12.01 ? 61  ASP A CA   1 
ATOM   477  C  C    . ASP A 1 61  ? 14.580  -5.153  10.921  1.00 10.56 ? 61  ASP A C    1 
ATOM   478  O  O    . ASP A 1 61  ? 13.921  -5.869  10.172  1.00 10.20 ? 61  ASP A O    1 
ATOM   479  C  CB   . ASP A 1 61  ? 16.955  -5.697  11.342  1.00 12.34 ? 61  ASP A CB   1 
ATOM   480  C  CG   . ASP A 1 61  ? 18.335  -5.759  10.730  1.00 17.74 ? 61  ASP A CG   1 
ATOM   481  O  OD1  . ASP A 1 61  ? 18.581  -5.070  9.715   1.00 20.60 ? 61  ASP A OD1  1 
ATOM   482  O  OD2  . ASP A 1 61  ? 19.180  -6.497  11.277  1.00 20.67 ? 61  ASP A OD2  1 
ATOM   483  N  N    . GLU A 1 62  ? 14.121  -4.693  12.082  1.00 9.77  ? 62  GLU A N    1 
ATOM   484  C  CA   . GLU A 1 62  ? 12.757  -4.982  12.540  1.00 9.44  ? 62  GLU A CA   1 
ATOM   485  C  C    . GLU A 1 62  ? 11.734  -4.331  11.599  1.00 9.03  ? 62  GLU A C    1 
ATOM   486  O  O    . GLU A 1 62  ? 10.726  -4.940  11.253  1.00 8.45  ? 62  GLU A O    1 
ATOM   487  C  CB   . GLU A 1 62  ? 12.572  -4.502  13.980  1.00 9.66  ? 62  GLU A CB   1 
ATOM   488  C  CG   . GLU A 1 62  ? 13.331  -5.395  14.955  1.00 10.18 ? 62  GLU A CG   1 
ATOM   489  C  CD   . GLU A 1 62  ? 13.380  -4.881  16.374  1.00 12.26 ? 62  GLU A CD   1 
ATOM   490  O  OE1  . GLU A 1 62  ? 13.156  -3.668  16.601  1.00 11.77 ? 62  GLU A OE1  1 
ATOM   491  O  OE2  . GLU A 1 62  ? 13.647  -5.714  17.270  1.00 10.53 ? 62  GLU A OE2  1 
ATOM   492  N  N    . ALA A 1 63  ? 11.990  -3.099  11.187  1.00 9.36  ? 63  ALA A N    1 
ATOM   493  C  CA   . ALA A 1 63  ? 11.099  -2.435  10.227  1.00 8.96  ? 63  ALA A CA   1 
ATOM   494  C  C    . ALA A 1 63  ? 11.039  -3.210  8.906   1.00 9.41  ? 63  ALA A C    1 
ATOM   495  O  O    . ALA A 1 63  ? 9.968   -3.373  8.323   1.00 9.94  ? 63  ALA A O    1 
ATOM   496  C  CB   . ALA A 1 63  ? 11.526  -1.000  9.982   1.00 9.88  ? 63  ALA A CB   1 
ATOM   497  N  N    . GLU A 1 64  ? 12.188  -3.689  8.433   1.00 9.86  ? 64  GLU A N    1 
ATOM   498  C  CA   . GLU A 1 64  ? 12.219  -4.390  7.165   1.00 9.51  ? 64  GLU A CA   1 
ATOM   499  C  C    . GLU A 1 64  ? 11.527  -5.731  7.304   1.00 9.16  ? 64  GLU A C    1 
ATOM   500  O  O    . GLU A 1 64  ? 10.880  -6.176  6.361   1.00 9.57  ? 64  GLU A O    1 
ATOM   501  C  CB   . GLU A 1 64  ? 13.640  -4.549  6.658   1.00 10.18 ? 64  GLU A CB   1 
ATOM   502  C  CG   . GLU A 1 64  ? 14.209  -3.195  6.227   1.00 10.84 ? 64  GLU A CG   1 
ATOM   503  C  CD   . GLU A 1 64  ? 15.684  -3.218  5.973   1.00 14.70 ? 64  GLU A CD   1 
ATOM   504  O  OE1  . GLU A 1 64  ? 16.373  -4.149  6.449   1.00 15.09 ? 64  GLU A OE1  1 
ATOM   505  O  OE2  . GLU A 1 64  ? 16.149  -2.262  5.322   1.00 15.36 ? 64  GLU A OE2  1 
ATOM   506  N  N    . LYS A 1 65  ? 11.632  -6.353  8.480   1.00 8.88  ? 65  LYS A N    1 
ATOM   507  C  CA   . LYS A 1 65  ? 10.894  -7.602  8.722   1.00 9.45  ? 65  LYS A CA   1 
ATOM   508  C  C    . LYS A 1 65  ? 9.390   -7.381  8.649   1.00 8.44  ? 65  LYS A C    1 
ATOM   509  O  O    . LYS A 1 65  ? 8.665   -8.138  7.976   1.00 8.13  ? 65  LYS A O    1 
ATOM   510  C  CB   . LYS A 1 65  ? 11.296  -8.273  10.054  1.00 8.55  ? 65  LYS A CB   1 
ATOM   511  C  CG   . LYS A 1 65  ? 10.687  -9.645  10.208  1.00 10.14 ? 65  LYS A CG   1 
ATOM   512  C  CD   . LYS A 1 65  ? 11.224  -10.404 11.428  1.00 11.34 ? 65  LYS A CD   1 
ATOM   513  C  CE   . LYS A 1 65  ? 10.772  -11.872 11.310  1.00 11.58 ? 65  LYS A CE   1 
ATOM   514  N  NZ   . LYS A 1 65  ? 11.390  -12.730 12.340  1.00 16.91 ? 65  LYS A NZ   1 
ATOM   515  N  N    . LEU A 1 66  ? 8.902   -6.333  9.312   1.00 8.99  ? 66  LEU A N    1 
ATOM   516  C  CA   . LEU A 1 66  ? 7.472   -6.025  9.254   1.00 9.40  ? 66  LEU A CA   1 
ATOM   517  C  C    . LEU A 1 66  ? 7.053   -5.751  7.821   1.00 9.46  ? 66  LEU A C    1 
ATOM   518  O  O    . LEU A 1 66  ? 5.979   -6.182  7.375   1.00 8.93  ? 66  LEU A O    1 
ATOM   519  C  CB   . LEU A 1 66  ? 7.142   -4.805  10.141  1.00 9.68  ? 66  LEU A CB   1 
ATOM   520  C  CG   . LEU A 1 66  ? 7.223   -5.012  11.662  1.00 11.19 ? 66  LEU A CG   1 
ATOM   521  C  CD1  . LEU A 1 66  ? 6.889   -3.688  12.398  1.00 11.44 ? 66  LEU A CD1  1 
ATOM   522  C  CD2  . LEU A 1 66  ? 6.294   -6.139  12.134  1.00 12.03 ? 66  LEU A CD2  1 
ATOM   523  N  N    . PHE A 1 67  ? 7.919   -5.047  7.099   1.00 9.00  ? 67  PHE A N    1 
ATOM   524  C  CA   . PHE A 1 67  ? 7.641   -4.644  5.716   1.00 10.01 ? 67  PHE A CA   1 
ATOM   525  C  C    . PHE A 1 67  ? 7.495   -5.891  4.826   1.00 10.08 ? 67  PHE A C    1 
ATOM   526  O  O    . PHE A 1 67  ? 6.543   -5.992  4.045   1.00 11.22 ? 67  PHE A O    1 
ATOM   527  C  CB   . PHE A 1 67  ? 8.738   -3.680  5.235   1.00 10.31 ? 67  PHE A CB   1 
ATOM   528  C  CG   . PHE A 1 67  ? 8.512   -3.074  3.860   1.00 11.38 ? 67  PHE A CG   1 
ATOM   529  C  CD1  . PHE A 1 67  ? 7.239   -2.696  3.435   1.00 10.42 ? 67  PHE A CD1  1 
ATOM   530  C  CD2  . PHE A 1 67  ? 9.618   -2.816  3.029   1.00 12.82 ? 67  PHE A CD2  1 
ATOM   531  C  CE1  . PHE A 1 67  ? 7.047   -2.101  2.186   1.00 12.17 ? 67  PHE A CE1  1 
ATOM   532  C  CE2  . PHE A 1 67  ? 9.454   -2.198  1.765   1.00 12.91 ? 67  PHE A CE2  1 
ATOM   533  C  CZ   . PHE A 1 67  ? 8.161   -1.855  1.348   1.00 13.00 ? 67  PHE A CZ   1 
ATOM   534  N  N    . ASN A 1 68  ? 8.426   -6.833  4.961   1.00 9.84  ? 68  ASN A N    1 
ATOM   535  C  CA   A ASN A 1 68  ? 8.359   -8.117  4.259   0.50 9.91  ? 68  ASN A CA   1 
ATOM   536  C  CA   B ASN A 1 68  ? 8.318   -8.091  4.225   0.50 10.25 ? 68  ASN A CA   1 
ATOM   537  C  C    . ASN A 1 68  ? 7.011   -8.820  4.530   1.00 9.68  ? 68  ASN A C    1 
ATOM   538  O  O    . ASN A 1 68  ? 6.320   -9.294  3.611   1.00 9.88  ? 68  ASN A O    1 
ATOM   539  C  CB   A ASN A 1 68  ? 9.566   -9.003  4.664   0.50 9.87  ? 68  ASN A CB   1 
ATOM   540  C  CB   B ASN A 1 68  ? 9.513   -9.000  4.506   0.50 10.62 ? 68  ASN A CB   1 
ATOM   541  C  CG   A ASN A 1 68  ? 10.894  -8.581  3.981   0.50 10.22 ? 68  ASN A CG   1 
ATOM   542  C  CG   B ASN A 1 68  ? 9.725   -10.038 3.412   0.50 12.10 ? 68  ASN A CG   1 
ATOM   543  O  OD1  A ASN A 1 68  ? 11.998  -8.805  4.504   0.50 10.32 ? 68  ASN A OD1  1 
ATOM   544  O  OD1  B ASN A 1 68  ? 8.830   -10.318 2.605   0.50 15.28 ? 68  ASN A OD1  1 
ATOM   545  N  ND2  A ASN A 1 68  ? 10.782  -7.977  2.815   0.50 10.39 ? 68  ASN A ND2  1 
ATOM   546  N  ND2  B ASN A 1 68  ? 10.922  -10.602 3.373   0.50 14.03 ? 68  ASN A ND2  1 
ATOM   547  N  N    . GLN A 1 69  ? 6.636   -8.907  5.803   1.00 9.51  ? 69  GLN A N    1 
ATOM   548  C  CA   . GLN A 1 69  ? 5.352   -9.514  6.175   1.00 8.88  ? 69  GLN A CA   1 
ATOM   549  C  C    . GLN A 1 69  ? 4.173   -8.764  5.561   1.00 9.18  ? 69  GLN A C    1 
ATOM   550  O  O    . GLN A 1 69  ? 3.207   -9.378  5.087   1.00 8.67  ? 69  GLN A O    1 
ATOM   551  C  CB   . GLN A 1 69  ? 5.186   -9.523  7.691   1.00 9.57  ? 69  GLN A CB   1 
ATOM   552  C  CG   . GLN A 1 69  ? 6.203   -10.443 8.349   1.00 8.12  ? 69  GLN A CG   1 
ATOM   553  C  CD   . GLN A 1 69  ? 6.176   -10.452 9.843   1.00 9.72  ? 69  GLN A CD   1 
ATOM   554  O  OE1  . GLN A 1 69  ? 6.819   -11.304 10.447  1.00 8.37  ? 69  GLN A OE1  1 
ATOM   555  N  NE2  . GLN A 1 69  ? 5.430   -9.526  10.463  1.00 8.18  ? 69  GLN A NE2  1 
ATOM   556  N  N    . ASP A 1 70  ? 4.261   -7.440  5.589   1.00 9.43  ? 70  ASP A N    1 
ATOM   557  C  CA   . ASP A 1 70  ? 3.156   -6.590  5.120   1.00 10.22 ? 70  ASP A CA   1 
ATOM   558  C  C    . ASP A 1 70  ? 2.990   -6.668  3.612   1.00 10.63 ? 70  ASP A C    1 
ATOM   559  O  O    . ASP A 1 70  ? 1.857   -6.737  3.111   1.00 11.62 ? 70  ASP A O    1 
ATOM   560  C  CB   . ASP A 1 70  ? 3.352   -5.142  5.560   1.00 9.97  ? 70  ASP A CB   1 
ATOM   561  C  CG   . ASP A 1 70  ? 3.162   -4.952  7.062   1.00 10.59 ? 70  ASP A CG   1 
ATOM   562  O  OD1  . ASP A 1 70  ? 2.654   -5.855  7.764   1.00 9.64  ? 70  ASP A OD1  1 
ATOM   563  O  OD2  . ASP A 1 70  ? 3.546   -3.884  7.536   1.00 11.34 ? 70  ASP A OD2  1 
ATOM   564  N  N    . VAL A 1 71  ? 4.105   -6.681  2.887   1.00 11.02 ? 71  VAL A N    1 
ATOM   565  C  CA   . VAL A 1 71  ? 4.023   -6.763  1.411   1.00 11.68 ? 71  VAL A CA   1 
ATOM   566  C  C    . VAL A 1 71  ? 3.445   -8.132  1.033   1.00 11.42 ? 71  VAL A C    1 
ATOM   567  O  O    . VAL A 1 71  ? 2.549   -8.228  0.216   1.00 11.66 ? 71  VAL A O    1 
ATOM   568  C  CB   . VAL A 1 71  ? 5.387   -6.533  0.739   1.00 12.11 ? 71  VAL A CB   1 
ATOM   569  C  CG1  . VAL A 1 71  ? 5.320   -6.800  -0.782  1.00 14.61 ? 71  VAL A CG1  1 
ATOM   570  C  CG2  . VAL A 1 71  ? 5.886   -5.131  0.990   1.00 13.29 ? 71  VAL A CG2  1 
ATOM   571  N  N    . ASP A 1 72  ? 3.977   -9.191  1.650   1.00 11.23 ? 72  ASP A N    1 
ATOM   572  C  CA   . ASP A 1 72  ? 3.504   -10.569 1.452   1.00 11.15 ? 72  ASP A CA   1 
ATOM   573  C  C    . ASP A 1 72  ? 1.990   -10.658 1.724   1.00 11.53 ? 72  ASP A C    1 
ATOM   574  O  O    . ASP A 1 72  ? 1.245   -11.211 0.915   1.00 10.60 ? 72  ASP A O    1 
ATOM   575  C  CB   . ASP A 1 72  ? 4.337   -11.490 2.371   1.00 11.24 ? 72  ASP A CB   1 
ATOM   576  C  CG   . ASP A 1 72  ? 4.022   -12.995 2.240   0.50 11.42 ? 72  ASP A CG   1 
ATOM   577  O  OD1  . ASP A 1 72  ? 3.134   -13.409 1.493   0.50 12.98 ? 72  ASP A OD1  1 
ATOM   578  O  OD2  . ASP A 1 72  ? 4.711   -13.789 2.930   0.50 13.54 ? 72  ASP A OD2  1 
ATOM   579  N  N    . ALA A 1 73  ? 1.544   -10.086 2.845   1.00 12.05 ? 73  ALA A N    1 
ATOM   580  C  CA   . ALA A 1 73  ? 0.128   -10.125 3.236   1.00 13.00 ? 73  ALA A CA   1 
ATOM   581  C  C    . ALA A 1 73  ? -0.748  -9.368  2.241   1.00 12.88 ? 73  ALA A C    1 
ATOM   582  O  O    . ALA A 1 73  ? -1.847  -9.830  1.920   1.00 13.48 ? 73  ALA A O    1 
ATOM   583  C  CB   . ALA A 1 73  ? -0.067  -9.555  4.632   1.00 13.94 ? 73  ALA A CB   1 
ATOM   584  N  N    . ALA A 1 74  ? -0.260  -8.226  1.761   1.00 12.65 ? 74  ALA A N    1 
ATOM   585  C  CA   . ALA A 1 74  ? -0.976  -7.454  0.739   1.00 12.73 ? 74  ALA A CA   1 
ATOM   586  C  C    . ALA A 1 74  ? -1.235  -8.309  -0.519  1.00 12.84 ? 74  ALA A C    1 
ATOM   587  O  O    . ALA A 1 74  ? -2.369  -8.389  -1.000  1.00 13.02 ? 74  ALA A O    1 
ATOM   588  C  CB   . ALA A 1 74  ? -0.202  -6.209  0.378   1.00 12.88 ? 74  ALA A CB   1 
ATOM   589  N  N    . VAL A 1 75  ? -0.177  -8.931  -1.053  1.00 11.83 ? 75  VAL A N    1 
ATOM   590  C  CA   . VAL A 1 75  ? -0.313  -9.723  -2.283  1.00 12.03 ? 75  VAL A CA   1 
ATOM   591  C  C    . VAL A 1 75  ? -1.199  -10.936 -2.034  1.00 10.83 ? 75  VAL A C    1 
ATOM   592  O  O    . VAL A 1 75  ? -2.095  -11.242 -2.827  1.00 12.33 ? 75  VAL A O    1 
ATOM   593  C  CB   . VAL A 1 75  ? 1.050   -10.191 -2.813  1.00 12.10 ? 75  VAL A CB   1 
ATOM   594  C  CG1  . VAL A 1 75  ? 0.869   -10.941 -4.161  1.00 14.11 ? 75  VAL A CG1  1 
ATOM   595  C  CG2  . VAL A 1 75  ? 1.967   -9.023  -2.985  1.00 13.55 ? 75  VAL A CG2  1 
ATOM   596  N  N    . ARG A 1 76  ? -0.981  -11.615 -0.914  1.00 10.76 ? 76  ARG A N    1 
ATOM   597  C  CA   . ARG A 1 76  ? -1.790  -12.778 -0.587  1.00 10.72 ? 76  ARG A CA   1 
ATOM   598  C  C    . ARG A 1 76  ? -3.262  -12.392 -0.441  1.00 10.92 ? 76  ARG A C    1 
ATOM   599  O  O    . ARG A 1 76  ? -4.144  -13.137 -0.875  1.00 11.27 ? 76  ARG A O    1 
ATOM   600  C  CB   . ARG A 1 76  ? -1.243  -13.497 0.651   1.00 10.32 ? 76  ARG A CB   1 
ATOM   601  C  CG   . ARG A 1 76  ? 0.106   -14.217 0.380   1.00 12.18 ? 76  ARG A CG   1 
ATOM   602  C  CD   . ARG A 1 76  ? 0.070   -15.279 -0.772  1.00 13.97 ? 76  ARG A CD   1 
ATOM   603  N  NE   . ARG A 1 76  ? -0.668  -16.517 -0.441  1.00 14.58 ? 76  ARG A NE   1 
ATOM   604  C  CZ   . ARG A 1 76  ? -0.188  -17.510 0.313   1.00 16.26 ? 76  ARG A CZ   1 
ATOM   605  N  NH1  . ARG A 1 76  ? 1.040   -17.440 0.826   1.00 15.56 ? 76  ARG A NH1  1 
ATOM   606  N  NH2  . ARG A 1 76  ? -0.929  -18.582 0.547   1.00 15.55 ? 76  ARG A NH2  1 
ATOM   607  N  N    . GLY A 1 77  ? -3.516  -11.219 0.128   1.00 10.92 ? 77  GLY A N    1 
ATOM   608  C  CA   . GLY A 1 77  ? -4.880  -10.688 0.197   1.00 11.36 ? 77  GLY A CA   1 
ATOM   609  C  C    . GLY A 1 77  ? -5.483  -10.508 -1.190  1.00 11.02 ? 77  GLY A C    1 
ATOM   610  O  O    . GLY A 1 77  ? -6.612  -10.944 -1.454  1.00 11.32 ? 77  GLY A O    1 
ATOM   611  N  N    . ILE A 1 78  ? -4.725  -9.885  -2.084  1.00 10.92 ? 78  ILE A N    1 
ATOM   612  C  CA   . ILE A 1 78  ? -5.168  -9.702  -3.462  1.00 11.28 ? 78  ILE A CA   1 
ATOM   613  C  C    . ILE A 1 78  ? -5.518  -11.059 -4.074  1.00 11.94 ? 78  ILE A C    1 
ATOM   614  O  O    . ILE A 1 78  ? -6.605  -11.250 -4.640  1.00 11.53 ? 78  ILE A O    1 
ATOM   615  C  CB   . ILE A 1 78  ? -4.059  -9.028  -4.298  1.00 11.02 ? 78  ILE A CB   1 
ATOM   616  C  CG1  . ILE A 1 78  ? -3.918  -7.559  -3.863  1.00 10.60 ? 78  ILE A CG1  1 
ATOM   617  C  CG2  . ILE A 1 78  ? -4.330  -9.188  -5.813  1.00 11.11 ? 78  ILE A CG2  1 
ATOM   618  C  CD1  . ILE A 1 78  ? -2.634  -6.894  -4.362  1.00 10.77 ? 78  ILE A CD1  1 
ATOM   619  N  N    . LEU A 1 79  ? -4.622  -12.029 -3.897  1.00 12.62 ? 79  LEU A N    1 
ATOM   620  C  CA   . LEU A 1 79  ? -4.861  -13.365 -4.478  1.00 13.98 ? 79  LEU A CA   1 
ATOM   621  C  C    . LEU A 1 79  ? -6.072  -14.115 -3.897  1.00 14.64 ? 79  LEU A C    1 
ATOM   622  O  O    . LEU A 1 79  ? -6.635  -14.983 -4.573  1.00 15.99 ? 79  LEU A O    1 
ATOM   623  C  CB   . LEU A 1 79  ? -3.588  -14.208 -4.447  1.00 13.22 ? 79  LEU A CB   1 
ATOM   624  C  CG   . LEU A 1 79  ? -2.414  -13.620 -5.247  1.00 14.41 ? 79  LEU A CG   1 
ATOM   625  C  CD1  . LEU A 1 79  ? -1.178  -14.503 -5.101  1.00 16.83 ? 79  LEU A CD1  1 
ATOM   626  C  CD2  . LEU A 1 79  ? -2.749  -13.367 -6.749  1.00 13.83 ? 79  LEU A CD2  1 
ATOM   627  N  N    . ARG A 1 80  ? -6.493  -13.744 -2.683  1.00 14.77 ? 80  ARG A N    1 
ATOM   628  C  CA   A ARG A 1 80  ? -7.669  -14.322 -2.031  0.50 15.06 ? 80  ARG A CA   1 
ATOM   629  C  CA   B ARG A 1 80  ? -7.665  -14.335 -2.039  0.50 15.16 ? 80  ARG A CA   1 
ATOM   630  C  C    . ARG A 1 80  ? -8.944  -13.569 -2.360  1.00 15.39 ? 80  ARG A C    1 
ATOM   631  O  O    . ARG A 1 80  ? -10.043 -14.027 -2.047  1.00 15.58 ? 80  ARG A O    1 
ATOM   632  C  CB   A ARG A 1 80  ? -7.506  -14.304 -0.510  0.50 15.34 ? 80  ARG A CB   1 
ATOM   633  C  CB   B ARG A 1 80  ? -7.486  -14.374 -0.516  0.50 15.52 ? 80  ARG A CB   1 
ATOM   634  C  CG   A ARG A 1 80  ? -6.799  -15.492 0.032   0.50 17.17 ? 80  ARG A CG   1 
ATOM   635  C  CG   B ARG A 1 80  ? -6.385  -15.288 -0.033  0.50 17.81 ? 80  ARG A CG   1 
ATOM   636  C  CD   A ARG A 1 80  ? -6.749  -15.430 1.543   0.50 17.19 ? 80  ARG A CD   1 
ATOM   637  C  CD   B ARG A 1 80  ? -6.475  -15.503 1.476   0.50 19.13 ? 80  ARG A CD   1 
ATOM   638  N  NE   A ARG A 1 80  ? -5.408  -15.757 2.003   0.50 18.04 ? 80  ARG A NE   1 
ATOM   639  N  NE   B ARG A 1 80  ? -6.421  -14.248 2.222   0.50 21.28 ? 80  ARG A NE   1 
ATOM   640  C  CZ   A ARG A 1 80  ? -4.517  -14.861 2.417   0.50 18.17 ? 80  ARG A CZ   1 
ATOM   641  C  CZ   B ARG A 1 80  ? -5.335  -13.779 2.833   0.50 21.97 ? 80  ARG A CZ   1 
ATOM   642  N  NH1  A ARG A 1 80  ? -4.827  -13.570 2.465   0.50 17.54 ? 80  ARG A NH1  1 
ATOM   643  N  NH1  B ARG A 1 80  ? -4.195  -14.457 2.798   0.50 23.09 ? 80  ARG A NH1  1 
ATOM   644  N  NH2  A ARG A 1 80  ? -3.316  -15.260 2.801   0.50 17.86 ? 80  ARG A NH2  1 
ATOM   645  N  NH2  B ARG A 1 80  ? -5.393  -12.626 3.487   0.50 23.24 ? 80  ARG A NH2  1 
ATOM   646  N  N    . ASN A 1 81  ? -8.800  -12.394 -2.966  1.00 14.60 ? 81  ASN A N    1 
ATOM   647  C  CA   . ASN A 1 81  ? -9.929  -11.529 -3.211  1.00 14.50 ? 81  ASN A CA   1 
ATOM   648  C  C    . ASN A 1 81  ? -10.494 -11.828 -4.588  1.00 15.10 ? 81  ASN A C    1 
ATOM   649  O  O    . ASN A 1 81  ? -9.817  -11.648 -5.594  1.00 14.61 ? 81  ASN A O    1 
ATOM   650  C  CB   . ASN A 1 81  ? -9.500  -10.063 -3.084  1.00 14.66 ? 81  ASN A CB   1 
ATOM   651  C  CG   . ASN A 1 81  ? -10.681 -9.089  -3.119  1.00 14.83 ? 81  ASN A CG   1 
ATOM   652  O  OD1  . ASN A 1 81  ? -11.484 -9.082  -4.063  1.00 17.29 ? 81  ASN A OD1  1 
ATOM   653  N  ND2  . ASN A 1 81  ? -10.773 -8.248  -2.096  1.00 13.27 ? 81  ASN A ND2  1 
ATOM   654  N  N    . ALA A 1 82  ? -11.735 -12.303 -4.609  1.00 15.36 ? 82  ALA A N    1 
ATOM   655  C  CA   . ALA A 1 82  ? -12.422 -12.706 -5.839  1.00 15.82 ? 82  ALA A CA   1 
ATOM   656  C  C    . ALA A 1 82  ? -12.571 -11.573 -6.853  1.00 15.74 ? 82  ALA A C    1 
ATOM   657  O  O    . ALA A 1 82  ? -12.635 -11.828 -8.050  1.00 15.78 ? 82  ALA A O    1 
ATOM   658  C  CB   . ALA A 1 82  ? -13.809 -13.299 -5.499  1.00 16.18 ? 82  ALA A CB   1 
ATOM   659  N  N    . LYS A 1 83  ? -12.651 -10.332 -6.381  1.00 15.63 ? 83  LYS A N    1 
ATOM   660  C  CA   . LYS A 1 83  ? -12.736 -9.187  -7.287  1.00 15.90 ? 83  LYS A CA   1 
ATOM   661  C  C    . LYS A 1 83  ? -11.362 -8.743  -7.771  1.00 14.76 ? 83  LYS A C    1 
ATOM   662  O  O    . LYS A 1 83  ? -11.204 -8.339  -8.924  1.00 15.17 ? 83  LYS A O    1 
ATOM   663  C  CB   . LYS A 1 83  ? -13.449 -8.009  -6.613  1.00 16.88 ? 83  LYS A CB   1 
ATOM   664  C  CG   . LYS A 1 83  ? -14.885 -8.286  -6.207  1.00 19.79 ? 83  LYS A CG   1 
ATOM   665  C  CD   . LYS A 1 83  ? -15.748 -8.623  -7.425  1.00 25.43 ? 83  LYS A CD   1 
ATOM   666  C  CE   . LYS A 1 83  ? -17.167 -9.014  -7.000  1.00 26.84 ? 83  LYS A CE   1 
ATOM   667  N  NZ   . LYS A 1 83  ? -17.971 -9.419  -8.191  1.00 28.93 ? 83  LYS A NZ   1 
ATOM   668  N  N    . LEU A 1 84  ? -10.362 -8.844  -6.902  1.00 13.26 ? 84  LEU A N    1 
ATOM   669  C  CA   . LEU A 1 84  ? -9.040  -8.344  -7.239  1.00 12.09 ? 84  LEU A CA   1 
ATOM   670  C  C    . LEU A 1 84  ? -8.187  -9.337  -8.014  1.00 12.18 ? 84  LEU A C    1 
ATOM   671  O  O    . LEU A 1 84  ? -7.443  -8.943  -8.914  1.00 11.62 ? 84  LEU A O    1 
ATOM   672  C  CB   . LEU A 1 84  ? -8.289  -7.892  -5.986  1.00 12.18 ? 84  LEU A CB   1 
ATOM   673  C  CG   . LEU A 1 84  ? -8.867  -6.675  -5.266  1.00 12.26 ? 84  LEU A CG   1 
ATOM   674  C  CD1  . LEU A 1 84  ? -7.981  -6.346  -4.087  1.00 10.08 ? 84  LEU A CD1  1 
ATOM   675  C  CD2  . LEU A 1 84  ? -8.969  -5.487  -6.233  1.00 11.90 ? 84  LEU A CD2  1 
ATOM   676  N  N    . LYS A 1 85  ? -8.269  -10.613 -7.659  1.00 12.32 ? 85  LYS A N    1 
ATOM   677  C  CA   . LYS A 1 85  ? -7.364  -11.601 -8.273  1.00 12.10 ? 85  LYS A CA   1 
ATOM   678  C  C    . LYS A 1 85  ? -7.383  -11.597 -9.811  1.00 12.26 ? 85  LYS A C    1 
ATOM   679  O  O    . LYS A 1 85  ? -6.321  -11.537 -10.425 1.00 12.20 ? 85  LYS A O    1 
ATOM   680  C  CB   . LYS A 1 85  ? -7.606  -13.009 -7.749  1.00 12.42 ? 85  LYS A CB   1 
ATOM   681  C  CG   . LYS A 1 85  ? -6.523  -13.980 -8.255  1.00 12.42 ? 85  LYS A CG   1 
ATOM   682  C  CD   . LYS A 1 85  ? -6.820  -15.397 -7.851  1.00 15.01 ? 85  LYS A CD   1 
ATOM   683  C  CE   . LYS A 1 85  ? -5.741  -16.327 -8.405  1.00 16.91 ? 85  LYS A CE   1 
ATOM   684  N  NZ   . LYS A 1 85  ? -5.986  -17.718 -7.950  1.00 19.41 ? 85  LYS A NZ   1 
ATOM   685  N  N    . PRO A 1 86  ? -8.577  -11.664 -10.441 1.00 12.62 ? 86  PRO A N    1 
ATOM   686  C  CA   . PRO A 1 86  ? -8.542  -11.679 -11.923 1.00 12.45 ? 86  PRO A CA   1 
ATOM   687  C  C    . PRO A 1 86  ? -7.955  -10.414 -12.553 1.00 11.95 ? 86  PRO A C    1 
ATOM   688  O  O    . PRO A 1 86  ? -7.309  -10.491 -13.596 1.00 10.99 ? 86  PRO A O    1 
ATOM   689  C  CB   . PRO A 1 86  ? -10.015 -11.836 -12.326 1.00 13.09 ? 86  PRO A CB   1 
ATOM   690  C  CG   . PRO A 1 86  ? -10.807 -11.414 -11.130 1.00 13.77 ? 86  PRO A CG   1 
ATOM   691  C  CD   . PRO A 1 86  ? -9.952  -11.766 -9.923  1.00 12.83 ? 86  PRO A CD   1 
ATOM   692  N  N    . VAL A 1 87  ? -8.168  -9.266  -11.922 1.00 10.36 ? 87  VAL A N    1 
ATOM   693  C  CA   . VAL A 1 87  ? -7.591  -8.029  -12.412 1.00 9.62  ? 87  VAL A CA   1 
ATOM   694  C  C    . VAL A 1 87  ? -6.078  -8.055  -12.252 1.00 9.30  ? 87  VAL A C    1 
ATOM   695  O  O    . VAL A 1 87  ? -5.330  -7.820  -13.194 1.00 8.94  ? 87  VAL A O    1 
ATOM   696  C  CB   . VAL A 1 87  ? -8.252  -6.776  -11.761 1.00 10.31 ? 87  VAL A CB   1 
ATOM   697  C  CG1  . VAL A 1 87  ? -7.653  -5.501  -12.340 1.00 9.00  ? 87  VAL A CG1  1 
ATOM   698  C  CG2  . VAL A 1 87  ? -9.757  -6.815  -12.005 1.00 9.69  ? 87  VAL A CG2  1 
ATOM   699  N  N    . TYR A 1 88  ? -5.627  -8.404  -11.055 1.00 9.44  ? 88  TYR A N    1 
ATOM   700  C  CA   . TYR A 1 88  ? -4.216  -8.471  -10.765 1.00 9.42  ? 88  TYR A CA   1 
ATOM   701  C  C    . TYR A 1 88  ? -3.551  -9.460  -11.741 1.00 9.32  ? 88  TYR A C    1 
ATOM   702  O  O    . TYR A 1 88  ? -2.518  -9.159  -12.342 1.00 8.96  ? 88  TYR A O    1 
ATOM   703  C  CB   . TYR A 1 88  ? -4.049  -8.938  -9.313  1.00 9.82  ? 88  TYR A CB   1 
ATOM   704  C  CG   . TYR A 1 88  ? -2.626  -9.117  -8.873  1.00 11.46 ? 88  TYR A CG   1 
ATOM   705  C  CD1  . TYR A 1 88  ? -1.877  -8.034  -8.386  1.00 11.04 ? 88  TYR A CD1  1 
ATOM   706  C  CD2  . TYR A 1 88  ? -2.025  -10.369 -8.922  1.00 13.72 ? 88  TYR A CD2  1 
ATOM   707  C  CE1  . TYR A 1 88  ? -0.570  -8.203  -7.989  1.00 13.79 ? 88  TYR A CE1  1 
ATOM   708  C  CE2  . TYR A 1 88  ? -0.711  -10.546 -8.534  1.00 14.98 ? 88  TYR A CE2  1 
ATOM   709  C  CZ   . TYR A 1 88  ? 0.011   -9.465  -8.063  1.00 15.68 ? 88  TYR A CZ   1 
ATOM   710  O  OH   . TYR A 1 88  ? 1.324   -9.651  -7.672  1.00 15.45 ? 88  TYR A OH   1 
ATOM   711  N  N    . ASP A 1 89  ? -4.158  -10.628 -11.919 1.00 9.56  ? 89  ASP A N    1 
ATOM   712  C  CA   . ASP A 1 89  ? -3.504  -11.656 -12.751 1.00 10.52 ? 89  ASP A CA   1 
ATOM   713  C  C    . ASP A 1 89  ? -3.520  -11.258 -14.227 1.00 10.25 ? 89  ASP A C    1 
ATOM   714  O  O    . ASP A 1 89  ? -2.713  -11.745 -14.998 1.00 10.78 ? 89  ASP A O    1 
ATOM   715  C  CB   . ASP A 1 89  ? -4.113  -13.033 -12.527 1.00 10.92 ? 89  ASP A CB   1 
ATOM   716  C  CG   . ASP A 1 89  ? -3.535  -13.740 -11.302 1.00 11.98 ? 89  ASP A CG   1 
ATOM   717  O  OD1  . ASP A 1 89  ? -2.559  -13.261 -10.703 1.00 12.53 ? 89  ASP A OD1  1 
ATOM   718  O  OD2  . ASP A 1 89  ? -4.062  -14.794 -10.944 1.00 12.29 ? 89  ASP A OD2  1 
ATOM   719  N  N    . SER A 1 90  ? -4.410  -10.336 -14.609 1.00 9.85  ? 90  SER A N    1 
ATOM   720  C  CA   . SER A 1 90  ? -4.421  -9.825  -15.976 1.00 9.10  ? 90  SER A CA   1 
ATOM   721  C  C    . SER A 1 90  ? -3.280  -8.874  -16.287 1.00 9.10  ? 90  SER A C    1 
ATOM   722  O  O    . SER A 1 90  ? -2.998  -8.609  -17.456 1.00 8.52  ? 90  SER A O    1 
ATOM   723  C  CB   . SER A 1 90  ? -5.744  -9.124  -16.295 1.00 10.16 ? 90  SER A CB   1 
ATOM   724  O  OG   . SER A 1 90  ? -5.781  -7.837  -15.710 1.00 8.60  ? 90  SER A OG   1 
ATOM   725  N  N    . LEU A 1 91  ? -2.685  -8.303  -15.239 1.00 8.37  ? 91  LEU A N    1 
ATOM   726  C  CA   . LEU A 1 91  ? -1.665  -7.277  -15.366 1.00 8.02  ? 91  LEU A CA   1 
ATOM   727  C  C    . LEU A 1 91  ? -0.269  -7.811  -15.622 1.00 8.95  ? 91  LEU A C    1 
ATOM   728  O  O    . LEU A 1 91  ? 0.093   -8.915  -15.186 1.00 10.22 ? 91  LEU A O    1 
ATOM   729  C  CB   . LEU A 1 91  ? -1.619  -6.403  -14.104 1.00 6.63  ? 91  LEU A CB   1 
ATOM   730  C  CG   . LEU A 1 91  ? -2.893  -5.652  -13.703 1.00 7.19  ? 91  LEU A CG   1 
ATOM   731  C  CD1  . LEU A 1 91  ? -2.664  -4.992  -12.346 1.00 7.70  ? 91  LEU A CD1  1 
ATOM   732  C  CD2  . LEU A 1 91  ? -3.282  -4.611  -14.757 1.00 6.40  ? 91  LEU A CD2  1 
ATOM   733  N  N    . ASP A 1 92  ? 0.527   -6.985  -16.286 1.00 9.40  ? 92  ASP A N    1 
ATOM   734  C  CA   . ASP A 1 92  ? 1.971   -7.178  -16.385 1.00 10.15 ? 92  ASP A CA   1 
ATOM   735  C  C    . ASP A 1 92  ? 2.629   -6.912  -15.025 1.00 10.70 ? 92  ASP A C    1 
ATOM   736  O  O    . ASP A 1 92  ? 2.002   -6.369  -14.109 1.00 9.15  ? 92  ASP A O    1 
ATOM   737  C  CB   . ASP A 1 92  ? 2.511   -6.191  -17.401 1.00 10.50 ? 92  ASP A CB   1 
ATOM   738  C  CG   . ASP A 1 92  ? 2.190   -4.756  -17.020 1.00 11.46 ? 92  ASP A CG   1 
ATOM   739  O  OD1  . ASP A 1 92  ? 3.026   -4.109  -16.351 1.00 10.32 ? 92  ASP A OD1  1 
ATOM   740  O  OD2  . ASP A 1 92  ? 1.084   -4.287  -17.375 1.00 10.77 ? 92  ASP A OD2  1 
ATOM   741  N  N    . ALA A 1 93  ? 3.911   -7.260  -14.913 1.00 11.76 ? 93  ALA A N    1 
ATOM   742  C  CA   . ALA A 1 93  ? 4.614   -7.211  -13.632 1.00 11.58 ? 93  ALA A CA   1 
ATOM   743  C  C    . ALA A 1 93  ? 4.657   -5.806  -13.012 1.00 11.35 ? 93  ALA A C    1 
ATOM   744  O  O    . ALA A 1 93  ? 4.502   -5.665  -11.793 1.00 12.04 ? 93  ALA A O    1 
ATOM   745  C  CB   . ALA A 1 93  ? 6.044   -7.771  -13.792 1.00 12.07 ? 93  ALA A CB   1 
ATOM   746  N  N    . VAL A 1 94  ? 4.864   -4.780  -13.828 1.00 10.63 ? 94  VAL A N    1 
ATOM   747  C  CA   . VAL A 1 94  ? 5.023   -3.428  -13.285 1.00 10.38 ? 94  VAL A CA   1 
ATOM   748  C  C    . VAL A 1 94  ? 3.658   -2.946  -12.752 1.00 9.84  ? 94  VAL A C    1 
ATOM   749  O  O    . VAL A 1 94  ? 3.571   -2.414  -11.635 1.00 9.06  ? 94  VAL A O    1 
ATOM   750  C  CB   . VAL A 1 94  ? 5.642   -2.444  -14.301 1.00 10.12 ? 94  VAL A CB   1 
ATOM   751  C  CG1  . VAL A 1 94  ? 5.688   -1.026  -13.709 1.00 12.28 ? 94  VAL A CG1  1 
ATOM   752  C  CG2  . VAL A 1 94  ? 7.052   -2.879  -14.698 1.00 11.18 ? 94  VAL A CG2  1 
ATOM   753  N  N    . ARG A 1 95  ? 2.592   -3.158  -13.533 1.00 8.62  ? 95  ARG A N    1 
ATOM   754  C  CA   . ARG A 1 95  ? 1.244   -2.769  -13.082 1.00 8.13  ? 95  ARG A CA   1 
ATOM   755  C  C    . ARG A 1 95  ? 0.798   -3.549  -11.841 1.00 8.27  ? 95  ARG A C    1 
ATOM   756  O  O    . ARG A 1 95  ? 0.068   -3.017  -10.991 1.00 8.53  ? 95  ARG A O    1 
ATOM   757  C  CB   . ARG A 1 95  ? 0.238   -2.849  -14.226 1.00 8.34  ? 95  ARG A CB   1 
ATOM   758  C  CG   . ARG A 1 95  ? 0.421   -1.707  -15.183 1.00 7.83  ? 95  ARG A CG   1 
ATOM   759  C  CD   . ARG A 1 95  ? -0.557  -1.798  -16.320 1.00 9.05  ? 95  ARG A CD   1 
ATOM   760  N  NE   . ARG A 1 95  ? -0.414  -0.701  -17.277 1.00 9.11  ? 95  ARG A NE   1 
ATOM   761  C  CZ   . ARG A 1 95  ? 0.258   -0.797  -18.422 1.00 11.15 ? 95  ARG A CZ   1 
ATOM   762  N  NH1  . ARG A 1 95  ? 0.864   -1.927  -18.743 1.00 8.72  ? 95  ARG A NH1  1 
ATOM   763  N  NH2  . ARG A 1 95  ? 0.321   0.225   -19.259 1.00 8.70  ? 95  ARG A NH2  1 
ATOM   764  N  N    . ARG A 1 96  ? 1.217   -4.812  -11.740 1.00 7.59  ? 96  ARG A N    1 
ATOM   765  C  CA   A ARG A 1 96  ? 0.978   -5.603  -10.526 0.50 7.64  ? 96  ARG A CA   1 
ATOM   766  C  CA   B ARG A 1 96  ? 0.978   -5.606  -10.527 0.50 8.01  ? 96  ARG A CA   1 
ATOM   767  C  C    . ARG A 1 96  ? 1.562   -4.906  -9.292  1.00 7.83  ? 96  ARG A C    1 
ATOM   768  O  O    . ARG A 1 96  ? 0.952   -4.917  -8.215  1.00 7.31  ? 96  ARG A O    1 
ATOM   769  C  CB   A ARG A 1 96  ? 1.564   -7.006  -10.672 0.50 7.47  ? 96  ARG A CB   1 
ATOM   770  C  CB   B ARG A 1 96  ? 1.560   -7.015  -10.673 0.50 8.09  ? 96  ARG A CB   1 
ATOM   771  C  CG   A ARG A 1 96  ? 0.641   -7.946  -11.434 0.50 7.34  ? 96  ARG A CG   1 
ATOM   772  C  CG   B ARG A 1 96  ? 0.783   -7.875  -11.673 0.50 9.67  ? 96  ARG A CG   1 
ATOM   773  C  CD   A ARG A 1 96  ? 1.295   -9.291  -11.668 0.50 7.37  ? 96  ARG A CD   1 
ATOM   774  C  CD   B ARG A 1 96  ? 0.825   -9.359  -11.335 0.50 12.59 ? 96  ARG A CD   1 
ATOM   775  N  NE   A ARG A 1 96  ? 0.519   -10.102 -12.601 0.50 6.32  ? 96  ARG A NE   1 
ATOM   776  N  NE   B ARG A 1 96  ? 2.174   -9.903  -11.323 0.50 14.32 ? 96  ARG A NE   1 
ATOM   777  C  CZ   A ARG A 1 96  ? 0.775   -11.378 -12.862 0.50 7.24  ? 96  ARG A CZ   1 
ATOM   778  C  CZ   B ARG A 1 96  ? 2.786   -10.402 -12.396 0.50 16.49 ? 96  ARG A CZ   1 
ATOM   779  N  NH1  A ARG A 1 96  ? 1.787   -11.982 -12.247 0.50 7.04  ? 96  ARG A NH1  1 
ATOM   780  N  NH1  B ARG A 1 96  ? 2.160   -10.429 -13.570 0.50 16.08 ? 96  ARG A NH1  1 
ATOM   781  N  NH2  A ARG A 1 96  ? 0.018   -12.048 -13.730 0.50 7.39  ? 96  ARG A NH2  1 
ATOM   782  N  NH2  B ARG A 1 96  ? 4.020   -10.881 -12.293 0.50 15.73 ? 96  ARG A NH2  1 
ATOM   783  N  N    . CYS A 1 97  ? 2.727   -4.288  -9.461  1.00 7.65  ? 97  CYS A N    1 
ATOM   784  C  CA   . CYS A 1 97  ? 3.338   -3.527  -8.352  1.00 8.32  ? 97  CYS A CA   1 
ATOM   785  C  C    . CYS A 1 97  ? 2.473   -2.353  -7.933  1.00 8.19  ? 97  CYS A C    1 
ATOM   786  O  O    . CYS A 1 97  ? 2.370   -2.052  -6.755  1.00 8.07  ? 97  CYS A O    1 
ATOM   787  C  CB   . CYS A 1 97  ? 4.721   -3.021  -8.734  1.00 7.52  ? 97  CYS A CB   1 
ATOM   788  S  SG   . CYS A 1 97  ? 5.942   -4.358  -8.824  1.00 12.18 ? 97  CYS A SG   1 
ATOM   789  N  N    . ALA A 1 98  ? 1.847   -1.694  -8.897  1.00 8.18  ? 98  ALA A N    1 
ATOM   790  C  CA   . ALA A 1 98  ? 0.936   -0.605  -8.572  1.00 8.05  ? 98  ALA A CA   1 
ATOM   791  C  C    . ALA A 1 98  ? -0.255  -1.118  -7.775  1.00 8.15  ? 98  ALA A C    1 
ATOM   792  O  O    . ALA A 1 98  ? -0.695  -0.449  -6.829  1.00 8.05  ? 98  ALA A O    1 
ATOM   793  C  CB   . ALA A 1 98  ? 0.479   0.129   -9.847  1.00 8.02  ? 98  ALA A CB   1 
ATOM   794  N  N    . ALA A 1 99  ? -0.758  -2.303  -8.139  1.00 7.37  ? 99  ALA A N    1 
ATOM   795  C  CA   . ALA A 1 99  ? -1.857  -2.935  -7.429  1.00 7.19  ? 99  ALA A CA   1 
ATOM   796  C  C    . ALA A 1 99  ? -1.451  -3.277  -5.990  1.00 7.87  ? 99  ALA A C    1 
ATOM   797  O  O    . ALA A 1 99  ? -2.209  -3.018  -5.036  1.00 7.82  ? 99  ALA A O    1 
ATOM   798  C  CB   . ALA A 1 99  ? -2.356  -4.212  -8.218  1.00 7.26  ? 99  ALA A CB   1 
ATOM   799  N  N    . ILE A 1 100 ? -0.251  -3.827  -5.827  1.00 8.04  ? 100 ILE A N    1 
ATOM   800  C  CA   . ILE A 1 100 ? 0.247   -4.143  -4.461  1.00 9.25  ? 100 ILE A CA   1 
ATOM   801  C  C    . ILE A 1 100 ? 0.367   -2.867  -3.639  1.00 8.94  ? 100 ILE A C    1 
ATOM   802  O  O    . ILE A 1 100 ? -0.021  -2.835  -2.466  1.00 9.40  ? 100 ILE A O    1 
ATOM   803  C  CB   . ILE A 1 100 ? 1.593   -4.899  -4.488  1.00 9.16  ? 100 ILE A CB   1 
ATOM   804  C  CG1  . ILE A 1 100 ? 1.414   -6.230  -5.233  1.00 10.00 ? 100 ILE A CG1  1 
ATOM   805  C  CG2  . ILE A 1 100 ? 2.102   -5.188  -3.049  1.00 8.53  ? 100 ILE A CG2  1 
ATOM   806  C  CD1  . ILE A 1 100 ? 2.720   -6.899  -5.591  1.00 10.83 ? 100 ILE A CD1  1 
ATOM   807  N  N    . ASN A 1 101 ? 0.888   -1.821  -4.274  1.00 9.42  ? 101 ASN A N    1 
ATOM   808  C  CA   . ASN A 1 101 ? 1.063   -0.532  -3.610  1.00 8.93  ? 101 ASN A CA   1 
ATOM   809  C  C    . ASN A 1 101 ? -0.286  -0.010  -3.143  1.00 9.34  ? 101 ASN A C    1 
ATOM   810  O  O    . ASN A 1 101 ? -0.441  0.373   -1.973  1.00 9.26  ? 101 ASN A O    1 
ATOM   811  C  CB   . ASN A 1 101 ? 1.719   0.473   -4.568  1.00 8.35  ? 101 ASN A CB   1 
ATOM   812  C  CG   . ASN A 1 101 ? 2.180   1.728   -3.869  1.00 8.32  ? 101 ASN A CG   1 
ATOM   813  O  OD1  . ASN A 1 101 ? 1.404   2.392   -3.162  1.00 7.41  ? 101 ASN A OD1  1 
ATOM   814  N  ND2  . ASN A 1 101 ? 3.440   2.071   -4.065  1.00 6.51  ? 101 ASN A ND2  1 
ATOM   815  N  N    . GLN A 1 102 ? -1.267  -0.003  -4.044  1.00 9.32  ? 102 GLN A N    1 
ATOM   816  C  CA   . GLN A 1 102 ? -2.583  0.523   -3.700  1.00 9.56  ? 102 GLN A CA   1 
ATOM   817  C  C    . GLN A 1 102 ? -3.222  -0.240  -2.512  1.00 10.16 ? 102 GLN A C    1 
ATOM   818  O  O    . GLN A 1 102 ? -3.736  0.369   -1.574  1.00 9.48  ? 102 GLN A O    1 
ATOM   819  C  CB   . GLN A 1 102 ? -3.505  0.528   -4.913  1.00 10.64 ? 102 GLN A CB   1 
ATOM   820  C  CG   . GLN A 1 102 ? -4.727  1.352   -4.675  1.00 11.06 ? 102 GLN A CG   1 
ATOM   821  C  CD   . GLN A 1 102 ? -5.687  1.352   -5.842  1.00 13.67 ? 102 GLN A CD   1 
ATOM   822  O  OE1  . GLN A 1 102 ? -5.448  0.715   -6.856  1.00 11.84 ? 102 GLN A OE1  1 
ATOM   823  N  NE2  . GLN A 1 102 ? -6.797  2.054   -5.684  1.00 14.95 ? 102 GLN A NE2  1 
ATOM   824  N  N    . VAL A 1 103 ? -3.147  -1.566  -2.543  1.00 9.81  ? 103 VAL A N    1 
ATOM   825  C  CA   . VAL A 1 103 ? -3.697  -2.384  -1.458  1.00 10.68 ? 103 VAL A CA   1 
ATOM   826  C  C    . VAL A 1 103 ? -2.919  -2.214  -0.142  1.00 10.54 ? 103 VAL A C    1 
ATOM   827  O  O    . VAL A 1 103 ? -3.522  -2.198  0.935   1.00 11.61 ? 103 VAL A O    1 
ATOM   828  C  CB   . VAL A 1 103 ? -3.787  -3.854  -1.890  1.00 10.87 ? 103 VAL A CB   1 
ATOM   829  C  CG1  . VAL A 1 103 ? -4.058  -4.787  -0.712  1.00 11.78 ? 103 VAL A CG1  1 
ATOM   830  C  CG2  . VAL A 1 103 ? -4.898  -3.977  -2.958  1.00 10.88 ? 103 VAL A CG2  1 
ATOM   831  N  N    . PHE A 1 104 ? -1.599  -2.099  -0.243  1.00 10.34 ? 104 PHE A N    1 
ATOM   832  C  CA   . PHE A 1 104 ? -0.736  -1.813  0.907   1.00 9.88  ? 104 PHE A CA   1 
ATOM   833  C  C    . PHE A 1 104 ? -1.227  -0.557  1.593   1.00 10.19 ? 104 PHE A C    1 
ATOM   834  O  O    . PHE A 1 104 ? -1.399  -0.543  2.823   1.00 10.09 ? 104 PHE A O    1 
ATOM   835  C  CB   . PHE A 1 104 ? 0.732   -1.634  0.473   1.00 10.41 ? 104 PHE A CB   1 
ATOM   836  C  CG   . PHE A 1 104 ? 1.704   -1.567  1.621   1.00 9.73  ? 104 PHE A CG   1 
ATOM   837  C  CD1  . PHE A 1 104 ? 2.437   -2.690  1.996   1.00 10.62 ? 104 PHE A CD1  1 
ATOM   838  C  CD2  . PHE A 1 104 ? 1.898   -0.380  2.310   1.00 9.97  ? 104 PHE A CD2  1 
ATOM   839  C  CE1  . PHE A 1 104 ? 3.359   -2.624  3.051   1.00 11.88 ? 104 PHE A CE1  1 
ATOM   840  C  CE2  . PHE A 1 104 ? 2.792   -0.306  3.375   1.00 11.64 ? 104 PHE A CE2  1 
ATOM   841  C  CZ   . PHE A 1 104 ? 3.525   -1.431  3.743   1.00 10.76 ? 104 PHE A CZ   1 
ATOM   842  N  N    . GLN A 1 105 ? -1.460  0.491   0.809   1.00 9.88  ? 105 GLN A N    1 
ATOM   843  C  CA   . GLN A 1 105 ? -1.926  1.759   1.370   1.00 10.66 ? 105 GLN A CA   1 
ATOM   844  C  C    . GLN A 1 105 ? -3.381  1.694   1.838   1.00 11.61 ? 105 GLN A C    1 
ATOM   845  O  O    . GLN A 1 105 ? -3.702  2.169   2.931   1.00 10.92 ? 105 GLN A O    1 
ATOM   846  C  CB   . GLN A 1 105 ? -1.766  2.896   0.343   1.00 10.21 ? 105 GLN A CB   1 
ATOM   847  C  CG   . GLN A 1 105 ? -2.204  4.254   0.900   1.00 10.73 ? 105 GLN A CG   1 
ATOM   848  C  CD   . GLN A 1 105 ? -2.154  5.372   -0.121  1.00 11.24 ? 105 GLN A CD   1 
ATOM   849  O  OE1  . GLN A 1 105 ? -1.830  5.162   -1.289  1.00 9.11  ? 105 GLN A OE1  1 
ATOM   850  N  NE2  . GLN A 1 105 ? -2.483  6.583   0.326   1.00 12.03 ? 105 GLN A NE2  1 
ATOM   851  N  N    . MET A 1 106 ? -4.262  1.164   0.986   1.00 11.50 ? 106 MET A N    1 
ATOM   852  C  CA   . MET A 1 106 ? -5.703  1.303   1.167   1.00 13.22 ? 106 MET A CA   1 
ATOM   853  C  C    . MET A 1 106 ? -6.412  0.097   1.762   1.00 13.08 ? 106 MET A C    1 
ATOM   854  O  O    . MET A 1 106 ? -7.581  0.204   2.135   1.00 13.18 ? 106 MET A O    1 
ATOM   855  C  CB   . MET A 1 106 ? -6.399  1.617   -0.176  1.00 13.33 ? 106 MET A CB   1 
ATOM   856  C  CG   . MET A 1 106 ? -5.945  2.884   -0.843  1.00 14.67 ? 106 MET A CG   1 
ATOM   857  S  SD   . MET A 1 106 ? -6.925  3.171   -2.330  1.00 15.57 ? 106 MET A SD   1 
ATOM   858  C  CE   . MET A 1 106 ? -8.544  3.444   -1.606  1.00 17.19 ? 106 MET A CE   1 
ATOM   859  N  N    . GLY A 1 107 ? -5.737  -1.049  1.806   1.00 12.99 ? 107 GLY A N    1 
ATOM   860  C  CA   . GLY A 1 107 ? -6.366  -2.302  2.216   1.00 13.26 ? 107 GLY A CA   1 
ATOM   861  C  C    . GLY A 1 107 ? -7.373  -2.695  1.154   1.00 13.98 ? 107 GLY A C    1 
ATOM   862  O  O    . GLY A 1 107 ? -7.262  -2.270  -0.004  1.00 13.25 ? 107 GLY A O    1 
ATOM   863  N  N    . GLU A 1 108 ? -8.376  -3.468  1.556   1.00 13.86 ? 108 GLU A N    1 
ATOM   864  C  CA   . GLU A 1 108 ? -9.362  -4.004  0.612   1.00 14.98 ? 108 GLU A CA   1 
ATOM   865  C  C    . GLU A 1 108 ? -10.789 -3.537  0.878   1.00 15.22 ? 108 GLU A C    1 
ATOM   866  O  O    . GLU A 1 108 ? -11.695 -3.885  0.133   1.00 15.55 ? 108 GLU A O    1 
ATOM   867  C  CB   . GLU A 1 108 ? -9.342  -5.528  0.634   1.00 15.68 ? 108 GLU A CB   1 
ATOM   868  C  CG   . GLU A 1 108 ? -8.059  -6.137  0.094   1.00 16.05 ? 108 GLU A CG   1 
ATOM   869  C  CD   . GLU A 1 108 ? -8.022  -7.646  0.256   1.00 17.81 ? 108 GLU A CD   1 
ATOM   870  O  OE1  . GLU A 1 108 ? -9.088  -8.299  0.177   1.00 18.25 ? 108 GLU A OE1  1 
ATOM   871  O  OE2  . GLU A 1 108 ? -6.919  -8.184  0.474   1.00 20.38 ? 108 GLU A OE2  1 
ATOM   872  N  N    . THR A 1 109 ? -11.008 -2.760  1.931   1.00 15.84 ? 109 THR A N    1 
ATOM   873  C  CA   . THR A 1 109 ? -12.398 -2.449  2.301   1.00 16.91 ? 109 THR A CA   1 
ATOM   874  C  C    . THR A 1 109 ? -13.099 -1.596  1.252   1.00 17.42 ? 109 THR A C    1 
ATOM   875  O  O    . THR A 1 109 ? -14.324 -1.660  1.124   1.00 17.43 ? 109 THR A O    1 
ATOM   876  C  CB   . THR A 1 109 ? -12.524 -1.802  3.686   1.00 17.62 ? 109 THR A CB   1 
ATOM   877  O  OG1  . THR A 1 109 ? -11.799 -0.566  3.698   1.00 17.99 ? 109 THR A OG1  1 
ATOM   878  C  CG2  . THR A 1 109 ? -11.978 -2.749  4.752   1.00 17.05 ? 109 THR A CG2  1 
ATOM   879  N  N    . GLY A 1 110 ? -12.325 -0.835  0.477   1.00 16.37 ? 110 GLY A N    1 
ATOM   880  C  CA   . GLY A 1 110 ? -12.898 0.049   -0.540  1.00 16.89 ? 110 GLY A CA   1 
ATOM   881  C  C    . GLY A 1 110 ? -12.866 -0.479  -1.966  1.00 16.97 ? 110 GLY A C    1 
ATOM   882  O  O    . GLY A 1 110 ? -13.057 0.282   -2.926  1.00 17.38 ? 110 GLY A O    1 
ATOM   883  N  N    . VAL A 1 111 ? -12.634 -1.782  -2.116  1.00 17.12 ? 111 VAL A N    1 
ATOM   884  C  CA   . VAL A 1 111 ? -12.575 -2.403  -3.439  1.00 16.58 ? 111 VAL A CA   1 
ATOM   885  C  C    . VAL A 1 111 ? -13.825 -2.153  -4.282  1.00 16.81 ? 111 VAL A C    1 
ATOM   886  O  O    . VAL A 1 111 ? -13.706 -1.839  -5.471  1.00 17.66 ? 111 VAL A O    1 
ATOM   887  C  CB   . VAL A 1 111 ? -12.217 -3.922  -3.335  1.00 16.98 ? 111 VAL A CB   1 
ATOM   888  C  CG1  . VAL A 1 111 ? -12.535 -4.681  -4.624  1.00 16.92 ? 111 VAL A CG1  1 
ATOM   889  C  CG2  . VAL A 1 111 ? -10.763 -4.065  -2.971  1.00 16.56 ? 111 VAL A CG2  1 
ATOM   890  N  N    . ALA A 1 112 ? -15.012 -2.262  -3.684  1.00 16.05 ? 112 ALA A N    1 
ATOM   891  C  CA   . ALA A 1 112 ? -16.255 -2.104  -4.454  1.00 16.01 ? 112 ALA A CA   1 
ATOM   892  C  C    . ALA A 1 112 ? -16.390 -0.710  -5.067  1.00 15.72 ? 112 ALA A C    1 
ATOM   893  O  O    . ALA A 1 112 ? -16.942 -0.557  -6.164  1.00 15.87 ? 112 ALA A O    1 
ATOM   894  C  CB   . ALA A 1 112 ? -17.489 -2.450  -3.611  1.00 16.15 ? 112 ALA A CB   1 
ATOM   895  N  N    . GLY A 1 113 ? -15.908 0.304   -4.352  1.00 14.93 ? 113 GLY A N    1 
ATOM   896  C  CA   . GLY A 1 113 ? -15.843 1.652   -4.901  1.00 13.91 ? 113 GLY A CA   1 
ATOM   897  C  C    . GLY A 1 113 ? -15.023 1.747   -6.183  1.00 13.26 ? 113 GLY A C    1 
ATOM   898  O  O    . GLY A 1 113 ? -15.276 2.600   -7.052  1.00 13.04 ? 113 GLY A O    1 
ATOM   899  N  N    . PHE A 1 114 ? -14.044 0.864   -6.322  1.00 12.93 ? 114 PHE A N    1 
ATOM   900  C  CA   . PHE A 1 114 ? -13.146 0.914   -7.473  1.00 12.59 ? 114 PHE A CA   1 
ATOM   901  C  C    . PHE A 1 114 ? -13.552 -0.061  -8.588  1.00 12.65 ? 114 PHE A C    1 
ATOM   902  O  O    . PHE A 1 114 ? -12.773 -0.301  -9.509  1.00 12.51 ? 114 PHE A O    1 
ATOM   903  C  CB   . PHE A 1 114 ? -11.696 0.679   -7.030  1.00 12.34 ? 114 PHE A CB   1 
ATOM   904  C  CG   . PHE A 1 114 ? -11.055 1.874   -6.384  1.00 11.71 ? 114 PHE A CG   1 
ATOM   905  C  CD1  . PHE A 1 114 ? -10.094 2.611   -7.066  1.00 12.54 ? 114 PHE A CD1  1 
ATOM   906  C  CD2  . PHE A 1 114 ? -11.431 2.285   -5.100  1.00 11.12 ? 114 PHE A CD2  1 
ATOM   907  C  CE1  . PHE A 1 114 ? -9.491  3.734   -6.477  1.00 12.64 ? 114 PHE A CE1  1 
ATOM   908  C  CE2  . PHE A 1 114 ? -10.840 3.414   -4.510  1.00 10.13 ? 114 PHE A CE2  1 
ATOM   909  C  CZ   . PHE A 1 114 ? -9.874  4.132   -5.200  1.00 10.79 ? 114 PHE A CZ   1 
ATOM   910  N  N    . THR A 1 115 ? -14.780 -0.570  -8.522  1.00 12.09 ? 115 THR A N    1 
ATOM   911  C  CA   . THR A 1 115 ? -15.325 -1.467  -9.556  1.00 12.58 ? 115 THR A CA   1 
ATOM   912  C  C    . THR A 1 115 ? -15.052 -0.980  -10.978 1.00 12.36 ? 115 THR A C    1 
ATOM   913  O  O    . THR A 1 115 ? -14.566 -1.748  -11.810 1.00 12.25 ? 115 THR A O    1 
ATOM   914  C  CB   . THR A 1 115 ? -16.839 -1.690  -9.359  1.00 12.91 ? 115 THR A CB   1 
ATOM   915  O  OG1  . THR A 1 115 ? -17.041 -2.371  -8.114  1.00 13.65 ? 115 THR A OG1  1 
ATOM   916  C  CG2  . THR A 1 115 ? -17.409 -2.537  -10.486 1.00 13.33 ? 115 THR A CG2  1 
ATOM   917  N  N    . ASN A 1 116 ? -15.340 0.294   -11.255 1.00 11.50 ? 116 ASN A N    1 
ATOM   918  C  CA   . ASN A 1 116 ? -15.133 0.835   -12.598 1.00 11.39 ? 116 ASN A CA   1 
ATOM   919  C  C    . ASN A 1 116 ? -13.661 0.918   -13.003 1.00 10.18 ? 116 ASN A C    1 
ATOM   920  O  O    . ASN A 1 116 ? -13.302 0.529   -14.121 1.00 9.40  ? 116 ASN A O    1 
ATOM   921  C  CB   . ASN A 1 116 ? -15.876 2.172   -12.768 1.00 11.66 ? 116 ASN A CB   1 
ATOM   922  C  CG   . ASN A 1 116 ? -17.350 2.036   -12.439 1.00 14.82 ? 116 ASN A CG   1 
ATOM   923  O  OD1  . ASN A 1 116 ? -18.006 1.086   -12.896 1.00 16.70 ? 116 ASN A OD1  1 
ATOM   924  N  ND2  . ASN A 1 116 ? -17.876 2.950   -11.616 1.00 14.73 ? 116 ASN A ND2  1 
ATOM   925  N  N    . SER A 1 117 ? -12.803 1.371   -12.090 1.00 9.44  ? 117 SER A N    1 
ATOM   926  C  CA   . SER A 1 117 ? -11.351 1.403   -12.343 1.00 9.42  ? 117 SER A CA   1 
ATOM   927  C  C    . SER A 1 117 ? -10.823 -0.002  -12.627 1.00 8.85  ? 117 SER A C    1 
ATOM   928  O  O    . SER A 1 117 ? -10.035 -0.216  -13.545 1.00 8.31  ? 117 SER A O    1 
ATOM   929  C  CB   . SER A 1 117 ? -10.601 1.929   -11.116 1.00 9.57  ? 117 SER A CB   1 
ATOM   930  O  OG   . SER A 1 117 ? -10.688 3.336   -11.049 1.00 14.32 ? 117 SER A OG   1 
ATOM   931  N  N    . LEU A 1 118 ? -11.247 -0.959  -11.804 1.00 9.01  ? 118 LEU A N    1 
ATOM   932  C  CA   . LEU A 1 118 ? -10.810 -2.345  -11.941 1.00 9.09  ? 118 LEU A CA   1 
ATOM   933  C  C    . LEU A 1 118 ? -11.226 -2.944  -13.277 1.00 9.26  ? 118 LEU A C    1 
ATOM   934  O  O    . LEU A 1 118 ? -10.440 -3.673  -13.906 1.00 9.17  ? 118 LEU A O    1 
ATOM   935  C  CB   . LEU A 1 118 ? -11.354 -3.196  -10.782 1.00 9.31  ? 118 LEU A CB   1 
ATOM   936  C  CG   . LEU A 1 118 ? -10.782 -2.845  -9.398  1.00 10.10 ? 118 LEU A CG   1 
ATOM   937  C  CD1  . LEU A 1 118 ? -11.623 -3.518  -8.332  1.00 12.05 ? 118 LEU A CD1  1 
ATOM   938  C  CD2  . LEU A 1 118 ? -9.327  -3.239  -9.269  1.00 11.49 ? 118 LEU A CD2  1 
ATOM   939  N  N    . ARG A 1 119 ? -12.446 -2.640  -13.715 1.00 9.06  ? 119 ARG A N    1 
ATOM   940  C  CA   . ARG A 1 119 ? -12.920 -3.133  -15.018 1.00 9.53  ? 119 ARG A CA   1 
ATOM   941  C  C    . ARG A 1 119 ? -12.031 -2.553  -16.124 1.00 9.79  ? 119 ARG A C    1 
ATOM   942  O  O    . ARG A 1 119 ? -11.562 -3.287  -16.999 1.00 8.43  ? 119 ARG A O    1 
ATOM   943  C  CB   . ARG A 1 119 ? -14.396 -2.819  -15.258 1.00 9.98  ? 119 ARG A CB   1 
ATOM   944  C  CG   . ARG A 1 119 ? -14.921 -3.363  -16.616 1.00 12.14 ? 119 ARG A CG   1 
ATOM   945  C  CD   . ARG A 1 119 ? -16.297 -2.811  -16.931 1.00 17.83 ? 119 ARG A CD   1 
ATOM   946  N  NE   . ARG A 1 119 ? -16.240 -1.353  -16.975 0.50 19.78 ? 119 ARG A NE   1 
ATOM   947  C  CZ   . ARG A 1 119 ? -16.712 -0.546  -16.030 1.00 23.79 ? 119 ARG A CZ   1 
ATOM   948  N  NH1  . ARG A 1 119 ? -17.340 -1.039  -14.962 1.00 21.69 ? 119 ARG A NH1  1 
ATOM   949  N  NH2  . ARG A 1 119 ? -16.563 0.765   -16.169 1.00 25.96 ? 119 ARG A NH2  1 
ATOM   950  N  N    . MET A 1 120 ? -11.756 -1.246  -16.051 1.00 9.46  ? 120 MET A N    1 
ATOM   951  C  CA   . MET A 1 120 ? -10.907 -0.598  -17.044 1.00 10.17 ? 120 MET A CA   1 
ATOM   952  C  C    . MET A 1 120 ? -9.469  -1.139  -17.046 1.00 9.05  ? 120 MET A C    1 
ATOM   953  O  O    . MET A 1 120 ? -8.860  -1.315  -18.107 1.00 9.47  ? 120 MET A O    1 
ATOM   954  C  CB   . MET A 1 120 ? -10.921 0.922   -16.876 1.00 10.04 ? 120 MET A CB   1 
ATOM   955  C  CG   . MET A 1 120 ? -12.272 1.566   -17.185 1.00 12.34 ? 120 MET A CG   1 
ATOM   956  S  SD   . MET A 1 120 ? -12.215 3.248   -16.560 1.00 13.82 ? 120 MET A SD   1 
ATOM   957  C  CE   . MET A 1 120 ? -13.926 3.576   -16.195 1.00 14.55 ? 120 MET A CE   1 
ATOM   958  N  N    . LEU A 1 121 ? -8.930  -1.418  -15.863 1.00 8.06  ? 121 LEU A N    1 
ATOM   959  C  CA   . LEU A 1 121 ? -7.614  -2.041  -15.766 1.00 7.97  ? 121 LEU A CA   1 
ATOM   960  C  C    . LEU A 1 121 ? -7.621  -3.414  -16.417 1.00 8.32  ? 121 LEU A C    1 
ATOM   961  O  O    . LEU A 1 121 ? -6.701  -3.739  -17.182 1.00 9.14  ? 121 LEU A O    1 
ATOM   962  C  CB   . LEU A 1 121 ? -7.138  -2.138  -14.303 1.00 7.64  ? 121 LEU A CB   1 
ATOM   963  C  CG   . LEU A 1 121 ? -6.735  -0.809  -13.628 1.00 6.96  ? 121 LEU A CG   1 
ATOM   964  C  CD1  . LEU A 1 121 ? -6.521  -1.029  -12.137 1.00 11.57 ? 121 LEU A CD1  1 
ATOM   965  C  CD2  . LEU A 1 121 ? -5.467  -0.173  -14.231 1.00 7.65  ? 121 LEU A CD2  1 
ATOM   966  N  N    . GLN A 1 122 ? -8.632  -4.223  -16.119 1.00 7.89  ? 122 GLN A N    1 
ATOM   967  C  CA   . GLN A 1 122 ? -8.690  -5.561  -16.737 1.00 9.76  ? 122 GLN A CA   1 
ATOM   968  C  C    . GLN A 1 122 ? -8.845  -5.477  -18.258 1.00 9.94  ? 122 GLN A C    1 
ATOM   969  O  O    . GLN A 1 122 ? -8.280  -6.302  -19.021 1.00 9.75  ? 122 GLN A O    1 
ATOM   970  C  CB   . GLN A 1 122 ? -9.772  -6.440  -16.104 1.00 10.84 ? 122 GLN A CB   1 
ATOM   971  C  CG   . GLN A 1 122 ? -9.659  -7.885  -16.604 1.00 14.19 ? 122 GLN A CG   1 
ATOM   972  C  CD   . GLN A 1 122 ? -10.503 -8.867  -15.845 1.00 17.89 ? 122 GLN A CD   1 
ATOM   973  O  OE1  . GLN A 1 122 ? -11.167 -8.520  -14.871 1.00 22.22 ? 122 GLN A OE1  1 
ATOM   974  N  NE2  . GLN A 1 122 ? -10.501 -10.117 -16.307 1.00 22.07 ? 122 GLN A NE2  1 
ATOM   975  N  N    . GLN A 1 123 ? -9.577  -4.455  -18.700 1.00 9.61  ? 123 GLN A N    1 
ATOM   976  C  CA   . GLN A 1 123 ? -9.751  -4.211  -20.127 1.00 10.09 ? 123 GLN A CA   1 
ATOM   977  C  C    . GLN A 1 123 ? -8.513  -3.611  -20.777 1.00 9.09  ? 123 GLN A C    1 
ATOM   978  O  O    . GLN A 1 123 ? -8.479  -3.468  -22.003 1.00 9.06  ? 123 GLN A O    1 
ATOM   979  C  CB   . GLN A 1 123 ? -10.947 -3.282  -20.349 1.00 10.66 ? 123 GLN A CB   1 
ATOM   980  C  CG   . GLN A 1 123 ? -12.309 -3.891  -20.000 1.00 13.43 ? 123 GLN A CG   1 
ATOM   981  C  CD   . GLN A 1 123 ? -13.407 -2.863  -20.123 1.00 17.28 ? 123 GLN A CD   1 
ATOM   982  O  OE1  . GLN A 1 123 ? -13.303 -1.765  -19.571 1.00 16.86 ? 123 GLN A OE1  1 
ATOM   983  N  NE2  . GLN A 1 123 ? -14.464 -3.202  -20.851 1.00 19.77 ? 123 GLN A NE2  1 
ATOM   984  N  N    . LYS A 1 124 ? -7.512  -3.233  -19.971 1.00 7.83  ? 124 LYS A N    1 
ATOM   985  C  CA   . LYS A 1 124 ? -6.316  -2.526  -20.447 1.00 7.87  ? 124 LYS A CA   1 
ATOM   986  C  C    . LYS A 1 124 ? -6.636  -1.196  -21.137 1.00 7.58  ? 124 LYS A C    1 
ATOM   987  O  O    . LYS A 1 124 ? -5.937  -0.763  -22.061 1.00 7.49  ? 124 LYS A O    1 
ATOM   988  C  CB   . LYS A 1 124 ? -5.416  -3.420  -21.341 1.00 7.71  ? 124 LYS A CB   1 
ATOM   989  C  CG   . LYS A 1 124 ? -5.166  -4.793  -20.706 1.00 8.40  ? 124 LYS A CG   1 
ATOM   990  C  CD   . LYS A 1 124 ? -3.921  -5.464  -21.352 1.00 8.50  ? 124 LYS A CD   1 
ATOM   991  C  CE   . LYS A 1 124 ? -3.656  -6.800  -20.679 1.00 7.74  ? 124 LYS A CE   1 
ATOM   992  N  NZ   . LYS A 1 124 ? -3.109  -6.580  -19.285 1.00 7.72  ? 124 LYS A NZ   1 
ATOM   993  N  N    . ARG A 1 125 ? -7.680  -0.539  -20.648 1.00 7.53  ? 125 ARG A N    1 
ATOM   994  C  CA   . ARG A 1 125 ? -7.995  0.819   -21.075 1.00 7.76  ? 125 ARG A CA   1 
ATOM   995  C  C    . ARG A 1 125 ? -7.248  1.756   -20.135 1.00 8.05  ? 125 ARG A C    1 
ATOM   996  O  O    . ARG A 1 125 ? -7.835  2.326   -19.204 1.00 7.43  ? 125 ARG A O    1 
ATOM   997  C  CB   . ARG A 1 125 ? -9.501  1.035   -21.008 1.00 8.58  ? 125 ARG A CB   1 
ATOM   998  C  CG   . ARG A 1 125 ? -10.204 0.178   -22.048 1.00 11.40 ? 125 ARG A CG   1 
ATOM   999  C  CD   . ARG A 1 125 ? -11.691 0.262   -21.944 1.00 14.17 ? 125 ARG A CD   1 
ATOM   1000 N  NE   . ARG A 1 125 ? -12.243 -0.631  -22.951 1.00 17.21 ? 125 ARG A NE   1 
ATOM   1001 C  CZ   . ARG A 1 125 ? -13.506 -0.620  -23.334 1.00 18.98 ? 125 ARG A CZ   1 
ATOM   1002 N  NH1  . ARG A 1 125 ? -14.344 0.235   -22.781 1.00 20.43 ? 125 ARG A NH1  1 
ATOM   1003 N  NH2  . ARG A 1 125 ? -13.917 -1.468  -24.268 1.00 19.95 ? 125 ARG A NH2  1 
ATOM   1004 N  N    . TRP A 1 126 ? -5.954  1.917   -20.394 1.00 7.78  ? 126 TRP A N    1 
ATOM   1005 C  CA   . TRP A 1 126 ? -5.060  2.508   -19.391 1.00 8.62  ? 126 TRP A CA   1 
ATOM   1006 C  C    . TRP A 1 126 ? -5.333  3.967   -19.064 1.00 9.01  ? 126 TRP A C    1 
ATOM   1007 O  O    . TRP A 1 126 ? -5.283  4.358   -17.903 1.00 9.41  ? 126 TRP A O    1 
ATOM   1008 C  CB   . TRP A 1 126 ? -3.614  2.361   -19.818 1.00 8.35  ? 126 TRP A CB   1 
ATOM   1009 C  CG   . TRP A 1 126 ? -3.191  0.919   -20.080 1.00 9.43  ? 126 TRP A CG   1 
ATOM   1010 C  CD1  . TRP A 1 126 ? -2.586  0.444   -21.217 1.00 8.78  ? 126 TRP A CD1  1 
ATOM   1011 C  CD2  . TRP A 1 126 ? -3.369  -0.215  -19.217 1.00 8.33  ? 126 TRP A CD2  1 
ATOM   1012 N  NE1  . TRP A 1 126 ? -2.348  -0.906  -21.099 1.00 6.60  ? 126 TRP A NE1  1 
ATOM   1013 C  CE2  . TRP A 1 126 ? -2.810  -1.336  -19.882 1.00 7.87  ? 126 TRP A CE2  1 
ATOM   1014 C  CE3  . TRP A 1 126 ? -3.911  -0.389  -17.931 1.00 8.77  ? 126 TRP A CE3  1 
ATOM   1015 C  CZ2  . TRP A 1 126 ? -2.776  -2.610  -19.305 1.00 9.13  ? 126 TRP A CZ2  1 
ATOM   1016 C  CZ3  . TRP A 1 126 ? -3.902  -1.652  -17.360 1.00 8.07  ? 126 TRP A CZ3  1 
ATOM   1017 C  CH2  . TRP A 1 126 ? -3.330  -2.758  -18.048 1.00 9.88  ? 126 TRP A CH2  1 
ATOM   1018 N  N    . ASP A 1 127 ? -5.589  4.788   -20.075 1.00 8.94  ? 127 ASP A N    1 
ATOM   1019 C  CA   . ASP A 1 127 ? -5.801  6.217   -19.815 1.00 9.82  ? 127 ASP A CA   1 
ATOM   1020 C  C    . ASP A 1 127 ? -7.148  6.406   -19.120 1.00 9.79  ? 127 ASP A C    1 
ATOM   1021 O  O    . ASP A 1 127 ? -7.270  7.239   -18.214 1.00 10.38 ? 127 ASP A O    1 
ATOM   1022 C  CB   . ASP A 1 127 ? -5.767  7.031   -21.106 1.00 9.56  ? 127 ASP A CB   1 
ATOM   1023 C  CG   . ASP A 1 127 ? -4.368  7.269   -21.609 1.00 11.61 ? 127 ASP A CG   1 
ATOM   1024 O  OD1  . ASP A 1 127 ? -3.437  6.562   -21.182 1.00 10.70 ? 127 ASP A OD1  1 
ATOM   1025 O  OD2  . ASP A 1 127 ? -4.195  8.173   -22.468 1.00 12.13 ? 127 ASP A OD2  1 
ATOM   1026 N  N    . GLU A 1 128 ? -8.150  5.630   -19.537 1.00 9.19  ? 128 GLU A N    1 
ATOM   1027 C  CA   . GLU A 1 128 ? -9.467  5.663   -18.906 1.00 9.03  ? 128 GLU A CA   1 
ATOM   1028 C  C    . GLU A 1 128 ? -9.407  5.209   -17.450 1.00 9.44  ? 128 GLU A C    1 
ATOM   1029 O  O    . GLU A 1 128 ? -9.994  5.862   -16.551 1.00 8.32  ? 128 GLU A O    1 
ATOM   1030 C  CB   . GLU A 1 128 ? -10.472 4.824   -19.694 1.00 9.84  ? 128 GLU A CB   1 
ATOM   1031 C  CG   . GLU A 1 128 ? -10.905 5.499   -20.988 1.00 11.08 ? 128 GLU A CG   1 
ATOM   1032 C  CD   . GLU A 1 128 ? -11.527 4.507   -21.939 1.00 17.83 ? 128 GLU A CD   1 
ATOM   1033 O  OE1  . GLU A 1 128 ? -12.771 4.393   -21.930 1.00 19.31 ? 128 GLU A OE1  1 
ATOM   1034 O  OE2  . GLU A 1 128 ? -10.771 3.831   -22.672 1.00 16.87 ? 128 GLU A OE2  1 
ATOM   1035 N  N    . ALA A 1 129 ? -8.680  4.114   -17.215 1.00 7.50  ? 129 ALA A N    1 
ATOM   1036 C  CA   . ALA A 1 129 ? -8.467  3.628   -15.858 1.00 7.45  ? 129 ALA A CA   1 
ATOM   1037 C  C    . ALA A 1 129 ? -7.840  4.722   -15.011 1.00 7.91  ? 129 ALA A C    1 
ATOM   1038 O  O    . ALA A 1 129 ? -8.290  4.991   -13.884 1.00 7.50  ? 129 ALA A O    1 
ATOM   1039 C  CB   . ALA A 1 129 ? -7.572  2.384   -15.869 1.00 7.81  ? 129 ALA A CB   1 
ATOM   1040 N  N    . ALA A 1 130 ? -6.808  5.363   -15.552 1.00 7.77  ? 130 ALA A N    1 
ATOM   1041 C  CA   . ALA A 1 130 ? -6.061  6.376   -14.801 1.00 8.20  ? 130 ALA A CA   1 
ATOM   1042 C  C    . ALA A 1 130 ? -6.947  7.582   -14.467 1.00 8.64  ? 130 ALA A C    1 
ATOM   1043 O  O    . ALA A 1 130 ? -6.880  8.132   -13.365 1.00 8.16  ? 130 ALA A O    1 
ATOM   1044 C  CB   . ALA A 1 130 ? -4.806  6.811   -15.580 1.00 7.48  ? 130 ALA A CB   1 
ATOM   1045 N  N    . VAL A 1 131 ? -7.765  8.006   -15.425 1.00 8.38  ? 131 VAL A N    1 
ATOM   1046 C  CA   . VAL A 1 131 ? -8.727  9.077   -15.146 1.00 8.69  ? 131 VAL A CA   1 
ATOM   1047 C  C    . VAL A 1 131 ? -9.711  8.648   -14.060 1.00 9.02  ? 131 VAL A C    1 
ATOM   1048 O  O    . VAL A 1 131 ? -9.999  9.400   -13.135 1.00 9.48  ? 131 VAL A O    1 
ATOM   1049 C  CB   . VAL A 1 131 ? -9.486  9.495   -16.427 1.00 8.53  ? 131 VAL A CB   1 
ATOM   1050 C  CG1  . VAL A 1 131 ? -10.722 10.358  -16.090 1.00 9.89  ? 131 VAL A CG1  1 
ATOM   1051 C  CG2  . VAL A 1 131 ? -8.557  10.229  -17.348 1.00 8.57  ? 131 VAL A CG2  1 
ATOM   1052 N  N    . ASN A 1 132 ? -10.238 7.438   -14.172 1.00 8.62  ? 132 ASN A N    1 
ATOM   1053 C  CA   . ASN A 1 132 ? -11.171 6.966   -13.142 1.00 8.95  ? 132 ASN A CA   1 
ATOM   1054 C  C    . ASN A 1 132 ? -10.519 6.838   -11.745 1.00 9.15  ? 132 ASN A C    1 
ATOM   1055 O  O    . ASN A 1 132 ? -11.120 7.233   -10.726 1.00 9.37  ? 132 ASN A O    1 
ATOM   1056 C  CB   . ASN A 1 132 ? -11.811 5.646   -13.563 1.00 9.62  ? 132 ASN A CB   1 
ATOM   1057 C  CG   . ASN A 1 132 ? -12.947 5.268   -12.668 1.00 8.87  ? 132 ASN A CG   1 
ATOM   1058 O  OD1  . ASN A 1 132 ? -12.764 4.598   -11.661 1.00 10.68 ? 132 ASN A OD1  1 
ATOM   1059 N  ND2  . ASN A 1 132 ? -14.111 5.770   -12.980 1.00 10.35 ? 132 ASN A ND2  1 
ATOM   1060 N  N    . LEU A 1 133 ? -9.293  6.324   -11.696 1.00 7.44  ? 133 LEU A N    1 
ATOM   1061 C  CA   . LEU A 1 133 ? -8.618  6.123   -10.409 1.00 8.15  ? 133 LEU A CA   1 
ATOM   1062 C  C    . LEU A 1 133 ? -8.440  7.433   -9.644  1.00 8.49  ? 133 LEU A C    1 
ATOM   1063 O  O    . LEU A 1 133 ? -8.449  7.433   -8.413  1.00 9.43  ? 133 LEU A O    1 
ATOM   1064 C  CB   . LEU A 1 133 ? -7.260  5.459   -10.605 1.00 7.73  ? 133 LEU A CB   1 
ATOM   1065 C  CG   . LEU A 1 133 ? -7.287  3.960   -10.929 1.00 7.71  ? 133 LEU A CG   1 
ATOM   1066 C  CD1  . LEU A 1 133 ? -5.951  3.549   -11.553 1.00 7.25  ? 133 LEU A CD1  1 
ATOM   1067 C  CD2  . LEU A 1 133 ? -7.599  3.137   -9.665  1.00 7.39  ? 133 LEU A CD2  1 
ATOM   1068 N  N    . ALA A 1 134 ? -8.263  8.529   -10.390 1.00 8.37  ? 134 ALA A N    1 
ATOM   1069 C  CA   . ALA A 1 134 ? -7.994  9.847   -9.794  1.00 8.81  ? 134 ALA A CA   1 
ATOM   1070 C  C    . ALA A 1 134 ? -9.245  10.500  -9.219  1.00 8.97  ? 134 ALA A C    1 
ATOM   1071 O  O    . ALA A 1 134 ? -9.148  11.455  -8.435  1.00 9.56  ? 134 ALA A O    1 
ATOM   1072 C  CB   . ALA A 1 134 ? -7.320  10.767  -10.785 1.00 8.10  ? 134 ALA A CB   1 
ATOM   1073 N  N    . LYS A 1 135 ? -10.410 9.964   -9.567  1.00 8.95  ? 135 LYS A N    1 
ATOM   1074 C  CA   . LYS A 1 135 ? -11.683 10.488  -9.068  1.00 9.09  ? 135 LYS A CA   1 
ATOM   1075 C  C    . LYS A 1 135 ? -11.985 9.788   -7.764  1.00 8.29  ? 135 LYS A C    1 
ATOM   1076 O  O    . LYS A 1 135 ? -12.897 8.959   -7.690  1.00 7.97  ? 135 LYS A O    1 
ATOM   1077 C  CB   . LYS A 1 135 ? -12.795 10.261  -10.091 1.00 9.82  ? 135 LYS A CB   1 
ATOM   1078 C  CG   . LYS A 1 135 ? -12.595 11.083  -11.345 1.00 11.66 ? 135 LYS A CG   1 
ATOM   1079 C  CD   . LYS A 1 135 ? -13.821 11.102  -12.190 1.00 18.51 ? 135 LYS A CD   1 
ATOM   1080 C  CE   . LYS A 1 135 ? -13.879 9.915   -13.092 1.00 20.76 ? 135 LYS A CE   1 
ATOM   1081 N  NZ   . LYS A 1 135 ? -14.675 10.263  -14.320 0.50 21.28 ? 135 LYS A NZ   1 
ATOM   1082 N  N    . SER A 1 136 ? -11.177 10.089  -6.744  1.00 7.18  ? 136 SER A N    1 
ATOM   1083 C  CA   . SER A 1 136 ? -11.229 9.313   -5.515  1.00 7.44  ? 136 SER A CA   1 
ATOM   1084 C  C    . SER A 1 136 ? -10.750 10.124  -4.324  1.00 7.58  ? 136 SER A C    1 
ATOM   1085 O  O    . SER A 1 136 ? -9.919  11.028  -4.460  1.00 7.10  ? 136 SER A O    1 
ATOM   1086 C  CB   . SER A 1 136 ? -10.366 8.043   -5.655  1.00 6.72  ? 136 SER A CB   1 
ATOM   1087 O  OG   . SER A 1 136 ? -9.005  8.382   -5.904  1.00 7.46  ? 136 SER A OG   1 
ATOM   1088 N  N    . ARG A 1 137 ? -11.310 9.804   -3.167  1.00 8.02  ? 137 ARG A N    1 
ATOM   1089 C  CA   . ARG A 1 137 ? -10.763 10.291  -1.923  1.00 8.71  ? 137 ARG A CA   1 
ATOM   1090 C  C    . ARG A 1 137 ? -9.281  9.972   -1.864  1.00 8.76  ? 137 ARG A C    1 
ATOM   1091 O  O    . ARG A 1 137 ? -8.480  10.801  -1.476  1.00 8.58  ? 137 ARG A O    1 
ATOM   1092 C  CB   . ARG A 1 137 ? -11.456 9.636   -0.731  1.00 8.87  ? 137 ARG A CB   1 
ATOM   1093 C  CG   . ARG A 1 137 ? -10.933 10.253  0.560   1.00 11.32 ? 137 ARG A CG   1 
ATOM   1094 C  CD   . ARG A 1 137 ? -11.337 9.499   1.798   1.00 15.44 ? 137 ARG A CD   1 
ATOM   1095 N  NE   . ARG A 1 137 ? -10.828 10.230  2.956   1.00 17.40 ? 137 ARG A NE   1 
ATOM   1096 C  CZ   . ARG A 1 137 ? -9.671  9.972   3.564   1.00 19.46 ? 137 ARG A CZ   1 
ATOM   1097 N  NH1  . ARG A 1 137 ? -8.895  8.979   3.137   1.00 18.06 ? 137 ARG A NH1  1 
ATOM   1098 N  NH2  . ARG A 1 137 ? -9.289  10.720  4.607   1.00 16.81 ? 137 ARG A NH2  1 
ATOM   1099 N  N    . TRP A 1 138 ? -8.917  8.752   -2.262  1.00 8.95  ? 138 TRP A N    1 
ATOM   1100 C  CA   . TRP A 1 138 ? -7.522  8.347   -2.306  1.00 8.79  ? 138 TRP A CA   1 
ATOM   1101 C  C    . TRP A 1 138 ? -6.639  9.388   -2.973  1.00 9.55  ? 138 TRP A C    1 
ATOM   1102 O  O    . TRP A 1 138 ? -5.653  9.875   -2.391  1.00 9.04  ? 138 TRP A O    1 
ATOM   1103 C  CB   . TRP A 1 138 ? -7.432  7.021   -3.074  1.00 9.21  ? 138 TRP A CB   1 
ATOM   1104 C  CG   . TRP A 1 138 ? -6.000  6.546   -3.356  1.00 11.33 ? 138 TRP A CG   1 
ATOM   1105 C  CD1  . TRP A 1 138 ? -4.964  6.447   -2.463  1.00 10.72 ? 138 TRP A CD1  1 
ATOM   1106 C  CD2  . TRP A 1 138 ? -5.508  6.055   -4.604  1.00 10.09 ? 138 TRP A CD2  1 
ATOM   1107 N  NE1  . TRP A 1 138 ? -3.831  5.937   -3.098  1.00 11.28 ? 138 TRP A NE1  1 
ATOM   1108 C  CE2  . TRP A 1 138 ? -4.149  5.686   -4.411  1.00 11.69 ? 138 TRP A CE2  1 
ATOM   1109 C  CE3  . TRP A 1 138 ? -6.078  5.903   -5.876  1.00 12.19 ? 138 TRP A CE3  1 
ATOM   1110 C  CZ2  . TRP A 1 138 ? -3.356  5.170   -5.447  1.00 10.95 ? 138 TRP A CZ2  1 
ATOM   1111 C  CZ3  . TRP A 1 138 ? -5.282  5.391   -6.910  1.00 11.10 ? 138 TRP A CZ3  1 
ATOM   1112 C  CH2  . TRP A 1 138 ? -3.940  5.031   -6.682  1.00 11.21 ? 138 TRP A CH2  1 
ATOM   1113 N  N    . TYR A 1 139 ? -6.989  9.727   -4.205  1.00 9.15  ? 139 TYR A N    1 
ATOM   1114 C  CA   . TYR A 1 139 ? -6.212  10.686  -4.966  1.00 10.00 ? 139 TYR A CA   1 
ATOM   1115 C  C    . TYR A 1 139 ? -6.192  12.042  -4.256  1.00 10.05 ? 139 TYR A C    1 
ATOM   1116 O  O    . TYR A 1 139 ? -5.154  12.653  -4.105  1.00 10.42 ? 139 TYR A O    1 
ATOM   1117 C  CB   . TYR A 1 139 ? -6.770  10.851  -6.388  1.00 11.17 ? 139 TYR A CB   1 
ATOM   1118 C  CG   . TYR A 1 139 ? -5.870  11.760  -7.174  1.00 12.64 ? 139 TYR A CG   1 
ATOM   1119 C  CD1  . TYR A 1 139 ? -4.813  11.240  -7.917  1.00 13.75 ? 139 TYR A CD1  1 
ATOM   1120 C  CD2  . TYR A 1 139 ? -6.017  13.151  -7.095  1.00 15.89 ? 139 TYR A CD2  1 
ATOM   1121 C  CE1  . TYR A 1 139 ? -3.930  12.079  -8.589  1.00 15.55 ? 139 TYR A CE1  1 
ATOM   1122 C  CE2  . TYR A 1 139 ? -5.132  14.008  -7.767  1.00 18.80 ? 139 TYR A CE2  1 
ATOM   1123 C  CZ   . TYR A 1 139 ? -4.092  13.458  -8.508  1.00 17.09 ? 139 TYR A CZ   1 
ATOM   1124 O  OH   . TYR A 1 139 ? -3.222  14.310  -9.178  1.00 18.98 ? 139 TYR A OH   1 
ATOM   1125 N  N    . ASN A 1 140 ? -7.343  12.506  -3.798  1.00 9.90  ? 140 ASN A N    1 
ATOM   1126 C  CA   . ASN A 1 140 ? -7.417  13.853  -3.225  1.00 9.94  ? 140 ASN A CA   1 
ATOM   1127 C  C    . ASN A 1 140 ? -6.686  14.020  -1.894  1.00 9.69  ? 140 ASN A C    1 
ATOM   1128 O  O    . ASN A 1 140 ? -6.188  15.098  -1.603  1.00 10.84 ? 140 ASN A O    1 
ATOM   1129 C  CB   . ASN A 1 140 ? -8.869  14.289  -3.131  1.00 10.23 ? 140 ASN A CB   1 
ATOM   1130 C  CG   . ASN A 1 140 ? -9.461  14.576  -4.500  1.00 13.02 ? 140 ASN A CG   1 
ATOM   1131 O  OD1  . ASN A 1 140 ? -10.303 13.828  -5.013  1.00 12.41 ? 140 ASN A OD1  1 
ATOM   1132 N  ND2  . ASN A 1 140 ? -8.994  15.652  -5.117  1.00 14.33 ? 140 ASN A ND2  1 
ATOM   1133 N  N    . GLN A 1 141 ? -6.593  12.943  -1.133  1.00 9.16  ? 141 GLN A N    1 
ATOM   1134 C  CA   . GLN A 1 141 ? -5.946  12.960  0.173   1.00 9.58  ? 141 GLN A CA   1 
ATOM   1135 C  C    . GLN A 1 141 ? -4.453  12.733  0.052   1.00 9.27  ? 141 GLN A C    1 
ATOM   1136 O  O    . GLN A 1 141 ? -3.665  13.344  0.794   1.00 9.39  ? 141 GLN A O    1 
ATOM   1137 C  CB   . GLN A 1 141 ? -6.571  11.920  1.104   1.00 9.81  ? 141 GLN A CB   1 
ATOM   1138 C  CG   . GLN A 1 141 ? -8.065  12.171  1.405   1.00 11.42 ? 141 GLN A CG   1 
ATOM   1139 C  CD   . GLN A 1 141 ? -8.356  13.552  2.021   1.00 14.40 ? 141 GLN A CD   1 
ATOM   1140 O  OE1  . GLN A 1 141 ? -9.233  14.281  1.553   1.00 12.40 ? 141 GLN A OE1  1 
ATOM   1141 N  NE2  . GLN A 1 141 ? -7.605  13.908  3.067   1.00 13.41 ? 141 GLN A NE2  1 
ATOM   1142 N  N    . THR A 1 142 ? -4.044  11.860  -0.865  1.00 7.67  ? 142 THR A N    1 
ATOM   1143 C  CA   . THR A 1 142 ? -2.608  11.684  -1.094  1.00 7.87  ? 142 THR A CA   1 
ATOM   1144 C  C    . THR A 1 142 ? -2.274  11.838  -2.567  1.00 8.06  ? 142 THR A C    1 
ATOM   1145 O  O    . THR A 1 142 ? -1.909  10.843  -3.236  1.00 8.15  ? 142 THR A O    1 
ATOM   1146 C  CB   . THR A 1 142 ? -2.077  10.319  -0.547  1.00 7.11  ? 142 THR A CB   1 
ATOM   1147 O  OG1  . THR A 1 142 ? -2.817  9.231   -1.131  1.00 9.37  ? 142 THR A OG1  1 
ATOM   1148 C  CG2  . THR A 1 142 ? -2.182  10.249  0.980   1.00 7.85  ? 142 THR A CG2  1 
ATOM   1149 N  N    . PRO A 1 143 ? -2.417  13.069  -3.108  1.00 8.55  ? 143 PRO A N    1 
ATOM   1150 C  CA   . PRO A 1 143 ? -2.314  13.172  -4.565  1.00 8.61  ? 143 PRO A CA   1 
ATOM   1151 C  C    . PRO A 1 143 ? -0.938  12.862  -5.131  1.00 9.20  ? 143 PRO A C    1 
ATOM   1152 O  O    . PRO A 1 143 ? -0.864  12.265  -6.189  1.00 8.63  ? 143 PRO A O    1 
ATOM   1153 C  CB   . PRO A 1 143 ? -2.712  14.637  -4.860  1.00 9.08  ? 143 PRO A CB   1 
ATOM   1154 C  CG   . PRO A 1 143 ? -2.423  15.385  -3.581  1.00 8.84  ? 143 PRO A CG   1 
ATOM   1155 C  CD   . PRO A 1 143 ? -2.734  14.379  -2.481  1.00 8.63  ? 143 PRO A CD   1 
ATOM   1156 N  N    . ASP A 1 144 ? 0.138   13.275  -4.464  1.00 9.57  ? 144 ASP A N    1 
ATOM   1157 C  CA   . ASP A 1 144 ? 1.441   13.054  -5.066  1.00 9.98  ? 144 ASP A CA   1 
ATOM   1158 C  C    . ASP A 1 144 ? 1.760   11.563  -5.163  1.00 9.58  ? 144 ASP A C    1 
ATOM   1159 O  O    . ASP A 1 144 ? 2.291   11.110  -6.182  1.00 9.39  ? 144 ASP A O    1 
ATOM   1160 C  CB   . ASP A 1 144 ? 2.525   13.816  -4.332  1.00 10.76 ? 144 ASP A CB   1 
ATOM   1161 C  CG   . ASP A 1 144 ? 2.410   15.325  -4.553  1.00 12.09 ? 144 ASP A CG   1 
ATOM   1162 O  OD1  . ASP A 1 144 ? 1.770   15.765  -5.536  1.00 16.94 ? 144 ASP A OD1  1 
ATOM   1163 O  OD2  . ASP A 1 144 ? 2.968   16.057  -3.752  1.00 17.42 ? 144 ASP A OD2  1 
ATOM   1164 N  N    . ARG A 1 145 ? 1.424   10.824  -4.108  1.00 8.57  ? 145 ARG A N    1 
ATOM   1165 C  CA   . ARG A 1 145 ? 1.628   9.391   -4.097  1.00 9.33  ? 145 ARG A CA   1 
ATOM   1166 C  C    . ARG A 1 145 ? 0.667   8.709   -5.077  1.00 9.38  ? 145 ARG A C    1 
ATOM   1167 O  O    . ARG A 1 145 ? 1.076   7.841   -5.841  1.00 8.70  ? 145 ARG A O    1 
ATOM   1168 C  CB   . ARG A 1 145 ? 1.418   8.822   -2.690  1.00 10.30 ? 145 ARG A CB   1 
ATOM   1169 C  CG   . ARG A 1 145 ? 1.986   7.392   -2.553  1.00 11.54 ? 145 ARG A CG   1 
ATOM   1170 C  CD   . ARG A 1 145 ? 0.937   6.489   -2.088  1.00 12.96 ? 145 ARG A CD   1 
ATOM   1171 N  NE   . ARG A 1 145 ? 1.369   5.106   -1.842  1.00 10.32 ? 145 ARG A NE   1 
ATOM   1172 C  CZ   . ARG A 1 145 ? 1.500   4.563   -0.631  1.00 10.81 ? 145 ARG A CZ   1 
ATOM   1173 N  NH1  . ARG A 1 145 ? 1.300   5.286   0.469   1.00 7.92  ? 145 ARG A NH1  1 
ATOM   1174 N  NH2  . ARG A 1 145 ? 1.855   3.285   -0.515  1.00 8.65  ? 145 ARG A NH2  1 
ATOM   1175 N  N    . ALA A 1 146 ? -0.608  9.079   -5.041  1.00 8.77  ? 146 ALA A N    1 
ATOM   1176 C  CA   . ALA A 1 146 ? -1.586  8.486   -5.968  1.00 9.52  ? 146 ALA A CA   1 
ATOM   1177 C  C    . ALA A 1 146 ? -1.211  8.765   -7.428  1.00 10.01 ? 146 ALA A C    1 
ATOM   1178 O  O    . ALA A 1 146 ? -1.324  7.880   -8.278  1.00 10.40 ? 146 ALA A O    1 
ATOM   1179 C  CB   . ALA A 1 146 ? -3.012  8.954   -5.648  1.00 9.55  ? 146 ALA A CB   1 
ATOM   1180 N  N    . LYS A 1 147 ? -0.714  9.968   -7.722  1.00 10.08 ? 147 LYS A N    1 
ATOM   1181 C  CA   . LYS A 1 147 ? -0.234  10.290  -9.074  1.00 10.11 ? 147 LYS A CA   1 
ATOM   1182 C  C    . LYS A 1 147 ? 0.852   9.321   -9.552  1.00 9.49  ? 147 LYS A C    1 
ATOM   1183 O  O    . LYS A 1 147 ? 0.842   8.896   -10.706 1.00 8.29  ? 147 LYS A O    1 
ATOM   1184 C  CB   . LYS A 1 147 ? 0.379   11.679  -9.104  1.00 10.88 ? 147 LYS A CB   1 
ATOM   1185 C  CG   . LYS A 1 147 ? -0.511  12.795  -9.528  0.50 11.46 ? 147 LYS A CG   1 
ATOM   1186 C  CD   . LYS A 1 147 ? 0.371   13.779  -10.276 0.50 12.46 ? 147 LYS A CD   1 
ATOM   1187 C  CE   . LYS A 1 147 ? 0.095   15.179  -9.876  0.50 13.36 ? 147 LYS A CE   1 
ATOM   1188 N  NZ   . LYS A 1 147 ? 1.186   16.067  -10.347 0.50 13.48 ? 147 LYS A NZ   1 
ATOM   1189 N  N    . ARG A 1 148 ? 1.778   8.975   -8.657  1.00 9.43  ? 148 ARG A N    1 
ATOM   1190 C  CA   . ARG A 1 148 ? 2.849   8.017   -8.981  1.00 8.74  ? 148 ARG A CA   1 
ATOM   1191 C  C    . ARG A 1 148 ? 2.276   6.639   -9.263  1.00 8.60  ? 148 ARG A C    1 
ATOM   1192 O  O    . ARG A 1 148 ? 2.657   5.973   -10.229 1.00 8.05  ? 148 ARG A O    1 
ATOM   1193 C  CB   . ARG A 1 148 ? 3.858   7.919   -7.840  1.00 8.74  ? 148 ARG A CB   1 
ATOM   1194 C  CG   . ARG A 1 148 ? 4.799   9.123   -7.743  1.00 8.57  ? 148 ARG A CG   1 
ATOM   1195 C  CD   . ARG A 1 148 ? 5.974   8.835   -6.810  1.00 10.31 ? 148 ARG A CD   1 
ATOM   1196 N  NE   . ARG A 1 148 ? 5.592   8.664   -5.399  1.00 11.05 ? 148 ARG A NE   1 
ATOM   1197 C  CZ   . ARG A 1 148 ? 5.441   9.650   -4.514  1.00 12.40 ? 148 ARG A CZ   1 
ATOM   1198 N  NH1  . ARG A 1 148 ? 5.578   10.923  -4.875  1.00 9.68  ? 148 ARG A NH1  1 
ATOM   1199 N  NH2  . ARG A 1 148 ? 5.129   9.354   -3.254  1.00 10.19 ? 148 ARG A NH2  1 
ATOM   1200 N  N    . VAL A 1 149 ? 1.366   6.200   -8.393  1.00 8.12  ? 149 VAL A N    1 
ATOM   1201 C  CA   . VAL A 1 149 ? 0.804   4.854   -8.510  1.00 7.25  ? 149 VAL A CA   1 
ATOM   1202 C  C    . VAL A 1 149 ? -0.035  4.784   -9.772  1.00 7.91  ? 149 VAL A C    1 
ATOM   1203 O  O    . VAL A 1 149 ? 0.044   3.816   -10.538 1.00 7.55  ? 149 VAL A O    1 
ATOM   1204 C  CB   . VAL A 1 149 ? -0.022  4.495   -7.261  1.00 7.09  ? 149 VAL A CB   1 
ATOM   1205 C  CG1  . VAL A 1 149 ? -0.761  3.146   -7.447  1.00 7.00  ? 149 VAL A CG1  1 
ATOM   1206 C  CG2  . VAL A 1 149 ? 0.906   4.455   -6.046  1.00 6.77  ? 149 VAL A CG2  1 
ATOM   1207 N  N    . ILE A 1 150 ? -0.818  5.827   -10.002 1.00 6.92  ? 150 ILE A N    1 
ATOM   1208 C  CA   . ILE A 1 150 ? -1.663  5.901   -11.195 1.00 7.87  ? 150 ILE A CA   1 
ATOM   1209 C  C    . ILE A 1 150 ? -0.836  5.955   -12.480 1.00 8.10  ? 150 ILE A C    1 
ATOM   1210 O  O    . ILE A 1 150 ? -1.202  5.307   -13.460 1.00 7.74  ? 150 ILE A O    1 
ATOM   1211 C  CB   . ILE A 1 150 ? -2.652  7.088   -11.144 1.00 6.98  ? 150 ILE A CB   1 
ATOM   1212 C  CG1  . ILE A 1 150 ? -3.727  6.829   -10.063 1.00 8.16  ? 150 ILE A CG1  1 
ATOM   1213 C  CG2  . ILE A 1 150 ? -3.312  7.260   -12.515 1.00 8.36  ? 150 ILE A CG2  1 
ATOM   1214 C  CD1  . ILE A 1 150 ? -4.605  8.071   -9.704  1.00 7.01  ? 150 ILE A CD1  1 
ATOM   1215 N  N    . THR A 1 151 ? 0.261   6.713   -12.487 1.00 8.07  ? 151 THR A N    1 
ATOM   1216 C  CA   . THR A 1 151 ? 1.165   6.715   -13.658 1.00 8.89  ? 151 THR A CA   1 
ATOM   1217 C  C    . THR A 1 151 ? 1.710   5.318   -13.950 1.00 8.94  ? 151 THR A C    1 
ATOM   1218 O  O    . THR A 1 151 ? 1.866   4.919   -15.127 1.00 8.65  ? 151 THR A O    1 
ATOM   1219 C  CB   . THR A 1 151 ? 2.342   7.659   -13.431 1.00 9.03  ? 151 THR A CB   1 
ATOM   1220 O  OG1  . THR A 1 151 ? 1.859   8.995   -13.509 1.00 11.40 ? 151 THR A OG1  1 
ATOM   1221 C  CG2  . THR A 1 151 ? 3.414   7.464   -14.504 1.00 10.91 ? 151 THR A CG2  1 
ATOM   1222 N  N    . THR A 1 152 ? 2.003   4.583   -12.873 1.00 8.73  ? 152 THR A N    1 
ATOM   1223 C  CA   . THR A 1 152 ? 2.480   3.214   -12.966 1.00 9.42  ? 152 THR A CA   1 
ATOM   1224 C  C    . THR A 1 152 ? 1.399   2.331   -13.587 1.00 9.58  ? 152 THR A C    1 
ATOM   1225 O  O    . THR A 1 152 ? 1.700   1.532   -14.486 1.00 9.96  ? 152 THR A O    1 
ATOM   1226 C  CB   . THR A 1 152 ? 2.953   2.671   -11.595 1.00 8.94  ? 152 THR A CB   1 
ATOM   1227 O  OG1  . THR A 1 152 ? 3.870   3.618   -11.012 1.00 9.87  ? 152 THR A OG1  1 
ATOM   1228 C  CG2  . THR A 1 152 ? 3.690   1.302   -11.753 1.00 9.91  ? 152 THR A CG2  1 
ATOM   1229 N  N    . PHE A 1 153 ? 0.153   2.477   -13.131 1.00 9.44  ? 153 PHE A N    1 
ATOM   1230 C  CA   . PHE A 1 153 ? -0.969  1.746   -13.751 1.00 9.36  ? 153 PHE A CA   1 
ATOM   1231 C  C    . PHE A 1 153 ? -1.196  2.154   -15.205 1.00 10.05 ? 153 PHE A C    1 
ATOM   1232 O  O    . PHE A 1 153 ? -1.562  1.310   -16.052 1.00 10.63 ? 153 PHE A O    1 
ATOM   1233 C  CB   . PHE A 1 153 ? -2.281  2.023   -13.016 1.00 9.34  ? 153 PHE A CB   1 
ATOM   1234 C  CG   . PHE A 1 153 ? -2.547  1.147   -11.810 1.00 9.32  ? 153 PHE A CG   1 
ATOM   1235 C  CD1  . PHE A 1 153 ? -2.834  1.740   -10.575 1.00 10.42 ? 153 PHE A CD1  1 
ATOM   1236 C  CD2  . PHE A 1 153 ? -2.607  -0.245  -11.914 1.00 9.32  ? 153 PHE A CD2  1 
ATOM   1237 C  CE1  . PHE A 1 153 ? -3.132  0.968   -9.447  1.00 8.38  ? 153 PHE A CE1  1 
ATOM   1238 C  CE2  . PHE A 1 153 ? -2.907  -1.029  -10.783 1.00 6.63  ? 153 PHE A CE2  1 
ATOM   1239 C  CZ   . PHE A 1 153 ? -3.182  -0.419  -9.563  1.00 8.74  ? 153 PHE A CZ   1 
ATOM   1240 N  N    . ARG A 1 154 ? -0.989  3.436   -15.496 1.00 9.68  ? 154 ARG A N    1 
ATOM   1241 C  CA   A ARG A 1 154 ? -1.263  3.962   -16.826 0.50 10.22 ? 154 ARG A CA   1 
ATOM   1242 C  CA   B ARG A 1 154 ? -1.241  3.993   -16.828 0.25 10.02 ? 154 ARG A CA   1 
ATOM   1243 C  CA   C ARG A 1 154 ? -1.267  3.947   -16.835 0.25 10.17 ? 154 ARG A CA   1 
ATOM   1244 C  C    . ARG A 1 154 ? -0.224  3.483   -17.841 1.00 10.45 ? 154 ARG A C    1 
ATOM   1245 O  O    . ARG A 1 154 ? -0.569  3.156   -18.972 1.00 10.03 ? 154 ARG A O    1 
ATOM   1246 C  CB   A ARG A 1 154 ? -1.315  5.491   -16.787 0.50 10.13 ? 154 ARG A CB   1 
ATOM   1247 C  CB   B ARG A 1 154 ? -1.209  5.532   -16.788 0.25 9.94  ? 154 ARG A CB   1 
ATOM   1248 C  CB   C ARG A 1 154 ? -1.384  5.477   -16.863 0.25 10.14 ? 154 ARG A CB   1 
ATOM   1249 C  CG   A ARG A 1 154 ? -1.924  6.149   -18.032 0.50 10.75 ? 154 ARG A CG   1 
ATOM   1250 C  CG   B ARG A 1 154 ? -1.377  6.220   -18.157 0.25 9.79  ? 154 ARG A CG   1 
ATOM   1251 C  CG   C ARG A 1 154 ? -2.014  6.001   -18.165 0.25 10.24 ? 154 ARG A CG   1 
ATOM   1252 C  CD   A ARG A 1 154 ? -2.048  7.665   -17.850 0.50 10.03 ? 154 ARG A CD   1 
ATOM   1253 C  CD   B ARG A 1 154 ? -1.293  7.745   -18.062 0.25 9.65  ? 154 ARG A CD   1 
ATOM   1254 C  CD   C ARG A 1 154 ? -1.862  7.510   -18.356 0.25 10.18 ? 154 ARG A CD   1 
ATOM   1255 N  NE   A ARG A 1 154 ? -0.749  8.269   -17.576 0.50 11.08 ? 154 ARG A NE   1 
ATOM   1256 N  NE   B ARG A 1 154 ? 0.072   8.225   -17.818 0.25 9.86  ? 154 ARG A NE   1 
ATOM   1257 N  NE   C ARG A 1 154 ? -0.490  7.906   -18.663 0.25 10.17 ? 154 ARG A NE   1 
ATOM   1258 C  CZ   A ARG A 1 154 ? -0.371  8.773   -16.400 0.50 10.68 ? 154 ARG A CZ   1 
ATOM   1259 C  CZ   B ARG A 1 154 ? 0.938   8.565   -18.771 0.25 8.86  ? 154 ARG A CZ   1 
ATOM   1260 C  CZ   C ARG A 1 154 ? 0.078   7.862   -19.867 0.25 10.23 ? 154 ARG A CZ   1 
ATOM   1261 N  NH1  A ARG A 1 154 ? -1.211  8.780   -15.357 0.50 6.47  ? 154 ARG A NH1  1 
ATOM   1262 N  NH1  B ARG A 1 154 ? 0.600   8.476   -20.049 0.25 9.08  ? 154 ARG A NH1  1 
ATOM   1263 N  NH1  C ARG A 1 154 ? -0.592  7.432   -20.933 0.25 10.50 ? 154 ARG A NH1  1 
ATOM   1264 N  NH2  A ARG A 1 154 ? 0.857   9.278   -16.277 0.50 9.61  ? 154 ARG A NH2  1 
ATOM   1265 N  NH2  B ARG A 1 154 ? 2.152   8.981   -18.442 0.25 9.58  ? 154 ARG A NH2  1 
ATOM   1266 N  NH2  C ARG A 1 154 ? 1.334   8.255   -20.003 0.25 10.53 ? 154 ARG A NH2  1 
ATOM   1267 N  N    . THR A 1 155 ? 1.039   3.433   -17.422 1.00 10.47 ? 155 THR A N    1 
ATOM   1268 C  CA   . THR A 1 155 ? 2.148   3.178   -18.359 1.00 11.06 ? 155 THR A CA   1 
ATOM   1269 C  C    . THR A 1 155 ? 2.832   1.831   -18.289 1.00 11.40 ? 155 THR A C    1 
ATOM   1270 O  O    . THR A 1 155 ? 3.537   1.455   -19.237 1.00 12.29 ? 155 THR A O    1 
ATOM   1271 C  CB   . THR A 1 155 ? 3.264   4.212   -18.143 1.00 10.90 ? 155 THR A CB   1 
ATOM   1272 O  OG1  . THR A 1 155 ? 3.788   4.024   -16.825 1.00 10.14 ? 155 THR A OG1  1 
ATOM   1273 C  CG2  . THR A 1 155 ? 2.714   5.617   -18.266 1.00 10.34 ? 155 THR A CG2  1 
ATOM   1274 N  N    . GLY A 1 156 ? 2.658   1.128   -17.173 1.00 10.89 ? 156 GLY A N    1 
ATOM   1275 C  CA   . GLY A 1 156 ? 3.433   -0.058  -16.842 1.00 11.19 ? 156 GLY A CA   1 
ATOM   1276 C  C    . GLY A 1 156 ? 4.935   0.167   -16.917 1.00 11.23 ? 156 GLY A C    1 
ATOM   1277 O  O    . GLY A 1 156 ? 5.683   -0.748  -17.246 1.00 11.83 ? 156 GLY A O    1 
ATOM   1278 N  N    . THR A 1 157 ? 5.370   1.392   -16.633 1.00 10.75 ? 157 THR A N    1 
ATOM   1279 C  CA   . THR A 1 157 ? 6.779   1.716   -16.500 1.00 11.12 ? 157 THR A CA   1 
ATOM   1280 C  C    . THR A 1 157 ? 7.015   2.279   -15.116 1.00 11.68 ? 157 THR A C    1 
ATOM   1281 O  O    . THR A 1 157 ? 6.073   2.654   -14.401 1.00 10.58 ? 157 THR A O    1 
ATOM   1282 C  CB   . THR A 1 157 ? 7.230   2.820   -17.459 1.00 11.43 ? 157 THR A CB   1 
ATOM   1283 O  OG1  . THR A 1 157 ? 6.683   4.084   -17.026 1.00 11.71 ? 157 THR A OG1  1 
ATOM   1284 C  CG2  . THR A 1 157 ? 6.816   2.532   -18.897 1.00 11.44 ? 157 THR A CG2  1 
ATOM   1285 N  N    . TRP A 1 158 ? 8.285   2.378   -14.761 1.00 11.55 ? 158 TRP A N    1 
ATOM   1286 C  CA   . TRP A 1 158 ? 8.680   2.918   -13.469 1.00 12.32 ? 158 TRP A CA   1 
ATOM   1287 C  C    . TRP A 1 158 ? 8.984   4.416   -13.520 1.00 12.21 ? 158 TRP A C    1 
ATOM   1288 O  O    . TRP A 1 158 ? 9.639   4.934   -12.627 1.00 12.68 ? 158 TRP A O    1 
ATOM   1289 C  CB   . TRP A 1 158 ? 9.914   2.155   -12.983 1.00 11.96 ? 158 TRP A CB   1 
ATOM   1290 C  CG   . TRP A 1 158 ? 9.616   0.753   -12.555 1.00 12.34 ? 158 TRP A CG   1 
ATOM   1291 C  CD1  . TRP A 1 158 ? 10.082  -0.407  -13.113 1.00 12.08 ? 158 TRP A CD1  1 
ATOM   1292 C  CD2  . TRP A 1 158 ? 8.779   0.368   -11.460 1.00 12.08 ? 158 TRP A CD2  1 
ATOM   1293 N  NE1  . TRP A 1 158 ? 9.588   -1.490  -12.422 1.00 11.89 ? 158 TRP A NE1  1 
ATOM   1294 C  CE2  . TRP A 1 158 ? 8.785   -1.037  -11.403 1.00 10.52 ? 158 TRP A CE2  1 
ATOM   1295 C  CE3  . TRP A 1 158 ? 8.028   1.087   -10.510 1.00 12.21 ? 158 TRP A CE3  1 
ATOM   1296 C  CZ2  . TRP A 1 158 ? 8.071   -1.747  -10.434 1.00 11.23 ? 158 TRP A CZ2  1 
ATOM   1297 C  CZ3  . TRP A 1 158 ? 7.332   0.380   -9.542  1.00 12.09 ? 158 TRP A CZ3  1 
ATOM   1298 C  CH2  . TRP A 1 158 ? 7.355   -1.022  -9.513  1.00 12.61 ? 158 TRP A CH2  1 
ATOM   1299 N  N    . ASP A 1 159 ? 8.492   5.112   -14.547 1.00 12.41 ? 159 ASP A N    1 
ATOM   1300 C  CA   . ASP A 1 159 ? 8.871   6.503   -14.794 1.00 13.05 ? 159 ASP A CA   1 
ATOM   1301 C  C    . ASP A 1 159 ? 8.563   7.403   -13.591 1.00 13.17 ? 159 ASP A C    1 
ATOM   1302 O  O    . ASP A 1 159 ? 9.315   8.333   -13.287 1.00 12.35 ? 159 ASP A O    1 
ATOM   1303 C  CB   . ASP A 1 159 ? 8.156   7.041   -16.032 1.00 13.36 ? 159 ASP A CB   1 
ATOM   1304 C  CG   . ASP A 1 159 ? 8.719   6.481   -17.331 0.50 12.45 ? 159 ASP A CG   1 
ATOM   1305 O  OD1  . ASP A 1 159 ? 9.698   5.716   -17.305 0.50 8.50  ? 159 ASP A OD1  1 
ATOM   1306 O  OD2  . ASP A 1 159 ? 8.157   6.814   -18.384 0.50 14.12 ? 159 ASP A OD2  1 
ATOM   1307 N  N    . ALA A 1 160 ? 7.470   7.115   -12.886 1.00 12.72 ? 160 ALA A N    1 
ATOM   1308 C  CA   . ALA A 1 160 ? 7.071   7.982   -11.761 1.00 12.55 ? 160 ALA A CA   1 
ATOM   1309 C  C    . ALA A 1 160 ? 8.003   7.839   -10.548 1.00 13.26 ? 160 ALA A C    1 
ATOM   1310 O  O    . ALA A 1 160 ? 7.964   8.659   -9.630  1.00 12.32 ? 160 ALA A O    1 
ATOM   1311 C  CB   . ALA A 1 160 ? 5.622   7.715   -11.364 1.00 12.82 ? 160 ALA A CB   1 
ATOM   1312 N  N    . TYR A 1 161 ? 8.827   6.791   -10.548 1.00 12.40 ? 161 TYR A N    1 
ATOM   1313 C  CA   . TYR A 1 161 ? 9.711   6.512   -9.426  1.00 14.06 ? 161 TYR A CA   1 
ATOM   1314 C  C    . TYR A 1 161 ? 11.187  6.751   -9.761  1.00 15.80 ? 161 TYR A C    1 
ATOM   1315 O  O    . TYR A 1 161 ? 12.053  6.467   -8.933  1.00 15.70 ? 161 TYR A O    1 
ATOM   1316 C  CB   . TYR A 1 161 ? 9.472   5.091   -8.895  1.00 12.65 ? 161 TYR A CB   1 
ATOM   1317 C  CG   . TYR A 1 161 ? 8.133   4.987   -8.206  1.00 12.81 ? 161 TYR A CG   1 
ATOM   1318 C  CD1  . TYR A 1 161 ? 6.986   4.676   -8.928  1.00 11.13 ? 161 TYR A CD1  1 
ATOM   1319 C  CD2  . TYR A 1 161 ? 8.003   5.257   -6.843  1.00 10.79 ? 161 TYR A CD2  1 
ATOM   1320 C  CE1  . TYR A 1 161 ? 5.740   4.624   -8.313  1.00 9.70  ? 161 TYR A CE1  1 
ATOM   1321 C  CE2  . TYR A 1 161 ? 6.766   5.203   -6.215  1.00 10.09 ? 161 TYR A CE2  1 
ATOM   1322 C  CZ   . TYR A 1 161 ? 5.639   4.886   -6.961  1.00 10.16 ? 161 TYR A CZ   1 
ATOM   1323 O  OH   . TYR A 1 161 ? 4.409   4.823   -6.360  1.00 11.20 ? 161 TYR A OH   1 
ATOM   1324 N  N    . LYS A 1 162 ? 11.416  7.313   -10.957 0.50 16.98 ? 162 LYS A N    1 
ATOM   1325 C  CA   . LYS A 1 162 ? 12.732  7.539   -11.609 0.50 18.37 ? 162 LYS A CA   1 
ATOM   1326 C  C    . LYS A 1 162 ? 13.373  6.279   -12.201 0.50 18.92 ? 162 LYS A C    1 
ATOM   1327 O  O    . LYS A 1 162 ? 12.769  5.206   -12.237 0.50 19.72 ? 162 LYS A O    1 
ATOM   1328 C  CB   . LYS A 1 162 ? 13.725  8.289   -10.717 0.50 18.61 ? 162 LYS A CB   1 
ATOM   1329 C  CG   . LYS A 1 162 ? 13.475  9.781   -10.648 0.50 20.50 ? 162 LYS A CG   1 
ATOM   1330 C  CD   . LYS A 1 162 ? 14.570  10.509  -9.875  0.50 23.02 ? 162 LYS A CD   1 
ATOM   1331 C  CE   . LYS A 1 162 ? 14.461  10.256  -8.377  0.50 24.34 ? 162 LYS A CE   1 
ATOM   1332 N  NZ   . LYS A 1 162 ? 15.212  11.291  -7.623  0.50 25.65 ? 162 LYS A NZ   1 
HETATM 1333 P  P    . PO4 B 2 .   ? -7.425  3.987   -23.386 0.75 9.75  ? 165 PO4 A P    1 
HETATM 1334 O  O1   . PO4 B 2 .   ? -7.699  2.569   -23.902 0.75 8.74  ? 165 PO4 A O1   1 
HETATM 1335 O  O2   . PO4 B 2 .   ? -7.768  4.973   -24.496 0.75 7.92  ? 165 PO4 A O2   1 
HETATM 1336 O  O3   . PO4 B 2 .   ? -8.329  4.161   -22.183 0.75 6.96  ? 165 PO4 A O3   1 
HETATM 1337 O  O4   . PO4 B 2 .   ? -5.994  4.202   -22.945 0.75 8.67  ? 165 PO4 A O4   1 
HETATM 1338 CL CLAA . JZ6 C 3 .   ? -8.752  -1.015  -6.252  1.00 17.19 ? 166 JZ6 A CLAA 1 
HETATM 1339 C  CAB  . JZ6 C 3 .   ? -7.716  -1.742  -3.838  1.00 17.26 ? 166 JZ6 A CAB  1 
HETATM 1340 C  CAC  . JZ6 C 3 .   ? -9.414  -0.428  -3.658  1.00 17.14 ? 166 JZ6 A CAC  1 
HETATM 1341 N  NAD  . JZ6 C 3 .   ? -7.976  -1.505  -2.551  1.00 18.72 ? 166 JZ6 A NAD  1 
HETATM 1342 N  NAE  . JZ6 C 3 .   ? -8.959  -0.749  -2.445  1.00 18.29 ? 166 JZ6 A NAE  1 
HETATM 1343 C  CAF  . JZ6 C 3 .   ? -8.622  -1.062  -4.520  1.00 17.36 ? 166 JZ6 A CAF  1 
HETATM 1344 CL CLAA . JZ6 D 3 .   ? -5.921  -5.454  -8.963  1.00 15.53 ? 167 JZ6 A CLAA 1 
HETATM 1345 C  CAB  . JZ6 D 3 .   ? -5.583  -4.058  -6.656  1.00 14.54 ? 167 JZ6 A CAB  1 
HETATM 1346 C  CAC  . JZ6 D 3 .   ? -5.826  -2.791  -8.375  1.00 13.18 ? 167 JZ6 A CAC  1 
HETATM 1347 N  NAD  . JZ6 D 3 .   ? -5.521  -2.781  -6.289  1.00 13.26 ? 167 JZ6 A NAD  1 
HETATM 1348 N  NAE  . JZ6 D 3 .   ? -5.656  -2.054  -7.285  1.00 13.53 ? 167 JZ6 A NAE  1 
HETATM 1349 C  CAF  . JZ6 D 3 .   ? -5.779  -4.037  -7.960  1.00 12.33 ? 167 JZ6 A CAF  1 
HETATM 1350 C  C1   . BME E 4 .   ? 6.510   -11.185 -1.126  0.50 33.86 ? 168 BME A C1   1 
HETATM 1351 C  C2   . BME E 4 .   ? 7.862   -11.308 -1.827  0.50 33.59 ? 168 BME A C2   1 
HETATM 1352 O  O1   . BME E 4 .   ? 5.857   -12.463 -1.105  0.50 32.80 ? 168 BME A O1   1 
HETATM 1353 S  S2   . BME E 4 .   ? 7.769   -11.062 -3.637  0.50 35.95 ? 168 BME A S2   1 
HETATM 1354 O  O    . HOH F 5 .   ? 19.288  2.381   11.183  1.00 32.44 ? 169 HOH A O    1 
HETATM 1355 O  O    . HOH F 5 .   ? 19.174  -7.501  7.353   1.00 23.95 ? 170 HOH A O    1 
HETATM 1356 O  O    . HOH F 5 .   ? -7.430  13.264  -18.699 1.00 30.16 ? 171 HOH A O    1 
HETATM 1357 O  O    . HOH F 5 .   ? 10.116  9.619   -6.665  1.00 36.52 ? 172 HOH A O    1 
HETATM 1358 O  O    . HOH F 5 .   ? 7.876   -9.117  25.086  1.00 28.60 ? 173 HOH A O    1 
HETATM 1359 O  O    . HOH F 5 .   ? 15.305  -0.465  19.594  1.00 27.94 ? 174 HOH A O    1 
HETATM 1360 O  O    . HOH F 5 .   ? -20.060 -1.771  -1.519  1.00 30.89 ? 175 HOH A O    1 
HETATM 1361 O  O    . HOH F 5 .   ? -11.199 -12.037 0.323   1.00 27.76 ? 176 HOH A O    1 
HETATM 1362 O  O    . HOH F 5 .   ? -6.689  -15.128 -14.340 1.00 24.22 ? 177 HOH A O    1 
HETATM 1363 O  O    . HOH F 5 .   ? -11.973 -7.724  -19.299 1.00 31.29 ? 178 HOH A O    1 
HETATM 1364 O  O    . HOH F 5 .   ? -16.350 0.395   -1.391  1.00 24.04 ? 179 HOH A O    1 
HETATM 1365 O  O    . HOH F 5 .   ? 10.332  2.078   -19.214 1.00 31.88 ? 180 HOH A O    1 
HETATM 1366 O  O    . HOH F 5 .   ? 13.034  8.411   3.312   1.00 35.99 ? 181 HOH A O    1 
HETATM 1367 O  O    . HOH F 5 .   ? -6.919  -1.336  9.996   1.00 37.07 ? 182 HOH A O    1 
HETATM 1368 O  O    . HOH F 5 .   ? -14.594 -11.587 -9.849  1.00 37.52 ? 183 HOH A O    1 
HETATM 1369 O  O    . HOH F 5 .   ? 6.346   7.603   23.729  1.00 38.20 ? 184 HOH A O    1 
HETATM 1370 O  O    . HOH F 5 .   ? 4.701   15.395  -2.186  1.00 30.00 ? 185 HOH A O    1 
HETATM 1371 O  O    . HOH F 5 .   ? -20.227 -0.022  -4.739  1.00 46.39 ? 186 HOH A O    1 
HETATM 1372 O  O    . HOH F 5 .   ? 6.252   -13.086 4.309   0.50 12.78 ? 187 HOH A O    1 
HETATM 1373 O  O    . HOH F 5 .   ? -5.864  16.563  -5.580  1.00 21.47 ? 188 HOH A O    1 
HETATM 1374 O  O    . HOH F 5 .   ? 7.821   5.749   7.428   1.00 21.14 ? 189 HOH A O    1 
HETATM 1375 O  O    . HOH F 5 .   ? -7.857  -11.813 2.452   1.00 32.65 ? 190 HOH A O    1 
HETATM 1376 O  O    . HOH F 5 .   ? 0.764   -4.466  14.117  1.00 28.55 ? 191 HOH A O    1 
HETATM 1377 O  O    . HOH F 5 .   ? -14.822 14.032  -10.395 1.00 24.04 ? 192 HOH A O    1 
HETATM 1378 O  O    . HOH F 5 .   ? -1.186  -13.584 4.326   1.00 33.06 ? 193 HOH A O    1 
HETATM 1379 O  O    . HOH F 5 .   ? -6.611  7.569   15.639  1.00 27.06 ? 194 HOH A O    1 
HETATM 1380 O  O    . HOH F 5 .   ? -9.916  6.704   0.658   1.00 29.61 ? 195 HOH A O    1 
HETATM 1381 O  O    . HOH F 5 .   ? -0.556  -4.191  4.153   1.00 32.82 ? 196 HOH A O    1 
HETATM 1382 O  O    . HOH F 5 .   ? 11.669  9.603   11.379  1.00 36.09 ? 197 HOH A O    1 
HETATM 1383 O  O    . HOH F 5 .   ? 5.683   -2.284  6.850   1.00 11.77 ? 198 HOH A O    1 
HETATM 1384 O  O    . HOH F 5 .   ? -1.649  14.445  -13.448 1.00 26.92 ? 199 HOH A O    1 
HETATM 1385 O  O    . HOH F 5 .   ? -6.207  10.824  -19.835 1.00 27.25 ? 200 HOH A O    1 
HETATM 1386 O  O    . HOH F 5 .   ? -6.914  16.331  -15.540 1.00 36.38 ? 201 HOH A O    1 
HETATM 1387 O  O    . HOH F 5 .   ? 14.572  -0.364  3.880   1.00 32.31 ? 202 HOH A O    1 
HETATM 1388 O  O    . HOH F 5 .   ? 15.751  5.201   16.495  1.00 32.09 ? 203 HOH A O    1 
HETATM 1389 O  O    . HOH F 5 .   ? 7.412   8.166   18.721  1.00 23.98 ? 204 HOH A O    1 
HETATM 1390 O  O    . HOH F 5 .   ? -2.268  12.407  19.854  1.00 26.94 ? 205 HOH A O    1 
HETATM 1391 O  O    . HOH F 5 .   ? -8.889  7.424   6.847   1.00 36.77 ? 206 HOH A O    1 
HETATM 1392 O  O    . HOH F 5 .   ? 0.531   -2.355  5.273   1.00 35.37 ? 207 HOH A O    1 
HETATM 1393 O  O    . HOH F 5 .   ? 10.120  -7.673  13.253  1.00 36.14 ? 208 HOH A O    1 
HETATM 1394 O  O    . HOH F 5 .   ? -14.171 2.415   -20.623 1.00 29.51 ? 209 HOH A O    1 
HETATM 1395 O  O    . HOH F 5 .   ? -9.373  -15.571 -17.342 1.00 37.86 ? 210 HOH A O    1 
HETATM 1396 O  O    . HOH F 5 .   ? -10.958 13.535  -14.936 1.00 32.39 ? 211 HOH A O    1 
HETATM 1397 O  O    . HOH F 5 .   ? 17.037  3.906   4.671   1.00 38.42 ? 212 HOH A O    1 
HETATM 1398 O  O    . HOH F 5 .   ? -18.425 -3.224  -13.973 1.00 39.53 ? 213 HOH A O    1 
HETATM 1399 O  O    . HOH F 5 .   ? 14.840  2.941   -5.114  1.00 26.84 ? 214 HOH A O    1 
HETATM 1400 O  O    . HOH F 5 .   ? -14.999 -6.416  -18.602 1.00 38.07 ? 215 HOH A O    1 
HETATM 1401 O  O    . HOH F 5 .   ? -16.653 -5.489  -5.398  1.00 29.37 ? 216 HOH A O    1 
HETATM 1402 O  O    . HOH F 5 .   ? 6.785   9.770   -0.251  1.00 29.88 ? 217 HOH A O    1 
HETATM 1403 O  O    . HOH F 5 .   ? -8.493  -1.833  5.958   1.00 29.51 ? 218 HOH A O    1 
HETATM 1404 O  O    . HOH F 5 .   ? 6.152   -8.102  23.730  1.00 25.78 ? 219 HOH A O    1 
HETATM 1405 O  O    . HOH F 5 .   ? 3.187   10.963  3.077   1.00 26.55 ? 220 HOH A O    1 
HETATM 1406 O  O    . HOH F 5 .   ? 0.266   0.027   5.012   1.00 30.55 ? 221 HOH A O    1 
HETATM 1407 O  O    . HOH F 5 .   ? -2.691  -1.094  25.531  1.00 32.85 ? 222 HOH A O    1 
HETATM 1408 O  O    . HOH F 5 .   ? -1.721  7.128   3.173   1.00 25.21 ? 223 HOH A O    1 
HETATM 1409 O  O    . HOH F 5 .   ? 10.776  -11.236 14.954  1.00 33.81 ? 224 HOH A O    1 
HETATM 1410 O  O    . HOH F 5 .   ? 2.651   -8.012  12.451  1.00 29.15 ? 225 HOH A O    1 
HETATM 1411 O  O    . HOH F 5 .   ? 16.451  2.301   0.684   1.00 28.51 ? 226 HOH A O    1 
HETATM 1412 O  O    . HOH F 5 .   ? 1.590   6.692   3.444   1.00 32.51 ? 227 HOH A O    1 
HETATM 1413 O  O    . HOH F 5 .   ? -15.140 -4.488  -7.214  1.00 36.57 ? 228 HOH A O    1 
HETATM 1414 O  O    . HOH F 5 .   ? -17.183 -2.062  -21.127 1.00 37.76 ? 229 HOH A O    1 
HETATM 1415 O  O    . HOH F 5 .   ? -0.503  -6.379  4.868   1.00 36.27 ? 230 HOH A O    1 
HETATM 1416 O  O    . HOH F 5 .   ? -2.602  10.180  -20.823 1.00 37.10 ? 231 HOH A O    1 
HETATM 1417 O  O    . HOH F 5 .   ? -6.475  -9.161  3.204   1.00 44.12 ? 232 HOH A O    1 
HETATM 1418 O  O    . HOH F 5 .   ? -11.864 -12.549 -15.582 1.00 37.06 ? 233 HOH A O    1 
HETATM 1419 O  O    . HOH F 5 .   ? -7.332  6.754   1.073   1.00 36.89 ? 234 HOH A O    1 
HETATM 1420 O  O    . HOH F 5 .   ? -10.063 13.490  -18.251 1.00 34.32 ? 235 HOH A O    1 
HETATM 1421 O  O    . HOH F 5 .   ? -10.638 13.162  5.280   1.00 40.95 ? 236 HOH A O    1 
HETATM 1422 O  O    . HOH F 5 .   ? 19.414  -4.439  14.624  1.00 44.46 ? 237 HOH A O    1 
HETATM 1423 O  O    . HOH F 5 .   ? -11.341 -5.928  3.712   1.00 38.81 ? 238 HOH A O    1 
HETATM 1424 O  O    . HOH F 5 .   ? -0.074  1.728   6.373   1.00 21.94 ? 239 HOH A O    1 
HETATM 1425 O  O    . HOH F 5 .   ? 16.787  1.641   18.830  1.00 29.41 ? 240 HOH A O    1 
HETATM 1426 O  O    . HOH F 5 .   ? -5.875  -12.714 3.206   0.50 30.52 ? 241 HOH A O    1 
HETATM 1427 O  O    . HOH F 5 .   ? -13.967 5.766   -19.208 1.00 29.28 ? 242 HOH A O    1 
HETATM 1428 O  O    . HOH F 5 .   ? 3.452   9.419   17.125  1.00 29.42 ? 243 HOH A O    1 
HETATM 1429 O  O    . HOH F 5 .   ? -0.105  12.476  -13.758 1.00 31.78 ? 244 HOH A O    1 
HETATM 1430 O  O    . HOH F 5 .   ? 9.851   4.658   -19.862 1.00 30.04 ? 245 HOH A O    1 
HETATM 1431 O  O    . HOH F 5 .   ? -4.499  9.259   3.371   1.00 36.47 ? 246 HOH A O    1 
HETATM 1432 O  O    . HOH F 5 .   ? -14.054 -9.508  -11.516 1.00 32.51 ? 247 HOH A O    1 
HETATM 1433 O  O    . HOH F 5 .   ? 16.189  -11.926 14.573  1.00 38.06 ? 248 HOH A O    1 
HETATM 1434 O  O    . HOH F 5 .   ? -1.741  4.895   4.536   1.00 27.21 ? 249 HOH A O    1 
HETATM 1435 O  O    . HOH F 5 .   ? 14.099  8.165   -5.123  1.00 34.95 ? 250 HOH A O    1 
HETATM 1436 O  O    . HOH F 5 .   ? -13.574 -12.682 -13.565 1.00 42.20 ? 251 HOH A O    1 
HETATM 1437 O  O    . HOH F 5 .   ? 16.097  -9.302  16.564  1.00 37.52 ? 252 HOH A O    1 
HETATM 1438 O  O    . HOH F 5 .   ? -16.725 8.898   -13.052 1.00 41.00 ? 253 HOH A O    1 
HETATM 1439 O  O    . HOH F 5 .   ? 8.401   -9.685  14.143  1.00 12.51 ? 254 HOH A O    1 
HETATM 1440 O  O    . HOH F 5 .   ? 5.092   12.232  -2.001  0.50 25.62 ? 255 HOH A O    1 
HETATM 1441 O  O    . HOH F 5 .   ? 18.414  -2.120  -6.763  1.00 40.81 ? 256 HOH A O    1 
HETATM 1442 O  O    . HOH F 5 .   ? -5.798  16.731  -12.764 1.00 35.00 ? 257 HOH A O    1 
HETATM 1443 O  O    . HOH F 5 .   ? 3.238   8.951   6.103   1.00 40.36 ? 258 HOH A O    1 
HETATM 1444 O  O    . HOH F 5 .   ? -11.819 11.772  -19.253 1.00 34.59 ? 259 HOH A O    1 
HETATM 1445 O  O    . HOH F 5 .   ? -15.956 -6.372  1.914   1.00 44.29 ? 260 HOH A O    1 
HETATM 1446 O  O    . HOH F 5 .   ? 4.762   8.601   3.376   1.00 36.22 ? 261 HOH A O    1 
HETATM 1447 O  O    . HOH F 5 .   ? -2.549  8.343   23.739  1.00 30.76 ? 262 HOH A O    1 
HETATM 1448 O  O    . HOH F 5 .   ? -14.011 11.184  -22.686 1.00 41.95 ? 263 HOH A O    1 
HETATM 1449 O  O    . HOH F 5 .   ? -5.442  -0.723  19.413  1.00 29.65 ? 264 HOH A O    1 
HETATM 1450 O  O    . HOH F 5 .   ? -4.522  -16.143 -15.027 1.00 42.66 ? 265 HOH A O    1 
HETATM 1451 O  O    . HOH F 5 .   ? -4.665  -18.433 1.210   1.00 37.14 ? 266 HOH A O    1 
HETATM 1452 O  O    . HOH F 5 .   ? -5.462  5.330   3.175   1.00 40.89 ? 267 HOH A O    1 
HETATM 1453 O  O    . HOH F 5 .   ? -3.805  -16.321 2.033   0.50 14.10 ? 268 HOH A O    1 
HETATM 1454 O  O    . HOH F 5 .   ? -5.900  -3.051  18.380  0.50 18.88 ? 269 HOH A O    1 
HETATM 1455 O  O    . HOH F 5 .   ? -10.903 6.502   -2.537  1.00 9.77  ? 270 HOH A O    1 
HETATM 1456 O  O    . HOH F 5 .   ? 0.907   11.787  -1.424  1.00 9.63  ? 271 HOH A O    1 
HETATM 1457 O  O    . HOH F 5 .   ? -7.038  -1.756  15.545  1.00 47.48 ? 272 HOH A O    1 
HETATM 1458 O  O    . HOH F 5 .   ? 3.256   -13.702 -2.029  1.00 24.29 ? 273 HOH A O    1 
HETATM 1459 O  O    . HOH F 5 .   ? -5.359  8.498   0.628   1.00 9.55  ? 274 HOH A O    1 
HETATM 1460 O  O    . HOH F 5 .   ? -12.949 12.724  -3.782  1.00 6.78  ? 275 HOH A O    1 
HETATM 1461 O  O    . HOH F 5 .   ? 3.543   12.614  -7.960  1.00 11.62 ? 276 HOH A O    1 
HETATM 1462 O  O    . HOH F 5 .   ? -9.654  12.129  -13.191 1.00 13.04 ? 277 HOH A O    1 
HETATM 1463 O  O    . HOH F 5 .   ? 6.373   12.183  -7.451  1.00 11.21 ? 278 HOH A O    1 
HETATM 1464 O  O    . HOH F 5 .   ? -1.154  3.531   -3.319  1.00 10.41 ? 279 HOH A O    1 
HETATM 1465 O  O    . HOH F 5 .   ? -5.129  -5.799  -17.514 1.00 8.23  ? 280 HOH A O    1 
HETATM 1466 O  O    . HOH F 5 .   ? 0.531   14.552  -1.701  1.00 10.48 ? 281 HOH A O    1 
HETATM 1467 O  O    . HOH F 5 .   ? -0.511  -5.319  -19.231 1.00 13.02 ? 282 HOH A O    1 
HETATM 1468 O  O    . HOH F 5 .   ? -8.603  -10.887 0.295   1.00 14.91 ? 283 HOH A O    1 
HETATM 1469 O  O    . HOH F 5 .   ? -6.909  -8.572  -19.638 1.00 11.22 ? 284 HOH A O    1 
HETATM 1470 O  O    . HOH F 5 .   ? 5.733   4.721   -12.827 1.00 8.78  ? 285 HOH A O    1 
HETATM 1471 O  O    . HOH F 5 .   ? 7.764   -1.672  8.557   1.00 9.26  ? 286 HOH A O    1 
HETATM 1472 O  O    . HOH F 5 .   ? 3.489   -7.562  9.767   1.00 14.44 ? 287 HOH A O    1 
HETATM 1473 O  O    . HOH F 5 .   ? 6.144   -0.186  22.252  1.00 13.18 ? 288 HOH A O    1 
HETATM 1474 O  O    . HOH F 5 .   ? -5.139  9.118   -18.317 1.00 12.21 ? 289 HOH A O    1 
HETATM 1475 O  O    . HOH F 5 .   ? -3.773  4.326   7.006   1.00 21.38 ? 290 HOH A O    1 
HETATM 1476 O  O    . HOH F 5 .   ? 4.204   9.111   -0.283  1.00 17.42 ? 291 HOH A O    1 
HETATM 1477 O  O    . HOH F 5 .   ? -0.280  3.555   8.289   1.00 10.72 ? 292 HOH A O    1 
HETATM 1478 O  O    . HOH F 5 .   ? 2.955   -12.154 5.610   1.00 20.02 ? 293 HOH A O    1 
HETATM 1479 O  O    . HOH F 5 .   ? 1.547   4.627   6.350   1.00 18.47 ? 294 HOH A O    1 
HETATM 1480 O  O    . HOH F 5 .   ? -0.827  10.112  -12.774 1.00 11.59 ? 295 HOH A O    1 
HETATM 1481 O  O    . HOH F 5 .   ? 13.532  2.986   -2.550  1.00 13.87 ? 296 HOH A O    1 
HETATM 1482 O  O    . HOH F 5 .   ? 15.845  -3.926  -4.166  1.00 15.20 ? 297 HOH A O    1 
HETATM 1483 O  O    . HOH F 5 .   ? -0.132  3.281   -21.698 1.00 14.47 ? 298 HOH A O    1 
HETATM 1484 O  O    . HOH F 5 .   ? 7.274   -1.332  25.418  1.00 25.30 ? 299 HOH A O    1 
HETATM 1485 O  O    . HOH F 5 .   ? -12.356 7.082   -17.401 1.00 12.95 ? 300 HOH A O    1 
HETATM 1486 O  O    . HOH F 5 .   ? -3.257  10.853  -11.874 1.00 12.82 ? 301 HOH A O    1 
HETATM 1487 O  O    . HOH F 5 .   ? 4.093   6.119   5.990   1.00 18.03 ? 302 HOH A O    1 
HETATM 1488 O  O    . HOH F 5 .   ? -6.847  12.557  -13.968 1.00 11.89 ? 303 HOH A O    1 
HETATM 1489 O  O    . HOH F 5 .   ? -7.302  -12.542 -15.180 1.00 13.58 ? 304 HOH A O    1 
HETATM 1490 O  O    . HOH F 5 .   ? 17.173  -5.520  15.348  1.00 23.99 ? 305 HOH A O    1 
HETATM 1491 O  O    . HOH F 5 .   ? 15.501  -2.499  -8.602  1.00 19.11 ? 306 HOH A O    1 
HETATM 1492 O  O    . HOH F 5 .   ? 16.683  -7.842  14.245  1.00 27.29 ? 307 HOH A O    1 
HETATM 1493 O  O    . HOH F 5 .   ? 13.492  -0.594  21.368  1.00 18.12 ? 308 HOH A O    1 
HETATM 1494 O  O    . HOH F 5 .   ? -3.808  10.060  -16.037 1.00 15.01 ? 309 HOH A O    1 
HETATM 1495 O  O    . HOH F 5 .   ? -11.205 13.556  -0.569  1.00 13.94 ? 310 HOH A O    1 
HETATM 1496 O  O    . HOH F 5 .   ? 6.056   13.667  -3.188  1.00 29.89 ? 311 HOH A O    1 
HETATM 1497 O  O    . HOH F 5 .   ? 6.718   8.191   7.168   1.00 21.50 ? 312 HOH A O    1 
HETATM 1498 O  O    . HOH F 5 .   ? 14.956  -5.144  -8.587  1.00 14.27 ? 313 HOH A O    1 
HETATM 1499 O  O    . HOH F 5 .   ? -5.691  17.230  -3.206  1.00 15.49 ? 314 HOH A O    1 
HETATM 1500 O  O    . HOH F 5 .   ? -4.060  8.271   16.312  1.00 21.05 ? 315 HOH A O    1 
HETATM 1501 O  O    . HOH F 5 .   ? 15.647  1.902   3.647   1.00 25.54 ? 316 HOH A O    1 
HETATM 1502 O  O    . HOH F 5 .   ? -11.210 13.911  -7.800  1.00 16.57 ? 317 HOH A O    1 
HETATM 1503 O  O    . HOH F 5 .   ? -15.191 2.614   -9.639  1.00 17.23 ? 318 HOH A O    1 
HETATM 1504 O  O    . HOH F 5 .   ? 0.633   -6.017  16.259  1.00 18.62 ? 319 HOH A O    1 
HETATM 1505 O  O    . HOH F 5 .   ? -13.060 -7.776  -10.616 1.00 17.76 ? 320 HOH A O    1 
HETATM 1506 O  O    . HOH F 5 .   ? 14.908  1.136   -1.236  1.00 15.99 ? 321 HOH A O    1 
HETATM 1507 O  O    . HOH F 5 .   ? -5.966  12.286  4.670   1.00 19.67 ? 322 HOH A O    1 
HETATM 1508 O  O    . HOH F 5 .   ? 13.621  -8.392  16.926  1.00 19.48 ? 323 HOH A O    1 
HETATM 1509 O  O    . HOH F 5 .   ? -5.337  10.272  -13.704 1.00 11.44 ? 324 HOH A O    1 
HETATM 1510 O  O    . HOH F 5 .   ? -9.742  0.047   0.190   1.00 17.38 ? 325 HOH A O    1 
HETATM 1511 O  O    . HOH F 5 .   ? -3.429  13.649  -11.728 1.00 15.05 ? 326 HOH A O    1 
HETATM 1512 O  O    . HOH F 5 .   ? 8.007   -1.908  -18.120 1.00 16.58 ? 327 HOH A O    1 
HETATM 1513 O  O    . HOH F 5 .   ? 11.873  -9.723  18.746  1.00 22.86 ? 328 HOH A O    1 
HETATM 1514 O  O    . HOH F 5 .   ? 11.653  -5.769  3.719   1.00 14.15 ? 329 HOH A O    1 
HETATM 1515 O  O    . HOH F 5 .   ? -3.880  5.379   15.648  1.00 15.77 ? 330 HOH A O    1 
HETATM 1516 O  O    . HOH F 5 .   ? -3.346  -15.922 -1.171  1.00 15.39 ? 331 HOH A O    1 
HETATM 1517 O  O    . HOH F 5 .   ? 1.705   -11.752 8.005   1.00 17.49 ? 332 HOH A O    1 
HETATM 1518 O  O    . HOH F 5 .   ? 3.554   10.701  -12.840 1.00 15.65 ? 333 HOH A O    1 
HETATM 1519 O  O    . HOH F 5 .   ? 8.471   -6.018  -7.616  1.00 12.47 ? 334 HOH A O    1 
HETATM 1520 O  O    . HOH F 5 .   ? 4.843   -3.363  -18.025 1.00 13.58 ? 335 HOH A O    1 
HETATM 1521 O  O    . HOH F 5 .   ? 4.078   2.815   -21.474 1.00 23.27 ? 336 HOH A O    1 
HETATM 1522 O  O    . HOH F 5 .   ? 7.822   9.786   15.418  1.00 31.21 ? 337 HOH A O    1 
HETATM 1523 O  O    . HOH F 5 .   ? -8.272  18.151  -3.438  1.00 24.96 ? 338 HOH A O    1 
HETATM 1524 O  O    . HOH F 5 .   ? -10.268 6.026   -24.677 1.00 26.08 ? 339 HOH A O    1 
HETATM 1525 O  O    . HOH F 5 .   ? 1.608   10.447  0.686   1.00 20.61 ? 340 HOH A O    1 
HETATM 1526 O  O    . HOH F 5 .   ? -11.870 4.235   -0.931  1.00 19.88 ? 341 HOH A O    1 
HETATM 1527 O  O    . HOH F 5 .   ? -3.141  -3.515  3.162   1.00 24.95 ? 342 HOH A O    1 
HETATM 1528 O  O    . HOH F 5 .   ? -14.977 -4.452  -11.915 1.00 12.69 ? 343 HOH A O    1 
HETATM 1529 O  O    . HOH F 5 .   ? -5.074  13.267  8.615   1.00 14.08 ? 344 HOH A O    1 
HETATM 1530 O  O    . HOH F 5 .   ? 16.475  -6.697  6.963   1.00 20.73 ? 345 HOH A O    1 
HETATM 1531 O  O    . HOH F 5 .   ? 10.222  1.186   -16.402 1.00 14.06 ? 346 HOH A O    1 
HETATM 1532 O  O    . HOH F 5 .   ? 14.741  -7.782  8.529   1.00 19.06 ? 347 HOH A O    1 
HETATM 1533 O  O    . HOH F 5 .   ? -2.302  4.373   -22.708 1.00 18.87 ? 348 HOH A O    1 
HETATM 1534 O  O    . HOH F 5 .   ? 2.651   10.848  8.216   1.00 11.45 ? 349 HOH A O    1 
HETATM 1535 O  O    . HOH F 5 .   ? 0.820   7.794   1.477   1.00 21.90 ? 350 HOH A O    1 
HETATM 1536 O  O    . HOH F 5 .   ? -9.709  -13.794 -15.437 1.00 27.12 ? 351 HOH A O    1 
HETATM 1537 O  O    . HOH F 5 .   ? -11.388 -7.993  1.851   1.00 27.25 ? 352 HOH A O    1 
HETATM 1538 O  O    . HOH F 5 .   ? -11.623 9.005   -19.590 1.00 17.36 ? 353 HOH A O    1 
HETATM 1539 O  O    . HOH F 5 .   ? 0.109   3.078   4.128   1.00 17.82 ? 354 HOH A O    1 
HETATM 1540 O  O    . HOH F 5 .   ? -12.957 -6.042  -12.788 1.00 21.76 ? 355 HOH A O    1 
HETATM 1541 O  O    . HOH F 5 .   ? 12.989  -9.292  14.589  1.00 25.03 ? 356 HOH A O    1 
HETATM 1542 O  O    . HOH F 5 .   ? -4.610  -5.850  2.637   1.00 26.00 ? 357 HOH A O    1 
HETATM 1543 O  O    . HOH F 5 .   ? -15.018 -5.668  -9.527  1.00 25.17 ? 358 HOH A O    1 
HETATM 1544 O  O    . HOH F 5 .   ? -6.390  13.713  -16.107 1.00 22.70 ? 359 HOH A O    1 
HETATM 1545 O  O    . HOH F 5 .   ? -9.279  -1.134  3.776   1.00 19.92 ? 360 HOH A O    1 
HETATM 1546 O  O    . HOH F 5 .   ? 13.683  -1.205  -0.682  1.00 17.21 ? 361 HOH A O    1 
HETATM 1547 O  O    . HOH F 5 .   ? 9.183   -12.767 21.271  1.00 24.97 ? 362 HOH A O    1 
HETATM 1548 O  O    . HOH F 5 .   ? 13.584  6.982   12.375  1.00 23.76 ? 363 HOH A O    1 
HETATM 1549 O  O    . HOH F 5 .   ? 0.823   10.711  20.284  1.00 32.23 ? 364 HOH A O    1 
HETATM 1550 O  O    . HOH F 5 .   ? 3.156   15.224  -7.987  1.00 17.77 ? 365 HOH A O    1 
HETATM 1551 O  O    . HOH F 5 .   ? -3.172  10.221  20.819  1.00 21.53 ? 366 HOH A O    1 
HETATM 1552 O  O    . HOH F 5 .   ? -6.364  -15.504 -11.796 1.00 23.59 ? 367 HOH A O    1 
HETATM 1553 O  O    . HOH F 5 .   ? 7.417   14.311  -6.297  1.00 35.20 ? 368 HOH A O    1 
HETATM 1554 O  O    . HOH F 5 .   ? 7.193   11.091  -9.802  1.00 16.55 ? 369 HOH A O    1 
HETATM 1555 O  O    . HOH F 5 .   ? 4.271   11.651  -10.408 1.00 22.59 ? 370 HOH A O    1 
HETATM 1556 O  O    . HOH F 5 .   ? 1.211   7.426   5.828   1.00 34.71 ? 371 HOH A O    1 
HETATM 1557 O  O    . HOH F 5 .   ? 12.200  -1.304  25.856  1.00 32.98 ? 372 HOH A O    1 
HETATM 1558 O  O    . HOH F 5 .   ? 10.376  -1.707  -16.689 1.00 19.20 ? 373 HOH A O    1 
HETATM 1559 O  O    . HOH F 5 .   ? -9.542  8.432   -23.337 1.00 28.49 ? 374 HOH A O    1 
HETATM 1560 O  O    . HOH F 5 .   ? 3.400   -15.431 -0.101  1.00 26.50 ? 375 HOH A O    1 
HETATM 1561 O  O    . HOH F 5 .   ? 8.646   6.250   20.064  1.00 22.15 ? 376 HOH A O    1 
HETATM 1562 O  O    . HOH F 5 .   ? -8.115  10.490  8.915   1.00 28.98 ? 377 HOH A O    1 
HETATM 1563 O  O    . HOH F 5 .   ? -12.927 -6.623  -1.030  1.00 27.79 ? 378 HOH A O    1 
HETATM 1564 O  O    . HOH F 5 .   ? 0.199   -2.283  7.962   1.00 22.30 ? 379 HOH A O    1 
HETATM 1565 O  O    . HOH F 5 .   ? 10.346  8.223   1.083   1.00 30.85 ? 380 HOH A O    1 
HETATM 1566 O  O    . HOH F 5 .   ? 13.476  -4.959  24.018  1.00 31.37 ? 381 HOH A O    1 
HETATM 1567 O  O    . HOH F 5 .   ? -10.177 13.678  -11.059 1.00 20.49 ? 382 HOH A O    1 
HETATM 1568 O  O    . HOH F 5 .   ? -12.939 -10.025 -13.752 1.00 35.55 ? 383 HOH A O    1 
HETATM 1569 O  O    . HOH F 5 .   ? 4.945   -0.693  -20.564 1.00 23.46 ? 384 HOH A O    1 
HETATM 1570 O  O    . HOH F 5 .   ? 11.740  8.368   13.400  1.00 25.24 ? 385 HOH A O    1 
HETATM 1571 O  O    . HOH F 5 .   ? -6.133  14.267  -11.997 1.00 20.07 ? 386 HOH A O    1 
HETATM 1572 O  O    . HOH F 5 .   ? -9.296  8.776   -20.764 1.00 16.80 ? 387 HOH A O    1 
HETATM 1573 O  O    . HOH F 5 .   ? 12.894  -1.453  1.915   1.00 19.12 ? 388 HOH A O    1 
HETATM 1574 O  O    . HOH F 5 .   ? -4.153  2.330   -23.292 1.00 17.64 ? 389 HOH A O    1 
HETATM 1575 O  O    . HOH F 5 .   ? -12.916 14.731  -11.853 1.00 32.89 ? 390 HOH A O    1 
HETATM 1576 O  O    . HOH F 5 .   ? -4.060  -19.568 -0.107  1.00 37.86 ? 391 HOH A O    1 
HETATM 1577 O  O    . HOH F 5 .   ? -1.738  -3.927  15.068  1.00 24.45 ? 392 HOH A O    1 
HETATM 1578 O  O    . HOH F 5 .   ? -13.889 7.933   -15.364 1.00 17.64 ? 393 HOH A O    1 
HETATM 1579 O  O    . HOH F 5 .   ? -1.696  -0.205  5.445   1.00 24.28 ? 394 HOH A O    1 
HETATM 1580 O  O    . HOH F 5 .   ? 18.444  0.369   13.233  1.00 19.08 ? 395 HOH A O    1 
HETATM 1581 O  O    . HOH F 5 .   ? -3.222  -16.830 -12.661 1.00 25.52 ? 396 HOH A O    1 
HETATM 1582 O  O    . HOH F 5 .   ? 1.352   -13.436 3.830   1.00 22.05 ? 397 HOH A O    1 
HETATM 1583 O  O    . HOH F 5 .   ? 5.419   -7.810  -17.396 1.00 16.82 ? 398 HOH A O    1 
HETATM 1584 O  O    . HOH F 5 .   ? 16.024  -5.449  18.299  1.00 19.42 ? 399 HOH A O    1 
HETATM 1585 O  O    . HOH F 5 .   ? -6.006  9.401   -23.824 1.00 27.31 ? 400 HOH A O    1 
HETATM 1586 O  O    . HOH F 5 .   ? 18.792  -2.987  12.105  1.00 19.22 ? 401 HOH A O    1 
HETATM 1587 O  O    . HOH F 5 .   ? 15.939  2.480   16.461  1.00 19.90 ? 402 HOH A O    1 
HETATM 1588 O  O    . HOH F 5 .   ? 14.590  -8.322  12.532  1.00 25.35 ? 403 HOH A O    1 
HETATM 1589 O  O    . HOH F 5 .   ? -13.777 2.834   -2.318  1.00 23.51 ? 404 HOH A O    1 
HETATM 1590 O  O    . HOH F 5 .   ? 1.242   -0.050  26.121  1.00 21.72 ? 405 HOH A O    1 
HETATM 1591 O  O    . HOH F 5 .   ? -15.484 -3.217  -0.974  1.00 22.29 ? 406 HOH A O    1 
HETATM 1592 O  O    . HOH F 5 .   ? 5.670   10.254  8.603   1.00 21.30 ? 407 HOH A O    1 
HETATM 1593 O  O    . HOH F 5 .   ? -4.254  12.039  15.221  1.00 29.87 ? 408 HOH A O    1 
HETATM 1594 O  O    . HOH F 5 .   ? -6.986  10.365  12.675  1.00 30.13 ? 409 HOH A O    1 
HETATM 1595 O  O    . HOH F 5 .   ? -18.765 0.440   -2.852  1.00 26.94 ? 410 HOH A O    1 
HETATM 1596 O  O    . HOH F 5 .   ? 19.014  -8.173  13.199  1.00 28.62 ? 411 HOH A O    1 
HETATM 1597 O  O    . HOH F 5 .   ? -0.353  17.057  -6.292  1.00 22.86 ? 412 HOH A O    1 
HETATM 1598 O  O    . HOH F 5 .   ? -13.312 -12.342 -2.121  1.00 24.55 ? 413 HOH A O    1 
HETATM 1599 O  O    . HOH F 5 .   ? -15.054 -0.059  -19.001 1.00 32.02 ? 414 HOH A O    1 
HETATM 1600 O  O    . HOH F 5 .   ? 16.691  -2.857  19.847  1.00 21.75 ? 415 HOH A O    1 
HETATM 1601 O  O    . HOH F 5 .   ? -7.700  10.454  -21.188 1.00 26.38 ? 416 HOH A O    1 
HETATM 1602 O  O    . HOH F 5 .   ? -4.124  10.222  18.293  1.00 22.66 ? 417 HOH A O    1 
HETATM 1603 O  O    . HOH F 5 .   ? -8.671  -4.474  4.060   1.00 25.38 ? 418 HOH A O    1 
HETATM 1604 O  O    . HOH F 5 .   ? -8.813  -15.202 -11.027 1.00 28.82 ? 419 HOH A O    1 
HETATM 1605 O  O    . HOH F 5 .   ? 5.871   10.357  -14.105 1.00 23.84 ? 420 HOH A O    1 
HETATM 1606 O  O    . HOH F 5 .   ? -8.315  -7.367  -21.738 1.00 23.35 ? 421 HOH A O    1 
HETATM 1607 O  O    . HOH F 5 .   ? -10.662 2.633   0.862   1.00 19.08 ? 422 HOH A O    1 
HETATM 1608 O  O    . HOH F 5 .   ? -4.553  -7.405  0.818   1.00 26.48 ? 423 HOH A O    1 
HETATM 1609 O  O    . HOH F 5 .   ? -2.958  -11.696 3.624   1.00 30.73 ? 424 HOH A O    1 
HETATM 1610 O  O    . HOH F 5 .   ? 11.381  8.242   5.627   1.00 21.88 ? 425 HOH A O    1 
HETATM 1611 O  O    . HOH F 5 .   ? -10.288 -2.825  -23.914 1.00 19.11 ? 426 HOH A O    1 
HETATM 1612 O  O    . HOH F 5 .   ? 10.462  -3.804  -13.651 1.00 29.10 ? 427 HOH A O    1 
HETATM 1613 O  O    . HOH F 5 .   ? 14.116  5.163   -1.081  1.00 23.51 ? 428 HOH A O    1 
HETATM 1614 O  O    . HOH F 5 .   ? 0.322   -7.177  7.517   1.00 22.10 ? 429 HOH A O    1 
HETATM 1615 O  O    . HOH F 5 .   ? -6.940  7.583   -24.737 1.00 23.27 ? 430 HOH A O    1 
# 
loop_
_pdbx_poly_seq_scheme.asym_id 
_pdbx_poly_seq_scheme.entity_id 
_pdbx_poly_seq_scheme.seq_id 
_pdbx_poly_seq_scheme.mon_id 
_pdbx_poly_seq_scheme.ndb_seq_num 
_pdbx_poly_seq_scheme.pdb_seq_num 
_pdbx_poly_seq_scheme.auth_seq_num 
_pdbx_poly_seq_scheme.pdb_mon_id 
_pdbx_poly_seq_scheme.auth_mon_id 
_pdbx_poly_seq_scheme.pdb_strand_id 
_pdbx_poly_seq_scheme.pdb_ins_code 
_pdbx_poly_seq_scheme.hetero 
A 1 1   MET 1   1   1   MET MET A . n 
A 1 2   ASN 2   2   2   ASN ASN A . n 
A 1 3   ILE 3   3   3   ILE ILE A . n 
A 1 4   PHE 4   4   4   PHE PHE A . n 
A 1 5   GLU 5   5   5   GLU GLU A . n 
A 1 6   MET 6   6   6   MET MET A . n 
A 1 7   LEU 7   7   7   LEU LEU A . n 
A 1 8   ARG 8   8   8   ARG ARG A . n 
A 1 9   ILE 9   9   9   ILE ILE A . n 
A 1 10  ASP 10  10  10  ASP ASP A . n 
A 1 11  GLU 11  11  11  GLU GLU A . n 
A 1 12  GLY 12  12  12  GLY GLY A . n 
A 1 13  LEU 13  13  13  LEU LEU A . n 
A 1 14  ARG 14  14  14  ARG ARG A . n 
A 1 15  LEU 15  15  15  LEU LEU A . n 
A 1 16  LYS 16  16  16  LYS LYS A . n 
A 1 17  ILE 17  17  17  ILE ILE A . n 
A 1 18  TYR 18  18  18  TYR TYR A . n 
A 1 19  LYS 19  19  19  LYS LYS A . n 
A 1 20  ASP 20  20  20  ASP ASP A . n 
A 1 21  THR 21  21  21  THR THR A . n 
A 1 22  GLU 22  22  22  GLU GLU A . n 
A 1 23  GLY 23  23  23  GLY GLY A . n 
A 1 24  TYR 24  24  24  TYR TYR A . n 
A 1 25  TYR 25  25  25  TYR TYR A . n 
A 1 26  THR 26  26  26  THR THR A . n 
A 1 27  ILE 27  27  27  ILE ILE A . n 
A 1 28  GLY 28  28  28  GLY GLY A . n 
A 1 29  ILE 29  29  29  ILE ILE A . n 
A 1 30  GLY 30  30  30  GLY GLY A . n 
A 1 31  HIS 31  31  31  HIS HIS A . n 
A 1 32  LEU 32  32  32  LEU LEU A . n 
A 1 33  LEU 33  33  33  LEU LEU A . n 
A 1 34  THR 34  34  34  THR THR A . n 
A 1 35  LYS 35  35  35  LYS LYS A . n 
A 1 36  SER 36  36  36  SER SER A . n 
A 1 37  PRO 37  37  37  PRO PRO A . n 
A 1 38  ASP 38  38  38  ASP ASP A . n 
A 1 39  LEU 39  39  39  LEU LEU A . n 
A 1 40  ASN 40  40  40  ASN ASN A . n 
A 1 41  ALA 41  41  41  ALA ALA A . n 
A 1 42  ALA 42  42  42  ALA ALA A . n 
A 1 43  LYS 43  43  43  LYS LYS A . n 
A 1 44  SER 44  44  44  SER SER A . n 
A 1 45  GLU 45  45  45  GLU GLU A . n 
A 1 46  LEU 46  46  46  LEU LEU A . n 
A 1 47  ASP 47  47  47  ASP ASP A . n 
A 1 48  LYS 48  48  48  LYS LYS A . n 
A 1 49  ALA 49  49  49  ALA ALA A . n 
A 1 50  ILE 50  50  50  ILE ILE A . n 
A 1 51  GLY 51  51  51  GLY GLY A . n 
A 1 52  ARG 52  52  52  ARG ARG A . n 
A 1 53  ASN 53  53  53  ASN ASN A . n 
A 1 54  CYS 54  54  54  CYS CYS A . n 
A 1 55  ASN 55  55  55  ASN ASN A . n 
A 1 56  GLY 56  56  56  GLY GLY A . n 
A 1 57  VAL 57  57  57  VAL VAL A . n 
A 1 58  ILE 58  58  58  ILE ILE A . n 
A 1 59  THR 59  59  59  THR THR A . n 
A 1 60  LYS 60  60  60  LYS LYS A . n 
A 1 61  ASP 61  61  61  ASP ASP A . n 
A 1 62  GLU 62  62  62  GLU GLU A . n 
A 1 63  ALA 63  63  63  ALA ALA A . n 
A 1 64  GLU 64  64  64  GLU GLU A . n 
A 1 65  LYS 65  65  65  LYS LYS A . n 
A 1 66  LEU 66  66  66  LEU LEU A . n 
A 1 67  PHE 67  67  67  PHE PHE A . n 
A 1 68  ASN 68  68  68  ASN ASN A . n 
A 1 69  GLN 69  69  69  GLN GLN A . n 
A 1 70  ASP 70  70  70  ASP ASP A . n 
A 1 71  VAL 71  71  71  VAL VAL A . n 
A 1 72  ASP 72  72  72  ASP ASP A . n 
A 1 73  ALA 73  73  73  ALA ALA A . n 
A 1 74  ALA 74  74  74  ALA ALA A . n 
A 1 75  VAL 75  75  75  VAL VAL A . n 
A 1 76  ARG 76  76  76  ARG ARG A . n 
A 1 77  GLY 77  77  77  GLY GLY A . n 
A 1 78  ILE 78  78  78  ILE ILE A . n 
A 1 79  LEU 79  79  79  LEU LEU A . n 
A 1 80  ARG 80  80  80  ARG ARG A . n 
A 1 81  ASN 81  81  81  ASN ASN A . n 
A 1 82  ALA 82  82  82  ALA ALA A . n 
A 1 83  LYS 83  83  83  LYS LYS A . n 
A 1 84  LEU 84  84  84  LEU LEU A . n 
A 1 85  LYS 85  85  85  LYS LYS A . n 
A 1 86  PRO 86  86  86  PRO PRO A . n 
A 1 87  VAL 87  87  87  VAL VAL A . n 
A 1 88  TYR 88  88  88  TYR TYR A . n 
A 1 89  ASP 89  89  89  ASP ASP A . n 
A 1 90  SER 90  90  90  SER SER A . n 
A 1 91  LEU 91  91  91  LEU LEU A . n 
A 1 92  ASP 92  92  92  ASP ASP A . n 
A 1 93  ALA 93  93  93  ALA ALA A . n 
A 1 94  VAL 94  94  94  VAL VAL A . n 
A 1 95  ARG 95  95  95  ARG ARG A . n 
A 1 96  ARG 96  96  96  ARG ARG A . n 
A 1 97  CYS 97  97  97  CYS CYS A . n 
A 1 98  ALA 98  98  98  ALA ALA A . n 
A 1 99  ALA 99  99  99  ALA ALA A . n 
A 1 100 ILE 100 100 100 ILE ILE A . n 
A 1 101 ASN 101 101 101 ASN ASN A . n 
A 1 102 GLN 102 102 102 GLN GLN A . n 
A 1 103 VAL 103 103 103 VAL VAL A . n 
A 1 104 PHE 104 104 104 PHE PHE A . n 
A 1 105 GLN 105 105 105 GLN GLN A . n 
A 1 106 MET 106 106 106 MET MET A . n 
A 1 107 GLY 107 107 107 GLY GLY A . n 
A 1 108 GLU 108 108 108 GLU GLU A . n 
A 1 109 THR 109 109 109 THR THR A . n 
A 1 110 GLY 110 110 110 GLY GLY A . n 
A 1 111 VAL 111 111 111 VAL VAL A . n 
A 1 112 ALA 112 112 112 ALA ALA A . n 
A 1 113 GLY 113 113 113 GLY GLY A . n 
A 1 114 PHE 114 114 114 PHE PHE A . n 
A 1 115 THR 115 115 115 THR THR A . n 
A 1 116 ASN 116 116 116 ASN ASN A . n 
A 1 117 SER 117 117 117 SER SER A . n 
A 1 118 LEU 118 118 118 LEU LEU A . n 
A 1 119 ARG 119 119 119 ARG ARG A . n 
A 1 120 MET 120 120 120 MET MET A . n 
A 1 121 LEU 121 121 121 LEU LEU A . n 
A 1 122 GLN 122 122 122 GLN GLN A . n 
A 1 123 GLN 123 123 123 GLN GLN A . n 
A 1 124 LYS 124 124 124 LYS LYS A . n 
A 1 125 ARG 125 125 125 ARG ARG A . n 
A 1 126 TRP 126 126 126 TRP TRP A . n 
A 1 127 ASP 127 127 127 ASP ASP A . n 
A 1 128 GLU 128 128 128 GLU GLU A . n 
A 1 129 ALA 129 129 129 ALA ALA A . n 
A 1 130 ALA 130 130 130 ALA ALA A . n 
A 1 131 VAL 131 131 131 VAL VAL A . n 
A 1 132 ASN 132 132 132 ASN ASN A . n 
A 1 133 LEU 133 133 133 LEU LEU A . n 
A 1 134 ALA 134 134 134 ALA ALA A . n 
A 1 135 LYS 135 135 135 LYS LYS A . n 
A 1 136 SER 136 136 136 SER SER A . n 
A 1 137 ARG 137 137 137 ARG ARG A . n 
A 1 138 TRP 138 138 138 TRP TRP A . n 
A 1 139 TYR 139 139 139 TYR TYR A . n 
A 1 140 ASN 140 140 140 ASN ASN A . n 
A 1 141 GLN 141 141 141 GLN GLN A . n 
A 1 142 THR 142 142 142 THR THR A . n 
A 1 143 PRO 143 143 143 PRO PRO A . n 
A 1 144 ASP 144 144 144 ASP ASP A . n 
A 1 145 ARG 145 145 145 ARG ARG A . n 
A 1 146 ALA 146 146 146 ALA ALA A . n 
A 1 147 LYS 147 147 147 LYS LYS A . n 
A 1 148 ARG 148 148 148 ARG ARG A . n 
A 1 149 VAL 149 149 149 VAL VAL A . n 
A 1 150 ILE 150 150 150 ILE ILE A . n 
A 1 151 THR 151 151 151 THR THR A . n 
A 1 152 THR 152 152 152 THR THR A . n 
A 1 153 PHE 153 153 153 PHE PHE A . n 
A 1 154 ARG 154 154 154 ARG ARG A . n 
A 1 155 THR 155 155 155 THR THR A . n 
A 1 156 GLY 156 156 156 GLY GLY A . n 
A 1 157 THR 157 157 157 THR THR A . n 
A 1 158 TRP 158 158 158 TRP TRP A . n 
A 1 159 ASP 159 159 159 ASP ASP A . n 
A 1 160 ALA 160 160 160 ALA ALA A . n 
A 1 161 TYR 161 161 161 TYR TYR A . n 
A 1 162 LYS 162 162 162 LYS LYS A . n 
A 1 163 ASN 163 163 ?   ?   ?   A . n 
A 1 164 LEU 164 164 ?   ?   ?   A . n 
# 
loop_
_pdbx_nonpoly_scheme.asym_id 
_pdbx_nonpoly_scheme.entity_id 
_pdbx_nonpoly_scheme.mon_id 
_pdbx_nonpoly_scheme.ndb_seq_num 
_pdbx_nonpoly_scheme.pdb_seq_num 
_pdbx_nonpoly_scheme.auth_seq_num 
_pdbx_nonpoly_scheme.pdb_mon_id 
_pdbx_nonpoly_scheme.auth_mon_id 
_pdbx_nonpoly_scheme.pdb_strand_id 
_pdbx_nonpoly_scheme.pdb_ins_code 
B 2 PO4 1   165 1   PO4 PO4 A . 
C 3 JZ6 1   166 1   JZ6 JZ6 A . 
D 3 JZ6 1   167 1   JZ6 JZ6 A . 
E 4 BME 1   168 1   BME BME A . 
F 5 HOH 1   169 169 HOH HOH A . 
F 5 HOH 2   170 170 HOH HOH A . 
F 5 HOH 3   171 171 HOH HOH A . 
F 5 HOH 4   172 172 HOH HOH A . 
F 5 HOH 5   173 173 HOH HOH A . 
F 5 HOH 6   174 174 HOH HOH A . 
F 5 HOH 7   175 175 HOH HOH A . 
F 5 HOH 8   176 176 HOH HOH A . 
F 5 HOH 9   177 177 HOH HOH A . 
F 5 HOH 10  178 178 HOH HOH A . 
F 5 HOH 11  179 179 HOH HOH A . 
F 5 HOH 12  180 180 HOH HOH A . 
F 5 HOH 13  181 181 HOH HOH A . 
F 5 HOH 14  182 182 HOH HOH A . 
F 5 HOH 15  183 183 HOH HOH A . 
F 5 HOH 16  184 184 HOH HOH A . 
F 5 HOH 17  185 185 HOH HOH A . 
F 5 HOH 18  186 186 HOH HOH A . 
F 5 HOH 19  187 187 HOH HOH A . 
F 5 HOH 20  188 188 HOH HOH A . 
F 5 HOH 21  189 189 HOH HOH A . 
F 5 HOH 22  190 190 HOH HOH A . 
F 5 HOH 23  191 191 HOH HOH A . 
F 5 HOH 24  192 192 HOH HOH A . 
F 5 HOH 25  193 193 HOH HOH A . 
F 5 HOH 26  194 194 HOH HOH A . 
F 5 HOH 27  195 195 HOH HOH A . 
F 5 HOH 28  196 196 HOH HOH A . 
F 5 HOH 29  197 197 HOH HOH A . 
F 5 HOH 30  198 1   HOH HOH A . 
F 5 HOH 31  199 199 HOH HOH A . 
F 5 HOH 32  200 200 HOH HOH A . 
F 5 HOH 33  201 201 HOH HOH A . 
F 5 HOH 34  202 202 HOH HOH A . 
F 5 HOH 35  203 203 HOH HOH A . 
F 5 HOH 36  204 204 HOH HOH A . 
F 5 HOH 37  205 205 HOH HOH A . 
F 5 HOH 38  206 206 HOH HOH A . 
F 5 HOH 39  207 207 HOH HOH A . 
F 5 HOH 40  208 208 HOH HOH A . 
F 5 HOH 41  209 209 HOH HOH A . 
F 5 HOH 42  210 210 HOH HOH A . 
F 5 HOH 43  211 211 HOH HOH A . 
F 5 HOH 44  212 212 HOH HOH A . 
F 5 HOH 45  213 213 HOH HOH A . 
F 5 HOH 46  214 214 HOH HOH A . 
F 5 HOH 47  215 215 HOH HOH A . 
F 5 HOH 48  216 216 HOH HOH A . 
F 5 HOH 49  217 217 HOH HOH A . 
F 5 HOH 50  218 218 HOH HOH A . 
F 5 HOH 51  219 219 HOH HOH A . 
F 5 HOH 52  220 220 HOH HOH A . 
F 5 HOH 53  221 221 HOH HOH A . 
F 5 HOH 54  222 222 HOH HOH A . 
F 5 HOH 55  223 223 HOH HOH A . 
F 5 HOH 56  224 224 HOH HOH A . 
F 5 HOH 57  225 225 HOH HOH A . 
F 5 HOH 58  226 226 HOH HOH A . 
F 5 HOH 59  227 227 HOH HOH A . 
F 5 HOH 60  228 228 HOH HOH A . 
F 5 HOH 61  229 229 HOH HOH A . 
F 5 HOH 62  230 230 HOH HOH A . 
F 5 HOH 63  231 231 HOH HOH A . 
F 5 HOH 64  232 232 HOH HOH A . 
F 5 HOH 65  233 233 HOH HOH A . 
F 5 HOH 66  234 234 HOH HOH A . 
F 5 HOH 67  235 235 HOH HOH A . 
F 5 HOH 68  236 236 HOH HOH A . 
F 5 HOH 69  237 237 HOH HOH A . 
F 5 HOH 70  238 238 HOH HOH A . 
F 5 HOH 71  239 2   HOH HOH A . 
F 5 HOH 72  240 240 HOH HOH A . 
F 5 HOH 73  241 241 HOH HOH A . 
F 5 HOH 74  242 242 HOH HOH A . 
F 5 HOH 75  243 243 HOH HOH A . 
F 5 HOH 76  244 244 HOH HOH A . 
F 5 HOH 77  245 245 HOH HOH A . 
F 5 HOH 78  246 246 HOH HOH A . 
F 5 HOH 79  247 247 HOH HOH A . 
F 5 HOH 80  248 248 HOH HOH A . 
F 5 HOH 81  249 249 HOH HOH A . 
F 5 HOH 82  250 250 HOH HOH A . 
F 5 HOH 83  251 251 HOH HOH A . 
F 5 HOH 84  252 252 HOH HOH A . 
F 5 HOH 85  253 253 HOH HOH A . 
F 5 HOH 86  254 3   HOH HOH A . 
F 5 HOH 87  255 255 HOH HOH A . 
F 5 HOH 88  256 256 HOH HOH A . 
F 5 HOH 89  257 257 HOH HOH A . 
F 5 HOH 90  258 258 HOH HOH A . 
F 5 HOH 91  259 259 HOH HOH A . 
F 5 HOH 92  260 260 HOH HOH A . 
F 5 HOH 93  261 261 HOH HOH A . 
F 5 HOH 94  262 262 HOH HOH A . 
F 5 HOH 95  263 263 HOH HOH A . 
F 5 HOH 96  264 264 HOH HOH A . 
F 5 HOH 97  265 265 HOH HOH A . 
F 5 HOH 98  266 266 HOH HOH A . 
F 5 HOH 99  267 267 HOH HOH A . 
F 5 HOH 100 268 268 HOH HOH A . 
F 5 HOH 101 269 269 HOH HOH A . 
F 5 HOH 102 270 4   HOH HOH A . 
F 5 HOH 103 271 5   HOH HOH A . 
F 5 HOH 104 272 272 HOH HOH A . 
F 5 HOH 105 273 273 HOH HOH A . 
F 5 HOH 106 274 6   HOH HOH A . 
F 5 HOH 107 275 7   HOH HOH A . 
F 5 HOH 108 276 8   HOH HOH A . 
F 5 HOH 109 277 9   HOH HOH A . 
F 5 HOH 110 278 10  HOH HOH A . 
F 5 HOH 111 279 11  HOH HOH A . 
F 5 HOH 112 280 12  HOH HOH A . 
F 5 HOH 113 281 13  HOH HOH A . 
F 5 HOH 114 282 14  HOH HOH A . 
F 5 HOH 115 283 15  HOH HOH A . 
F 5 HOH 116 284 16  HOH HOH A . 
F 5 HOH 117 285 17  HOH HOH A . 
F 5 HOH 118 286 18  HOH HOH A . 
F 5 HOH 119 287 19  HOH HOH A . 
F 5 HOH 120 288 20  HOH HOH A . 
F 5 HOH 121 289 21  HOH HOH A . 
F 5 HOH 122 290 22  HOH HOH A . 
F 5 HOH 123 291 23  HOH HOH A . 
F 5 HOH 124 292 24  HOH HOH A . 
F 5 HOH 125 293 26  HOH HOH A . 
F 5 HOH 126 294 27  HOH HOH A . 
F 5 HOH 127 295 28  HOH HOH A . 
F 5 HOH 128 296 29  HOH HOH A . 
F 5 HOH 129 297 30  HOH HOH A . 
F 5 HOH 130 298 31  HOH HOH A . 
F 5 HOH 131 299 32  HOH HOH A . 
F 5 HOH 132 300 33  HOH HOH A . 
F 5 HOH 133 301 34  HOH HOH A . 
F 5 HOH 134 302 35  HOH HOH A . 
F 5 HOH 135 303 36  HOH HOH A . 
F 5 HOH 136 304 37  HOH HOH A . 
F 5 HOH 137 305 38  HOH HOH A . 
F 5 HOH 138 306 39  HOH HOH A . 
F 5 HOH 139 307 40  HOH HOH A . 
F 5 HOH 140 308 41  HOH HOH A . 
F 5 HOH 141 309 42  HOH HOH A . 
F 5 HOH 142 310 43  HOH HOH A . 
F 5 HOH 143 311 44  HOH HOH A . 
F 5 HOH 144 312 45  HOH HOH A . 
F 5 HOH 145 313 46  HOH HOH A . 
F 5 HOH 146 314 47  HOH HOH A . 
F 5 HOH 147 315 48  HOH HOH A . 
F 5 HOH 148 316 49  HOH HOH A . 
F 5 HOH 149 317 50  HOH HOH A . 
F 5 HOH 150 318 51  HOH HOH A . 
F 5 HOH 151 319 52  HOH HOH A . 
F 5 HOH 152 320 53  HOH HOH A . 
F 5 HOH 153 321 54  HOH HOH A . 
F 5 HOH 154 322 55  HOH HOH A . 
F 5 HOH 155 323 56  HOH HOH A . 
F 5 HOH 156 324 57  HOH HOH A . 
F 5 HOH 157 325 58  HOH HOH A . 
F 5 HOH 158 326 59  HOH HOH A . 
F 5 HOH 159 327 60  HOH HOH A . 
F 5 HOH 160 328 61  HOH HOH A . 
F 5 HOH 161 329 62  HOH HOH A . 
F 5 HOH 162 330 63  HOH HOH A . 
F 5 HOH 163 331 64  HOH HOH A . 
F 5 HOH 164 332 65  HOH HOH A . 
F 5 HOH 165 333 66  HOH HOH A . 
F 5 HOH 166 334 67  HOH HOH A . 
F 5 HOH 167 335 68  HOH HOH A . 
F 5 HOH 168 336 69  HOH HOH A . 
F 5 HOH 169 337 70  HOH HOH A . 
F 5 HOH 170 338 71  HOH HOH A . 
F 5 HOH 171 339 72  HOH HOH A . 
F 5 HOH 172 340 73  HOH HOH A . 
F 5 HOH 173 341 74  HOH HOH A . 
F 5 HOH 174 342 75  HOH HOH A . 
F 5 HOH 175 343 76  HOH HOH A . 
F 5 HOH 176 344 77  HOH HOH A . 
F 5 HOH 177 345 78  HOH HOH A . 
F 5 HOH 178 346 79  HOH HOH A . 
F 5 HOH 179 347 80  HOH HOH A . 
F 5 HOH 180 348 81  HOH HOH A . 
F 5 HOH 181 349 82  HOH HOH A . 
F 5 HOH 182 350 83  HOH HOH A . 
F 5 HOH 183 351 84  HOH HOH A . 
F 5 HOH 184 352 85  HOH HOH A . 
F 5 HOH 185 353 86  HOH HOH A . 
F 5 HOH 186 354 87  HOH HOH A . 
F 5 HOH 187 355 88  HOH HOH A . 
F 5 HOH 188 356 89  HOH HOH A . 
F 5 HOH 189 357 90  HOH HOH A . 
F 5 HOH 190 358 91  HOH HOH A . 
F 5 HOH 191 359 92  HOH HOH A . 
F 5 HOH 192 360 93  HOH HOH A . 
F 5 HOH 193 361 94  HOH HOH A . 
F 5 HOH 194 362 95  HOH HOH A . 
F 5 HOH 195 363 96  HOH HOH A . 
F 5 HOH 196 364 98  HOH HOH A . 
F 5 HOH 197 365 99  HOH HOH A . 
F 5 HOH 198 366 100 HOH HOH A . 
F 5 HOH 199 367 101 HOH HOH A . 
F 5 HOH 200 368 102 HOH HOH A . 
F 5 HOH 201 369 103 HOH HOH A . 
F 5 HOH 202 370 104 HOH HOH A . 
F 5 HOH 203 371 105 HOH HOH A . 
F 5 HOH 204 372 106 HOH HOH A . 
F 5 HOH 205 373 107 HOH HOH A . 
F 5 HOH 206 374 108 HOH HOH A . 
F 5 HOH 207 375 109 HOH HOH A . 
F 5 HOH 208 376 110 HOH HOH A . 
F 5 HOH 209 377 111 HOH HOH A . 
F 5 HOH 210 378 112 HOH HOH A . 
F 5 HOH 211 379 113 HOH HOH A . 
F 5 HOH 212 380 114 HOH HOH A . 
F 5 HOH 213 381 115 HOH HOH A . 
F 5 HOH 214 382 116 HOH HOH A . 
F 5 HOH 215 383 117 HOH HOH A . 
F 5 HOH 216 384 118 HOH HOH A . 
F 5 HOH 217 385 119 HOH HOH A . 
F 5 HOH 218 386 120 HOH HOH A . 
F 5 HOH 219 387 121 HOH HOH A . 
F 5 HOH 220 388 122 HOH HOH A . 
F 5 HOH 221 389 123 HOH HOH A . 
F 5 HOH 222 390 124 HOH HOH A . 
F 5 HOH 223 391 125 HOH HOH A . 
F 5 HOH 224 392 126 HOH HOH A . 
F 5 HOH 225 393 127 HOH HOH A . 
F 5 HOH 226 394 128 HOH HOH A . 
F 5 HOH 227 395 130 HOH HOH A . 
F 5 HOH 228 396 131 HOH HOH A . 
F 5 HOH 229 397 132 HOH HOH A . 
F 5 HOH 230 398 133 HOH HOH A . 
F 5 HOH 231 399 134 HOH HOH A . 
F 5 HOH 232 400 135 HOH HOH A . 
F 5 HOH 233 401 136 HOH HOH A . 
F 5 HOH 234 402 137 HOH HOH A . 
F 5 HOH 235 403 138 HOH HOH A . 
F 5 HOH 236 404 139 HOH HOH A . 
F 5 HOH 237 405 140 HOH HOH A . 
F 5 HOH 238 406 141 HOH HOH A . 
F 5 HOH 239 407 142 HOH HOH A . 
F 5 HOH 240 408 144 HOH HOH A . 
F 5 HOH 241 409 145 HOH HOH A . 
F 5 HOH 242 410 146 HOH HOH A . 
F 5 HOH 243 411 147 HOH HOH A . 
F 5 HOH 244 412 148 HOH HOH A . 
F 5 HOH 245 413 149 HOH HOH A . 
F 5 HOH 246 414 150 HOH HOH A . 
F 5 HOH 247 415 151 HOH HOH A . 
F 5 HOH 248 416 152 HOH HOH A . 
F 5 HOH 249 417 153 HOH HOH A . 
F 5 HOH 250 418 154 HOH HOH A . 
F 5 HOH 251 419 155 HOH HOH A . 
F 5 HOH 252 420 156 HOH HOH A . 
F 5 HOH 253 421 157 HOH HOH A . 
F 5 HOH 254 422 158 HOH HOH A . 
F 5 HOH 255 423 159 HOH HOH A . 
F 5 HOH 256 424 161 HOH HOH A . 
F 5 HOH 257 425 162 HOH HOH A . 
F 5 HOH 258 426 163 HOH HOH A . 
F 5 HOH 259 427 164 HOH HOH A . 
F 5 HOH 260 428 166 HOH HOH A . 
F 5 HOH 261 429 167 HOH HOH A . 
F 5 HOH 262 430 168 HOH HOH A . 
# 
_pdbx_struct_assembly.id                   1 
_pdbx_struct_assembly.details              author_and_software_defined_assembly 
_pdbx_struct_assembly.method_details       PISA 
_pdbx_struct_assembly.oligomeric_details   monomeric 
_pdbx_struct_assembly.oligomeric_count     1 
# 
_pdbx_struct_assembly_gen.assembly_id       1 
_pdbx_struct_assembly_gen.oper_expression   1 
_pdbx_struct_assembly_gen.asym_id_list      A,B,C,D,E,F 
# 
_pdbx_struct_oper_list.id                   1 
_pdbx_struct_oper_list.type                 'identity operation' 
_pdbx_struct_oper_list.name                 1_555 
_pdbx_struct_oper_list.symmetry_operation   x,y,z 
_pdbx_struct_oper_list.matrix[1][1]         1.0000000000 
_pdbx_struct_oper_list.matrix[1][2]         0.0000000000 
_pdbx_struct_oper_list.matrix[1][3]         0.0000000000 
_pdbx_struct_oper_list.vector[1]            0.0000000000 
_pdbx_struct_oper_list.matrix[2][1]         0.0000000000 
_pdbx_struct_oper_list.matrix[2][2]         1.0000000000 
_pdbx_struct_oper_list.matrix[2][3]         0.0000000000 
_pdbx_struct_oper_list.vector[2]            0.0000000000 
_pdbx_struct_oper_list.matrix[3][1]         0.0000000000 
_pdbx_struct_oper_list.matrix[3][2]         0.0000000000 
_pdbx_struct_oper_list.matrix[3][3]         1.0000000000 
_pdbx_struct_oper_list.vector[3]            0.0000000000 
# 
loop_
_pdbx_audit_revision_history.ordinal 
_pdbx_audit_revision_history.data_content_type 
_pdbx_audit_revision_history.major_revision 
_pdbx_audit_revision_history.minor_revision 
_pdbx_audit_revision_history.revision_date 
1 'Structure model' 1 0 2009-11-03 
2 'Structure model' 1 1 2011-07-13 
3 'Structure model' 1 2 2021-10-13 
4 'Structure model' 1 3 2023-09-06 
# 
_pdbx_audit_revision_details.ordinal             1 
_pdbx_audit_revision_details.revision_ordinal    1 
_pdbx_audit_revision_details.data_content_type   'Structure model' 
_pdbx_audit_revision_details.provider            repository 
_pdbx_audit_revision_details.type                'Initial release' 
_pdbx_audit_revision_details.description         ? 
_pdbx_audit_revision_details.details             ? 
# 
loop_
_pdbx_audit_revision_group.ordinal 
_pdbx_audit_revision_group.revision_ordinal 
_pdbx_audit_revision_group.data_content_type 
_pdbx_audit_revision_group.group 
1 2 'Structure model' 'Version format compliance' 
2 3 'Structure model' 'Database references'       
3 3 'Structure model' 'Derived calculations'      
4 4 'Structure model' 'Data collection'           
5 4 'Structure model' 'Refinement description'    
# 
loop_
_pdbx_audit_revision_category.ordinal 
_pdbx_audit_revision_category.revision_ordinal 
_pdbx_audit_revision_category.data_content_type 
_pdbx_audit_revision_category.category 
1 3 'Structure model' database_2                    
2 3 'Structure model' struct_ref_seq_dif            
3 3 'Structure model' struct_site                   
4 4 'Structure model' chem_comp_atom                
5 4 'Structure model' chem_comp_bond                
6 4 'Structure model' pdbx_initial_refinement_model 
# 
loop_
_pdbx_audit_revision_item.ordinal 
_pdbx_audit_revision_item.revision_ordinal 
_pdbx_audit_revision_item.data_content_type 
_pdbx_audit_revision_item.item 
1 3 'Structure model' '_database_2.pdbx_DOI'                
2 3 'Structure model' '_database_2.pdbx_database_accession' 
3 3 'Structure model' '_struct_ref_seq_dif.details'         
4 3 'Structure model' '_struct_site.pdbx_auth_asym_id'      
5 3 'Structure model' '_struct_site.pdbx_auth_comp_id'      
6 3 'Structure model' '_struct_site.pdbx_auth_seq_id'       
# 
loop_
_software.pdbx_ordinal 
_software.name 
_software.version 
_software.date 
_software.type 
_software.contact_author 
_software.contact_author_email 
_software.classification 
_software.location 
_software.language 
_software.citation_id 
1 XSCALE      .        ?               package 'Wolfgang Kabsch'    ?                     'data scaling'    
http://www.mpimf-heidelberg.mpg.de/~kabsch/xds/html_doc/xscale_program.html ?          ? 
2 REFMAC      5.2.0019 ?               program 'Garib N. Murshudov' garib@ysbl.york.ac.uk refinement        
http://www.ccp4.ac.uk/dist/html/refmac5.html                                Fortran_77 ? 
3 PDB_EXTRACT 3.005    'June 11, 2008' package PDB                  help@deposit.rcsb.org 'data extraction' 
http://sw-tools.pdb.org/apps/PDB_EXTRACT/                                   C++        ? 
4 ADSC        Quantum  ?               ?       ?                    ?                     'data collection' ? ?          ? 
5 XDS         .        ?               ?       ?                    ?                     'data reduction'  ? ?          ? 
6 XDS         .        ?               ?       ?                    ?                     'data scaling'    ? ?          ? 
7 REFMAC      .        ?               ?       ?                    ?                     phasing           ? ?          ? 
# 
loop_
_pdbx_validate_close_contact.id 
_pdbx_validate_close_contact.PDB_model_num 
_pdbx_validate_close_contact.auth_atom_id_1 
_pdbx_validate_close_contact.auth_asym_id_1 
_pdbx_validate_close_contact.auth_comp_id_1 
_pdbx_validate_close_contact.auth_seq_id_1 
_pdbx_validate_close_contact.PDB_ins_code_1 
_pdbx_validate_close_contact.label_alt_id_1 
_pdbx_validate_close_contact.auth_atom_id_2 
_pdbx_validate_close_contact.auth_asym_id_2 
_pdbx_validate_close_contact.auth_comp_id_2 
_pdbx_validate_close_contact.auth_seq_id_2 
_pdbx_validate_close_contact.PDB_ins_code_2 
_pdbx_validate_close_contact.label_alt_id_2 
_pdbx_validate_close_contact.dist 
1 1 O A HOH 266 ? ? O A HOH 391 ? ? 1.84 
2 1 O A HOH 221 ? ? O A HOH 394 ? ? 2.02 
3 1 O A HOH 200 ? ? O A HOH 416 ? ? 2.05 
4 1 O A HOH 247 ? ? O A HOH 320 ? ? 2.19 
# 
_pdbx_validate_torsion.id              1 
_pdbx_validate_torsion.PDB_model_num   1 
_pdbx_validate_torsion.auth_comp_id    ILE 
_pdbx_validate_torsion.auth_asym_id    A 
_pdbx_validate_torsion.auth_seq_id     29 
_pdbx_validate_torsion.PDB_ins_code    ? 
_pdbx_validate_torsion.label_alt_id    ? 
_pdbx_validate_torsion.phi             -101.66 
_pdbx_validate_torsion.psi             73.50 
# 
loop_
_pdbx_unobs_or_zero_occ_residues.id 
_pdbx_unobs_or_zero_occ_residues.PDB_model_num 
_pdbx_unobs_or_zero_occ_residues.polymer_flag 
_pdbx_unobs_or_zero_occ_residues.occupancy_flag 
_pdbx_unobs_or_zero_occ_residues.auth_asym_id 
_pdbx_unobs_or_zero_occ_residues.auth_comp_id 
_pdbx_unobs_or_zero_occ_residues.auth_seq_id 
_pdbx_unobs_or_zero_occ_residues.PDB_ins_code 
_pdbx_unobs_or_zero_occ_residues.label_asym_id 
_pdbx_unobs_or_zero_occ_residues.label_comp_id 
_pdbx_unobs_or_zero_occ_residues.label_seq_id 
1 1 Y 1 A ASN 163 ? A ASN 163 
2 1 Y 1 A LEU 164 ? A LEU 164 
# 
loop_
_chem_comp_atom.comp_id 
_chem_comp_atom.atom_id 
_chem_comp_atom.type_symbol 
_chem_comp_atom.pdbx_aromatic_flag 
_chem_comp_atom.pdbx_stereo_config 
_chem_comp_atom.pdbx_ordinal 
ALA N    N  N N 1   
ALA CA   C  N S 2   
ALA C    C  N N 3   
ALA O    O  N N 4   
ALA CB   C  N N 5   
ALA OXT  O  N N 6   
ALA H    H  N N 7   
ALA H2   H  N N 8   
ALA HA   H  N N 9   
ALA HB1  H  N N 10  
ALA HB2  H  N N 11  
ALA HB3  H  N N 12  
ALA HXT  H  N N 13  
ARG N    N  N N 14  
ARG CA   C  N S 15  
ARG C    C  N N 16  
ARG O    O  N N 17  
ARG CB   C  N N 18  
ARG CG   C  N N 19  
ARG CD   C  N N 20  
ARG NE   N  N N 21  
ARG CZ   C  N N 22  
ARG NH1  N  N N 23  
ARG NH2  N  N N 24  
ARG OXT  O  N N 25  
ARG H    H  N N 26  
ARG H2   H  N N 27  
ARG HA   H  N N 28  
ARG HB2  H  N N 29  
ARG HB3  H  N N 30  
ARG HG2  H  N N 31  
ARG HG3  H  N N 32  
ARG HD2  H  N N 33  
ARG HD3  H  N N 34  
ARG HE   H  N N 35  
ARG HH11 H  N N 36  
ARG HH12 H  N N 37  
ARG HH21 H  N N 38  
ARG HH22 H  N N 39  
ARG HXT  H  N N 40  
ASN N    N  N N 41  
ASN CA   C  N S 42  
ASN C    C  N N 43  
ASN O    O  N N 44  
ASN CB   C  N N 45  
ASN CG   C  N N 46  
ASN OD1  O  N N 47  
ASN ND2  N  N N 48  
ASN OXT  O  N N 49  
ASN H    H  N N 50  
ASN H2   H  N N 51  
ASN HA   H  N N 52  
ASN HB2  H  N N 53  
ASN HB3  H  N N 54  
ASN HD21 H  N N 55  
ASN HD22 H  N N 56  
ASN HXT  H  N N 57  
ASP N    N  N N 58  
ASP CA   C  N S 59  
ASP C    C  N N 60  
ASP O    O  N N 61  
ASP CB   C  N N 62  
ASP CG   C  N N 63  
ASP OD1  O  N N 64  
ASP OD2  O  N N 65  
ASP OXT  O  N N 66  
ASP H    H  N N 67  
ASP H2   H  N N 68  
ASP HA   H  N N 69  
ASP HB2  H  N N 70  
ASP HB3  H  N N 71  
ASP HD2  H  N N 72  
ASP HXT  H  N N 73  
BME C1   C  N N 74  
BME C2   C  N N 75  
BME O1   O  N N 76  
BME S2   S  N N 77  
BME H11  H  N N 78  
BME H12  H  N N 79  
BME H21  H  N N 80  
BME H22  H  N N 81  
BME HO1  H  N N 82  
BME HS2  H  N N 83  
CYS N    N  N N 84  
CYS CA   C  N R 85  
CYS C    C  N N 86  
CYS O    O  N N 87  
CYS CB   C  N N 88  
CYS SG   S  N N 89  
CYS OXT  O  N N 90  
CYS H    H  N N 91  
CYS H2   H  N N 92  
CYS HA   H  N N 93  
CYS HB2  H  N N 94  
CYS HB3  H  N N 95  
CYS HG   H  N N 96  
CYS HXT  H  N N 97  
GLN N    N  N N 98  
GLN CA   C  N S 99  
GLN C    C  N N 100 
GLN O    O  N N 101 
GLN CB   C  N N 102 
GLN CG   C  N N 103 
GLN CD   C  N N 104 
GLN OE1  O  N N 105 
GLN NE2  N  N N 106 
GLN OXT  O  N N 107 
GLN H    H  N N 108 
GLN H2   H  N N 109 
GLN HA   H  N N 110 
GLN HB2  H  N N 111 
GLN HB3  H  N N 112 
GLN HG2  H  N N 113 
GLN HG3  H  N N 114 
GLN HE21 H  N N 115 
GLN HE22 H  N N 116 
GLN HXT  H  N N 117 
GLU N    N  N N 118 
GLU CA   C  N S 119 
GLU C    C  N N 120 
GLU O    O  N N 121 
GLU CB   C  N N 122 
GLU CG   C  N N 123 
GLU CD   C  N N 124 
GLU OE1  O  N N 125 
GLU OE2  O  N N 126 
GLU OXT  O  N N 127 
GLU H    H  N N 128 
GLU H2   H  N N 129 
GLU HA   H  N N 130 
GLU HB2  H  N N 131 
GLU HB3  H  N N 132 
GLU HG2  H  N N 133 
GLU HG3  H  N N 134 
GLU HE2  H  N N 135 
GLU HXT  H  N N 136 
GLY N    N  N N 137 
GLY CA   C  N N 138 
GLY C    C  N N 139 
GLY O    O  N N 140 
GLY OXT  O  N N 141 
GLY H    H  N N 142 
GLY H2   H  N N 143 
GLY HA2  H  N N 144 
GLY HA3  H  N N 145 
GLY HXT  H  N N 146 
HIS N    N  N N 147 
HIS CA   C  N S 148 
HIS C    C  N N 149 
HIS O    O  N N 150 
HIS CB   C  N N 151 
HIS CG   C  Y N 152 
HIS ND1  N  Y N 153 
HIS CD2  C  Y N 154 
HIS CE1  C  Y N 155 
HIS NE2  N  Y N 156 
HIS OXT  O  N N 157 
HIS H    H  N N 158 
HIS H2   H  N N 159 
HIS HA   H  N N 160 
HIS HB2  H  N N 161 
HIS HB3  H  N N 162 
HIS HD1  H  N N 163 
HIS HD2  H  N N 164 
HIS HE1  H  N N 165 
HIS HE2  H  N N 166 
HIS HXT  H  N N 167 
HOH O    O  N N 168 
HOH H1   H  N N 169 
HOH H2   H  N N 170 
ILE N    N  N N 171 
ILE CA   C  N S 172 
ILE C    C  N N 173 
ILE O    O  N N 174 
ILE CB   C  N S 175 
ILE CG1  C  N N 176 
ILE CG2  C  N N 177 
ILE CD1  C  N N 178 
ILE OXT  O  N N 179 
ILE H    H  N N 180 
ILE H2   H  N N 181 
ILE HA   H  N N 182 
ILE HB   H  N N 183 
ILE HG12 H  N N 184 
ILE HG13 H  N N 185 
ILE HG21 H  N N 186 
ILE HG22 H  N N 187 
ILE HG23 H  N N 188 
ILE HD11 H  N N 189 
ILE HD12 H  N N 190 
ILE HD13 H  N N 191 
ILE HXT  H  N N 192 
JZ6 CLAA CL N N 193 
JZ6 CAB  C  Y N 194 
JZ6 CAC  C  Y N 195 
JZ6 NAD  N  Y N 196 
JZ6 NAE  N  Y N 197 
JZ6 CAF  C  Y N 198 
JZ6 HAB  H  N N 199 
JZ6 HAC  H  N N 200 
JZ6 HNAD H  N N 201 
LEU N    N  N N 202 
LEU CA   C  N S 203 
LEU C    C  N N 204 
LEU O    O  N N 205 
LEU CB   C  N N 206 
LEU CG   C  N N 207 
LEU CD1  C  N N 208 
LEU CD2  C  N N 209 
LEU OXT  O  N N 210 
LEU H    H  N N 211 
LEU H2   H  N N 212 
LEU HA   H  N N 213 
LEU HB2  H  N N 214 
LEU HB3  H  N N 215 
LEU HG   H  N N 216 
LEU HD11 H  N N 217 
LEU HD12 H  N N 218 
LEU HD13 H  N N 219 
LEU HD21 H  N N 220 
LEU HD22 H  N N 221 
LEU HD23 H  N N 222 
LEU HXT  H  N N 223 
LYS N    N  N N 224 
LYS CA   C  N S 225 
LYS C    C  N N 226 
LYS O    O  N N 227 
LYS CB   C  N N 228 
LYS CG   C  N N 229 
LYS CD   C  N N 230 
LYS CE   C  N N 231 
LYS NZ   N  N N 232 
LYS OXT  O  N N 233 
LYS H    H  N N 234 
LYS H2   H  N N 235 
LYS HA   H  N N 236 
LYS HB2  H  N N 237 
LYS HB3  H  N N 238 
LYS HG2  H  N N 239 
LYS HG3  H  N N 240 
LYS HD2  H  N N 241 
LYS HD3  H  N N 242 
LYS HE2  H  N N 243 
LYS HE3  H  N N 244 
LYS HZ1  H  N N 245 
LYS HZ2  H  N N 246 
LYS HZ3  H  N N 247 
LYS HXT  H  N N 248 
MET N    N  N N 249 
MET CA   C  N S 250 
MET C    C  N N 251 
MET O    O  N N 252 
MET CB   C  N N 253 
MET CG   C  N N 254 
MET SD   S  N N 255 
MET CE   C  N N 256 
MET OXT  O  N N 257 
MET H    H  N N 258 
MET H2   H  N N 259 
MET HA   H  N N 260 
MET HB2  H  N N 261 
MET HB3  H  N N 262 
MET HG2  H  N N 263 
MET HG3  H  N N 264 
MET HE1  H  N N 265 
MET HE2  H  N N 266 
MET HE3  H  N N 267 
MET HXT  H  N N 268 
PHE N    N  N N 269 
PHE CA   C  N S 270 
PHE C    C  N N 271 
PHE O    O  N N 272 
PHE CB   C  N N 273 
PHE CG   C  Y N 274 
PHE CD1  C  Y N 275 
PHE CD2  C  Y N 276 
PHE CE1  C  Y N 277 
PHE CE2  C  Y N 278 
PHE CZ   C  Y N 279 
PHE OXT  O  N N 280 
PHE H    H  N N 281 
PHE H2   H  N N 282 
PHE HA   H  N N 283 
PHE HB2  H  N N 284 
PHE HB3  H  N N 285 
PHE HD1  H  N N 286 
PHE HD2  H  N N 287 
PHE HE1  H  N N 288 
PHE HE2  H  N N 289 
PHE HZ   H  N N 290 
PHE HXT  H  N N 291 
PO4 P    P  N N 292 
PO4 O1   O  N N 293 
PO4 O2   O  N N 294 
PO4 O3   O  N N 295 
PO4 O4   O  N N 296 
PRO N    N  N N 297 
PRO CA   C  N S 298 
PRO C    C  N N 299 
PRO O    O  N N 300 
PRO CB   C  N N 301 
PRO CG   C  N N 302 
PRO CD   C  N N 303 
PRO OXT  O  N N 304 
PRO H    H  N N 305 
PRO HA   H  N N 306 
PRO HB2  H  N N 307 
PRO HB3  H  N N 308 
PRO HG2  H  N N 309 
PRO HG3  H  N N 310 
PRO HD2  H  N N 311 
PRO HD3  H  N N 312 
PRO HXT  H  N N 313 
SER N    N  N N 314 
SER CA   C  N S 315 
SER C    C  N N 316 
SER O    O  N N 317 
SER CB   C  N N 318 
SER OG   O  N N 319 
SER OXT  O  N N 320 
SER H    H  N N 321 
SER H2   H  N N 322 
SER HA   H  N N 323 
SER HB2  H  N N 324 
SER HB3  H  N N 325 
SER HG   H  N N 326 
SER HXT  H  N N 327 
THR N    N  N N 328 
THR CA   C  N S 329 
THR C    C  N N 330 
THR O    O  N N 331 
THR CB   C  N R 332 
THR OG1  O  N N 333 
THR CG2  C  N N 334 
THR OXT  O  N N 335 
THR H    H  N N 336 
THR H2   H  N N 337 
THR HA   H  N N 338 
THR HB   H  N N 339 
THR HG1  H  N N 340 
THR HG21 H  N N 341 
THR HG22 H  N N 342 
THR HG23 H  N N 343 
THR HXT  H  N N 344 
TRP N    N  N N 345 
TRP CA   C  N S 346 
TRP C    C  N N 347 
TRP O    O  N N 348 
TRP CB   C  N N 349 
TRP CG   C  Y N 350 
TRP CD1  C  Y N 351 
TRP CD2  C  Y N 352 
TRP NE1  N  Y N 353 
TRP CE2  C  Y N 354 
TRP CE3  C  Y N 355 
TRP CZ2  C  Y N 356 
TRP CZ3  C  Y N 357 
TRP CH2  C  Y N 358 
TRP OXT  O  N N 359 
TRP H    H  N N 360 
TRP H2   H  N N 361 
TRP HA   H  N N 362 
TRP HB2  H  N N 363 
TRP HB3  H  N N 364 
TRP HD1  H  N N 365 
TRP HE1  H  N N 366 
TRP HE3  H  N N 367 
TRP HZ2  H  N N 368 
TRP HZ3  H  N N 369 
TRP HH2  H  N N 370 
TRP HXT  H  N N 371 
TYR N    N  N N 372 
TYR CA   C  N S 373 
TYR C    C  N N 374 
TYR O    O  N N 375 
TYR CB   C  N N 376 
TYR CG   C  Y N 377 
TYR CD1  C  Y N 378 
TYR CD2  C  Y N 379 
TYR CE1  C  Y N 380 
TYR CE2  C  Y N 381 
TYR CZ   C  Y N 382 
TYR OH   O  N N 383 
TYR OXT  O  N N 384 
TYR H    H  N N 385 
TYR H2   H  N N 386 
TYR HA   H  N N 387 
TYR HB2  H  N N 388 
TYR HB3  H  N N 389 
TYR HD1  H  N N 390 
TYR HD2  H  N N 391 
TYR HE1  H  N N 392 
TYR HE2  H  N N 393 
TYR HH   H  N N 394 
TYR HXT  H  N N 395 
VAL N    N  N N 396 
VAL CA   C  N S 397 
VAL C    C  N N 398 
VAL O    O  N N 399 
VAL CB   C  N N 400 
VAL CG1  C  N N 401 
VAL CG2  C  N N 402 
VAL OXT  O  N N 403 
VAL H    H  N N 404 
VAL H2   H  N N 405 
VAL HA   H  N N 406 
VAL HB   H  N N 407 
VAL HG11 H  N N 408 
VAL HG12 H  N N 409 
VAL HG13 H  N N 410 
VAL HG21 H  N N 411 
VAL HG22 H  N N 412 
VAL HG23 H  N N 413 
VAL HXT  H  N N 414 
# 
loop_
_chem_comp_bond.comp_id 
_chem_comp_bond.atom_id_1 
_chem_comp_bond.atom_id_2 
_chem_comp_bond.value_order 
_chem_comp_bond.pdbx_aromatic_flag 
_chem_comp_bond.pdbx_stereo_config 
_chem_comp_bond.pdbx_ordinal 
ALA N    CA   sing N N 1   
ALA N    H    sing N N 2   
ALA N    H2   sing N N 3   
ALA CA   C    sing N N 4   
ALA CA   CB   sing N N 5   
ALA CA   HA   sing N N 6   
ALA C    O    doub N N 7   
ALA C    OXT  sing N N 8   
ALA CB   HB1  sing N N 9   
ALA CB   HB2  sing N N 10  
ALA CB   HB3  sing N N 11  
ALA OXT  HXT  sing N N 12  
ARG N    CA   sing N N 13  
ARG N    H    sing N N 14  
ARG N    H2   sing N N 15  
ARG CA   C    sing N N 16  
ARG CA   CB   sing N N 17  
ARG CA   HA   sing N N 18  
ARG C    O    doub N N 19  
ARG C    OXT  sing N N 20  
ARG CB   CG   sing N N 21  
ARG CB   HB2  sing N N 22  
ARG CB   HB3  sing N N 23  
ARG CG   CD   sing N N 24  
ARG CG   HG2  sing N N 25  
ARG CG   HG3  sing N N 26  
ARG CD   NE   sing N N 27  
ARG CD   HD2  sing N N 28  
ARG CD   HD3  sing N N 29  
ARG NE   CZ   sing N N 30  
ARG NE   HE   sing N N 31  
ARG CZ   NH1  sing N N 32  
ARG CZ   NH2  doub N N 33  
ARG NH1  HH11 sing N N 34  
ARG NH1  HH12 sing N N 35  
ARG NH2  HH21 sing N N 36  
ARG NH2  HH22 sing N N 37  
ARG OXT  HXT  sing N N 38  
ASN N    CA   sing N N 39  
ASN N    H    sing N N 40  
ASN N    H2   sing N N 41  
ASN CA   C    sing N N 42  
ASN CA   CB   sing N N 43  
ASN CA   HA   sing N N 44  
ASN C    O    doub N N 45  
ASN C    OXT  sing N N 46  
ASN CB   CG   sing N N 47  
ASN CB   HB2  sing N N 48  
ASN CB   HB3  sing N N 49  
ASN CG   OD1  doub N N 50  
ASN CG   ND2  sing N N 51  
ASN ND2  HD21 sing N N 52  
ASN ND2  HD22 sing N N 53  
ASN OXT  HXT  sing N N 54  
ASP N    CA   sing N N 55  
ASP N    H    sing N N 56  
ASP N    H2   sing N N 57  
ASP CA   C    sing N N 58  
ASP CA   CB   sing N N 59  
ASP CA   HA   sing N N 60  
ASP C    O    doub N N 61  
ASP C    OXT  sing N N 62  
ASP CB   CG   sing N N 63  
ASP CB   HB2  sing N N 64  
ASP CB   HB3  sing N N 65  
ASP CG   OD1  doub N N 66  
ASP CG   OD2  sing N N 67  
ASP OD2  HD2  sing N N 68  
ASP OXT  HXT  sing N N 69  
BME C1   C2   sing N N 70  
BME C1   O1   sing N N 71  
BME C1   H11  sing N N 72  
BME C1   H12  sing N N 73  
BME C2   S2   sing N N 74  
BME C2   H21  sing N N 75  
BME C2   H22  sing N N 76  
BME O1   HO1  sing N N 77  
BME S2   HS2  sing N N 78  
CYS N    CA   sing N N 79  
CYS N    H    sing N N 80  
CYS N    H2   sing N N 81  
CYS CA   C    sing N N 82  
CYS CA   CB   sing N N 83  
CYS CA   HA   sing N N 84  
CYS C    O    doub N N 85  
CYS C    OXT  sing N N 86  
CYS CB   SG   sing N N 87  
CYS CB   HB2  sing N N 88  
CYS CB   HB3  sing N N 89  
CYS SG   HG   sing N N 90  
CYS OXT  HXT  sing N N 91  
GLN N    CA   sing N N 92  
GLN N    H    sing N N 93  
GLN N    H2   sing N N 94  
GLN CA   C    sing N N 95  
GLN CA   CB   sing N N 96  
GLN CA   HA   sing N N 97  
GLN C    O    doub N N 98  
GLN C    OXT  sing N N 99  
GLN CB   CG   sing N N 100 
GLN CB   HB2  sing N N 101 
GLN CB   HB3  sing N N 102 
GLN CG   CD   sing N N 103 
GLN CG   HG2  sing N N 104 
GLN CG   HG3  sing N N 105 
GLN CD   OE1  doub N N 106 
GLN CD   NE2  sing N N 107 
GLN NE2  HE21 sing N N 108 
GLN NE2  HE22 sing N N 109 
GLN OXT  HXT  sing N N 110 
GLU N    CA   sing N N 111 
GLU N    H    sing N N 112 
GLU N    H2   sing N N 113 
GLU CA   C    sing N N 114 
GLU CA   CB   sing N N 115 
GLU CA   HA   sing N N 116 
GLU C    O    doub N N 117 
GLU C    OXT  sing N N 118 
GLU CB   CG   sing N N 119 
GLU CB   HB2  sing N N 120 
GLU CB   HB3  sing N N 121 
GLU CG   CD   sing N N 122 
GLU CG   HG2  sing N N 123 
GLU CG   HG3  sing N N 124 
GLU CD   OE1  doub N N 125 
GLU CD   OE2  sing N N 126 
GLU OE2  HE2  sing N N 127 
GLU OXT  HXT  sing N N 128 
GLY N    CA   sing N N 129 
GLY N    H    sing N N 130 
GLY N    H2   sing N N 131 
GLY CA   C    sing N N 132 
GLY CA   HA2  sing N N 133 
GLY CA   HA3  sing N N 134 
GLY C    O    doub N N 135 
GLY C    OXT  sing N N 136 
GLY OXT  HXT  sing N N 137 
HIS N    CA   sing N N 138 
HIS N    H    sing N N 139 
HIS N    H2   sing N N 140 
HIS CA   C    sing N N 141 
HIS CA   CB   sing N N 142 
HIS CA   HA   sing N N 143 
HIS C    O    doub N N 144 
HIS C    OXT  sing N N 145 
HIS CB   CG   sing N N 146 
HIS CB   HB2  sing N N 147 
HIS CB   HB3  sing N N 148 
HIS CG   ND1  sing Y N 149 
HIS CG   CD2  doub Y N 150 
HIS ND1  CE1  doub Y N 151 
HIS ND1  HD1  sing N N 152 
HIS CD2  NE2  sing Y N 153 
HIS CD2  HD2  sing N N 154 
HIS CE1  NE2  sing Y N 155 
HIS CE1  HE1  sing N N 156 
HIS NE2  HE2  sing N N 157 
HIS OXT  HXT  sing N N 158 
HOH O    H1   sing N N 159 
HOH O    H2   sing N N 160 
ILE N    CA   sing N N 161 
ILE N    H    sing N N 162 
ILE N    H2   sing N N 163 
ILE CA   C    sing N N 164 
ILE CA   CB   sing N N 165 
ILE CA   HA   sing N N 166 
ILE C    O    doub N N 167 
ILE C    OXT  sing N N 168 
ILE CB   CG1  sing N N 169 
ILE CB   CG2  sing N N 170 
ILE CB   HB   sing N N 171 
ILE CG1  CD1  sing N N 172 
ILE CG1  HG12 sing N N 173 
ILE CG1  HG13 sing N N 174 
ILE CG2  HG21 sing N N 175 
ILE CG2  HG22 sing N N 176 
ILE CG2  HG23 sing N N 177 
ILE CD1  HD11 sing N N 178 
ILE CD1  HD12 sing N N 179 
ILE CD1  HD13 sing N N 180 
ILE OXT  HXT  sing N N 181 
JZ6 CLAA CAF  sing N N 182 
JZ6 CAB  NAD  sing Y N 183 
JZ6 CAB  CAF  doub Y N 184 
JZ6 CAC  NAE  doub Y N 185 
JZ6 CAC  CAF  sing Y N 186 
JZ6 NAD  NAE  sing Y N 187 
JZ6 CAB  HAB  sing N N 188 
JZ6 CAC  HAC  sing N N 189 
JZ6 NAD  HNAD sing N N 190 
LEU N    CA   sing N N 191 
LEU N    H    sing N N 192 
LEU N    H2   sing N N 193 
LEU CA   C    sing N N 194 
LEU CA   CB   sing N N 195 
LEU CA   HA   sing N N 196 
LEU C    O    doub N N 197 
LEU C    OXT  sing N N 198 
LEU CB   CG   sing N N 199 
LEU CB   HB2  sing N N 200 
LEU CB   HB3  sing N N 201 
LEU CG   CD1  sing N N 202 
LEU CG   CD2  sing N N 203 
LEU CG   HG   sing N N 204 
LEU CD1  HD11 sing N N 205 
LEU CD1  HD12 sing N N 206 
LEU CD1  HD13 sing N N 207 
LEU CD2  HD21 sing N N 208 
LEU CD2  HD22 sing N N 209 
LEU CD2  HD23 sing N N 210 
LEU OXT  HXT  sing N N 211 
LYS N    CA   sing N N 212 
LYS N    H    sing N N 213 
LYS N    H2   sing N N 214 
LYS CA   C    sing N N 215 
LYS CA   CB   sing N N 216 
LYS CA   HA   sing N N 217 
LYS C    O    doub N N 218 
LYS C    OXT  sing N N 219 
LYS CB   CG   sing N N 220 
LYS CB   HB2  sing N N 221 
LYS CB   HB3  sing N N 222 
LYS CG   CD   sing N N 223 
LYS CG   HG2  sing N N 224 
LYS CG   HG3  sing N N 225 
LYS CD   CE   sing N N 226 
LYS CD   HD2  sing N N 227 
LYS CD   HD3  sing N N 228 
LYS CE   NZ   sing N N 229 
LYS CE   HE2  sing N N 230 
LYS CE   HE3  sing N N 231 
LYS NZ   HZ1  sing N N 232 
LYS NZ   HZ2  sing N N 233 
LYS NZ   HZ3  sing N N 234 
LYS OXT  HXT  sing N N 235 
MET N    CA   sing N N 236 
MET N    H    sing N N 237 
MET N    H2   sing N N 238 
MET CA   C    sing N N 239 
MET CA   CB   sing N N 240 
MET CA   HA   sing N N 241 
MET C    O    doub N N 242 
MET C    OXT  sing N N 243 
MET CB   CG   sing N N 244 
MET CB   HB2  sing N N 245 
MET CB   HB3  sing N N 246 
MET CG   SD   sing N N 247 
MET CG   HG2  sing N N 248 
MET CG   HG3  sing N N 249 
MET SD   CE   sing N N 250 
MET CE   HE1  sing N N 251 
MET CE   HE2  sing N N 252 
MET CE   HE3  sing N N 253 
MET OXT  HXT  sing N N 254 
PHE N    CA   sing N N 255 
PHE N    H    sing N N 256 
PHE N    H2   sing N N 257 
PHE CA   C    sing N N 258 
PHE CA   CB   sing N N 259 
PHE CA   HA   sing N N 260 
PHE C    O    doub N N 261 
PHE C    OXT  sing N N 262 
PHE CB   CG   sing N N 263 
PHE CB   HB2  sing N N 264 
PHE CB   HB3  sing N N 265 
PHE CG   CD1  doub Y N 266 
PHE CG   CD2  sing Y N 267 
PHE CD1  CE1  sing Y N 268 
PHE CD1  HD1  sing N N 269 
PHE CD2  CE2  doub Y N 270 
PHE CD2  HD2  sing N N 271 
PHE CE1  CZ   doub Y N 272 
PHE CE1  HE1  sing N N 273 
PHE CE2  CZ   sing Y N 274 
PHE CE2  HE2  sing N N 275 
PHE CZ   HZ   sing N N 276 
PHE OXT  HXT  sing N N 277 
PO4 P    O1   doub N N 278 
PO4 P    O2   sing N N 279 
PO4 P    O3   sing N N 280 
PO4 P    O4   sing N N 281 
PRO N    CA   sing N N 282 
PRO N    CD   sing N N 283 
PRO N    H    sing N N 284 
PRO CA   C    sing N N 285 
PRO CA   CB   sing N N 286 
PRO CA   HA   sing N N 287 
PRO C    O    doub N N 288 
PRO C    OXT  sing N N 289 
PRO CB   CG   sing N N 290 
PRO CB   HB2  sing N N 291 
PRO CB   HB3  sing N N 292 
PRO CG   CD   sing N N 293 
PRO CG   HG2  sing N N 294 
PRO CG   HG3  sing N N 295 
PRO CD   HD2  sing N N 296 
PRO CD   HD3  sing N N 297 
PRO OXT  HXT  sing N N 298 
SER N    CA   sing N N 299 
SER N    H    sing N N 300 
SER N    H2   sing N N 301 
SER CA   C    sing N N 302 
SER CA   CB   sing N N 303 
SER CA   HA   sing N N 304 
SER C    O    doub N N 305 
SER C    OXT  sing N N 306 
SER CB   OG   sing N N 307 
SER CB   HB2  sing N N 308 
SER CB   HB3  sing N N 309 
SER OG   HG   sing N N 310 
SER OXT  HXT  sing N N 311 
THR N    CA   sing N N 312 
THR N    H    sing N N 313 
THR N    H2   sing N N 314 
THR CA   C    sing N N 315 
THR CA   CB   sing N N 316 
THR CA   HA   sing N N 317 
THR C    O    doub N N 318 
THR C    OXT  sing N N 319 
THR CB   OG1  sing N N 320 
THR CB   CG2  sing N N 321 
THR CB   HB   sing N N 322 
THR OG1  HG1  sing N N 323 
THR CG2  HG21 sing N N 324 
THR CG2  HG22 sing N N 325 
THR CG2  HG23 sing N N 326 
THR OXT  HXT  sing N N 327 
TRP N    CA   sing N N 328 
TRP N    H    sing N N 329 
TRP N    H2   sing N N 330 
TRP CA   C    sing N N 331 
TRP CA   CB   sing N N 332 
TRP CA   HA   sing N N 333 
TRP C    O    doub N N 334 
TRP C    OXT  sing N N 335 
TRP CB   CG   sing N N 336 
TRP CB   HB2  sing N N 337 
TRP CB   HB3  sing N N 338 
TRP CG   CD1  doub Y N 339 
TRP CG   CD2  sing Y N 340 
TRP CD1  NE1  sing Y N 341 
TRP CD1  HD1  sing N N 342 
TRP CD2  CE2  doub Y N 343 
TRP CD2  CE3  sing Y N 344 
TRP NE1  CE2  sing Y N 345 
TRP NE1  HE1  sing N N 346 
TRP CE2  CZ2  sing Y N 347 
TRP CE3  CZ3  doub Y N 348 
TRP CE3  HE3  sing N N 349 
TRP CZ2  CH2  doub Y N 350 
TRP CZ2  HZ2  sing N N 351 
TRP CZ3  CH2  sing Y N 352 
TRP CZ3  HZ3  sing N N 353 
TRP CH2  HH2  sing N N 354 
TRP OXT  HXT  sing N N 355 
TYR N    CA   sing N N 356 
TYR N    H    sing N N 357 
TYR N    H2   sing N N 358 
TYR CA   C    sing N N 359 
TYR CA   CB   sing N N 360 
TYR CA   HA   sing N N 361 
TYR C    O    doub N N 362 
TYR C    OXT  sing N N 363 
TYR CB   CG   sing N N 364 
TYR CB   HB2  sing N N 365 
TYR CB   HB3  sing N N 366 
TYR CG   CD1  doub Y N 367 
TYR CG   CD2  sing Y N 368 
TYR CD1  CE1  sing Y N 369 
TYR CD1  HD1  sing N N 370 
TYR CD2  CE2  doub Y N 371 
TYR CD2  HD2  sing N N 372 
TYR CE1  CZ   doub Y N 373 
TYR CE1  HE1  sing N N 374 
TYR CE2  CZ   sing Y N 375 
TYR CE2  HE2  sing N N 376 
TYR CZ   OH   sing N N 377 
TYR OH   HH   sing N N 378 
TYR OXT  HXT  sing N N 379 
VAL N    CA   sing N N 380 
VAL N    H    sing N N 381 
VAL N    H2   sing N N 382 
VAL CA   C    sing N N 383 
VAL CA   CB   sing N N 384 
VAL CA   HA   sing N N 385 
VAL C    O    doub N N 386 
VAL C    OXT  sing N N 387 
VAL CB   CG1  sing N N 388 
VAL CB   CG2  sing N N 389 
VAL CB   HB   sing N N 390 
VAL CG1  HG11 sing N N 391 
VAL CG1  HG12 sing N N 392 
VAL CG1  HG13 sing N N 393 
VAL CG2  HG21 sing N N 394 
VAL CG2  HG22 sing N N 395 
VAL CG2  HG23 sing N N 396 
VAL OXT  HXT  sing N N 397 
# 
loop_
_pdbx_entity_nonpoly.entity_id 
_pdbx_entity_nonpoly.name 
_pdbx_entity_nonpoly.comp_id 
2 'PHOSPHATE ION'      PO4 
3 4-chloro-1H-pyrazole JZ6 
4 BETA-MERCAPTOETHANOL BME 
5 water                HOH 
# 
_pdbx_initial_refinement_model.id               1 
_pdbx_initial_refinement_model.entity_id_list   ? 
_pdbx_initial_refinement_model.type             'experimental model' 
_pdbx_initial_refinement_model.source_name      PDB 
_pdbx_initial_refinement_model.accession_code   1LGU 
_pdbx_initial_refinement_model.details          'PDB ENTRY 1LGU' 
# 
